data_4PZD
#
_entry.id   4PZD
#
_cell.length_a   235.076
_cell.length_b   135.586
_cell.length_c   97.445
_cell.angle_alpha   90.00
_cell.angle_beta   90.09
_cell.angle_gamma   90.00
#
_symmetry.space_group_name_H-M   'C 1 2 1'
#
loop_
_entity.id
_entity.type
_entity.pdbx_description
1 polymer '3-Hydroxyacyl-CoA dehydrogenase'
2 non-polymer NICOTINAMIDE-ADENINE-DINUCLEOTIDE
3 water water
#
_entity_poly.entity_id   1
_entity_poly.type   'polypeptide(L)'
_entity_poly.pdbx_seq_one_letter_code
;MSIRTVGIVGAGTMGNGIAQACAVVGLNVVMVDISDAAVQKGVATVASSLDRLIKKEKLTEADKASALARIKGSTSYDDL
KATDIVIEAATENYDLKVKILKQIDGIVGENVIIASNTSSISITKLAAVTSRADRFIGMHFFNPVPVMALVELIRGLQTS
DTTHAAVEALSKQLGKYPITVKNSPGFVVNRILCPMINEAFCVLGEGLASPEEIDEGMKLGCNHPIGPLALADMIGLDTM
LAVMEVLYTEFADPKYRPAMLMREMVAAGYLGRKTGRGVYVYSK
;
_entity_poly.pdbx_strand_id   A,B,C,D,E,F,G,H,I
#
# COMPACT_ATOMS: atom_id res chain seq x y z
N SER A 2 8.82 -5.38 -50.57
CA SER A 2 8.57 -4.21 -49.67
C SER A 2 9.72 -4.05 -48.67
N ILE A 3 10.05 -2.80 -48.38
CA ILE A 3 11.07 -2.49 -47.38
C ILE A 3 10.39 -1.69 -46.26
N ARG A 4 9.94 -2.36 -45.21
CA ARG A 4 9.38 -1.66 -44.04
C ARG A 4 10.33 -1.63 -42.84
N THR A 5 11.39 -2.45 -42.85
CA THR A 5 12.38 -2.49 -41.75
C THR A 5 13.85 -2.41 -42.20
N VAL A 6 14.54 -1.33 -41.81
CA VAL A 6 15.92 -1.02 -42.25
C VAL A 6 16.99 -1.29 -41.19
N GLY A 7 17.84 -2.27 -41.46
CA GLY A 7 19.04 -2.52 -40.66
C GLY A 7 20.04 -1.35 -40.74
N ILE A 8 20.60 -0.96 -39.60
CA ILE A 8 21.69 0.01 -39.59
C ILE A 8 22.80 -0.46 -38.67
N VAL A 9 24.00 -0.59 -39.23
CA VAL A 9 25.17 -0.84 -38.41
C VAL A 9 25.98 0.42 -38.30
N GLY A 10 26.14 0.87 -37.05
CA GLY A 10 26.84 2.09 -36.73
C GLY A 10 25.81 3.04 -36.22
N ALA A 11 26.06 3.64 -35.06
CA ALA A 11 25.09 4.56 -34.49
C ALA A 11 25.66 5.97 -34.28
N GLY A 12 26.68 6.33 -35.05
CA GLY A 12 27.30 7.67 -34.94
C GLY A 12 26.54 8.72 -35.76
N THR A 13 27.21 9.84 -36.06
CA THR A 13 26.60 10.92 -36.83
C THR A 13 25.72 10.41 -37.96
N MET A 14 26.32 9.62 -38.86
CA MET A 14 25.67 9.14 -40.08
C MET A 14 24.57 8.13 -39.77
N GLY A 15 24.87 7.19 -38.89
CA GLY A 15 23.90 6.17 -38.46
C GLY A 15 22.56 6.69 -37.97
N ASN A 16 22.56 7.57 -36.95
CA ASN A 16 21.28 8.16 -36.48
C ASN A 16 20.72 8.90 -37.64
N GLY A 17 21.59 9.69 -38.27
CA GLY A 17 21.25 10.42 -39.48
C GLY A 17 20.26 9.59 -40.24
N ILE A 18 20.70 8.42 -40.68
CA ILE A 18 19.86 7.61 -41.53
C ILE A 18 18.62 7.14 -40.77
N ALA A 19 18.82 6.74 -39.51
CA ALA A 19 17.73 6.18 -38.71
C ALA A 19 16.58 7.17 -38.58
N GLN A 20 16.92 8.38 -38.19
CA GLN A 20 15.95 9.45 -38.10
C GLN A 20 15.20 9.56 -39.43
N ALA A 21 15.96 9.73 -40.51
CA ALA A 21 15.39 9.95 -41.84
C ALA A 21 14.41 8.87 -42.22
N CYS A 22 14.71 7.65 -41.81
CA CYS A 22 13.78 6.53 -42.01
C CYS A 22 12.58 6.65 -41.06
N ALA A 23 12.85 6.94 -39.79
CA ALA A 23 11.83 6.95 -38.73
C ALA A 23 10.75 8.04 -38.86
N VAL A 24 11.15 9.25 -39.21
CA VAL A 24 10.17 10.32 -39.44
C VAL A 24 9.29 10.02 -40.68
N VAL A 25 9.54 8.89 -41.34
CA VAL A 25 8.78 8.45 -42.50
C VAL A 25 7.98 7.22 -42.09
N GLY A 26 8.10 6.84 -40.83
CA GLY A 26 7.45 5.64 -40.33
C GLY A 26 8.05 4.33 -40.83
N LEU A 27 9.37 4.27 -40.96
CA LEU A 27 10.05 3.01 -41.23
C LEU A 27 10.67 2.52 -39.93
N ASN A 28 10.70 1.20 -39.77
CA ASN A 28 11.24 0.55 -38.59
C ASN A 28 12.75 0.41 -38.72
N VAL A 29 13.50 1.04 -37.82
CA VAL A 29 14.94 0.96 -37.86
C VAL A 29 15.45 0.09 -36.75
N VAL A 30 16.37 -0.82 -37.07
CA VAL A 30 17.10 -1.62 -36.10
C VAL A 30 18.55 -1.12 -36.11
N MET A 31 18.90 -0.28 -35.14
CA MET A 31 20.20 0.34 -35.13
C MET A 31 21.14 -0.42 -34.20
N VAL A 32 22.24 -0.91 -34.75
CA VAL A 32 23.18 -1.74 -34.01
C VAL A 32 24.53 -1.02 -33.81
N ASP A 33 25.04 -0.98 -32.57
CA ASP A 33 26.43 -0.54 -32.32
C ASP A 33 27.12 -1.53 -31.37
N ILE A 34 28.25 -1.17 -30.77
CA ILE A 34 29.05 -2.14 -29.97
C ILE A 34 28.94 -2.00 -28.47
N SER A 35 28.43 -0.87 -28.00
CA SER A 35 28.11 -0.71 -26.57
C SER A 35 26.63 -0.39 -26.46
N ASP A 36 26.17 -0.20 -25.23
CA ASP A 36 24.88 0.43 -24.97
C ASP A 36 25.08 1.95 -24.96
N ALA A 37 26.26 2.40 -24.50
CA ALA A 37 26.62 3.84 -24.57
C ALA A 37 26.41 4.43 -25.98
N ALA A 38 27.02 3.78 -26.98
CA ALA A 38 26.99 4.27 -28.36
C ALA A 38 25.57 4.30 -28.94
N VAL A 39 24.77 3.29 -28.58
CA VAL A 39 23.41 3.17 -29.06
C VAL A 39 22.54 4.32 -28.51
N GLN A 40 22.43 4.40 -27.17
CA GLN A 40 21.65 5.46 -26.52
C GLN A 40 22.10 6.85 -26.90
N LYS A 41 23.42 7.05 -26.94
CA LYS A 41 23.97 8.31 -27.42
C LYS A 41 23.53 8.58 -28.87
N GLY A 42 23.36 7.52 -29.66
CA GLY A 42 22.74 7.63 -30.98
C GLY A 42 21.33 8.21 -30.84
N VAL A 43 20.53 7.57 -29.98
CA VAL A 43 19.17 8.00 -29.61
C VAL A 43 19.05 9.42 -29.00
N ALA A 44 20.08 9.88 -28.30
CA ALA A 44 20.13 11.25 -27.76
C ALA A 44 20.17 12.34 -28.84
N THR A 45 21.04 12.17 -29.84
CA THR A 45 21.14 13.15 -30.92
C THR A 45 19.86 13.16 -31.79
N VAL A 46 19.20 12.01 -31.95
CA VAL A 46 17.90 12.01 -32.64
C VAL A 46 16.84 12.75 -31.81
N ALA A 47 16.81 12.50 -30.51
CA ALA A 47 15.95 13.25 -29.62
C ALA A 47 16.26 14.74 -29.70
N SER A 48 17.49 15.13 -29.42
CA SER A 48 17.93 16.54 -29.49
C SER A 48 17.60 17.24 -30.83
N SER A 49 17.82 16.53 -31.94
CA SER A 49 17.49 17.03 -33.28
C SER A 49 16.00 17.21 -33.46
N LEU A 50 15.26 16.19 -33.06
CA LEU A 50 13.80 16.25 -33.03
C LEU A 50 13.33 17.44 -32.18
N ASP A 51 13.93 17.62 -31.00
CA ASP A 51 13.56 18.74 -30.11
C ASP A 51 13.83 20.11 -30.76
N ARG A 52 14.83 20.19 -31.64
CA ARG A 52 15.06 21.42 -32.42
C ARG A 52 13.93 21.67 -33.41
N LEU A 53 13.37 20.59 -33.97
CA LEU A 53 12.33 20.71 -35.00
C LEU A 53 11.00 21.12 -34.39
N ILE A 54 10.70 20.54 -33.23
CA ILE A 54 9.60 21.01 -32.40
C ILE A 54 9.69 22.53 -32.30
N LYS A 55 10.83 23.01 -31.84
CA LYS A 55 11.03 24.41 -31.49
C LYS A 55 11.07 25.41 -32.66
N LYS A 56 11.02 24.95 -33.91
CA LYS A 56 10.79 25.85 -35.04
C LYS A 56 9.52 25.46 -35.81
N GLU A 57 8.51 25.04 -35.06
CA GLU A 57 7.19 24.70 -35.63
C GLU A 57 7.22 23.65 -36.75
N LYS A 58 8.14 22.68 -36.67
CA LYS A 58 8.15 21.55 -37.61
C LYS A 58 7.59 20.37 -36.84
N LEU A 59 6.68 19.66 -37.48
CA LEU A 59 5.83 18.63 -36.82
C LEU A 59 6.66 17.62 -36.01
N THR A 60 6.27 17.21 -34.79
CA THR A 60 5.35 17.87 -33.82
C THR A 60 5.75 17.10 -32.54
N GLU A 61 5.02 17.25 -31.44
CA GLU A 61 5.39 16.52 -30.20
C GLU A 61 5.04 15.06 -30.41
N ALA A 62 3.85 14.82 -30.93
CA ALA A 62 3.32 13.46 -31.11
C ALA A 62 4.17 12.63 -32.07
N ASP A 63 4.74 13.28 -33.09
CA ASP A 63 5.61 12.58 -34.04
C ASP A 63 6.98 12.31 -33.47
N LYS A 64 7.56 13.28 -32.75
CA LYS A 64 8.80 12.99 -32.04
C LYS A 64 8.63 11.65 -31.35
N ALA A 65 7.57 11.55 -30.54
CA ALA A 65 7.19 10.30 -29.91
C ALA A 65 7.04 9.19 -30.98
N SER A 66 6.26 9.48 -32.03
CA SER A 66 5.88 8.47 -33.05
C SER A 66 7.04 7.89 -33.86
N ALA A 67 8.06 8.70 -34.12
CA ALA A 67 9.25 8.23 -34.82
C ALA A 67 10.04 7.24 -33.95
N LEU A 68 10.39 7.69 -32.73
CA LEU A 68 11.27 6.95 -31.82
C LEU A 68 10.81 5.52 -31.56
N ALA A 69 9.50 5.31 -31.42
CA ALA A 69 8.96 3.97 -31.18
C ALA A 69 9.45 3.01 -32.26
N ARG A 70 9.44 3.50 -33.50
CA ARG A 70 9.90 2.71 -34.65
C ARG A 70 11.42 2.38 -34.63
N ILE A 71 12.21 3.10 -33.83
CA ILE A 71 13.62 2.78 -33.70
C ILE A 71 13.90 1.73 -32.61
N LYS A 72 14.18 0.50 -33.02
CA LYS A 72 14.62 -0.58 -32.12
C LYS A 72 16.15 -0.52 -32.04
N GLY A 73 16.69 0.03 -30.96
CA GLY A 73 18.15 0.19 -30.81
C GLY A 73 18.85 -0.97 -30.12
N SER A 74 19.40 -1.91 -30.91
CA SER A 74 20.06 -3.13 -30.39
C SER A 74 21.59 -3.03 -30.22
N THR A 75 22.16 -4.11 -29.73
CA THR A 75 23.61 -4.25 -29.56
C THR A 75 24.06 -5.65 -30.00
N SER A 76 23.10 -6.57 -30.12
CA SER A 76 23.34 -7.83 -30.75
C SER A 76 23.02 -7.68 -32.21
N TYR A 77 23.61 -8.58 -32.97
CA TYR A 77 23.75 -8.41 -34.39
C TYR A 77 22.76 -9.31 -35.12
N ASP A 78 22.22 -10.32 -34.41
CA ASP A 78 21.15 -11.18 -34.92
C ASP A 78 19.81 -10.42 -35.04
N ASP A 79 19.72 -9.19 -34.52
CA ASP A 79 18.48 -8.41 -34.63
C ASP A 79 18.19 -8.04 -36.07
N LEU A 80 19.21 -8.15 -36.90
CA LEU A 80 19.13 -7.79 -38.30
C LEU A 80 18.54 -8.89 -39.21
N LYS A 81 18.14 -10.03 -38.64
CA LYS A 81 17.25 -10.96 -39.36
C LYS A 81 15.84 -10.32 -39.44
N ALA A 82 15.52 -9.44 -38.51
CA ALA A 82 14.29 -8.65 -38.54
C ALA A 82 14.12 -7.88 -39.84
N THR A 83 15.22 -7.59 -40.54
CA THR A 83 15.32 -6.43 -41.42
C THR A 83 15.26 -6.73 -42.91
N ASP A 84 14.72 -5.76 -43.66
CA ASP A 84 14.59 -5.85 -45.13
C ASP A 84 15.92 -5.53 -45.86
N ILE A 85 16.76 -4.73 -45.20
CA ILE A 85 18.02 -4.25 -45.76
C ILE A 85 18.88 -3.69 -44.63
N VAL A 86 20.18 -3.94 -44.70
CA VAL A 86 21.13 -3.39 -43.74
C VAL A 86 22.05 -2.40 -44.42
N ILE A 87 22.21 -1.24 -43.80
CA ILE A 87 23.17 -0.23 -44.24
C ILE A 87 24.32 -0.15 -43.24
N GLU A 88 25.55 -0.40 -43.72
CA GLU A 88 26.75 -0.25 -42.91
C GLU A 88 27.12 1.21 -42.92
N ALA A 89 27.52 1.71 -41.75
CA ALA A 89 27.73 3.12 -41.57
C ALA A 89 28.59 3.38 -40.33
N ALA A 90 29.58 2.54 -40.17
CA ALA A 90 30.38 2.48 -38.96
C ALA A 90 31.79 3.02 -39.14
N THR A 91 32.34 2.89 -40.36
CA THR A 91 33.78 3.08 -40.61
C THR A 91 34.22 3.31 -42.08
N GLU A 92 35.11 4.27 -42.30
CA GLU A 92 35.93 4.36 -43.52
C GLU A 92 37.23 3.54 -43.43
N ASN A 93 37.37 2.66 -42.45
CA ASN A 93 38.50 1.73 -42.42
C ASN A 93 38.19 0.50 -43.26
N TYR A 94 39.06 0.20 -44.22
CA TYR A 94 38.82 -0.89 -45.15
C TYR A 94 38.73 -2.24 -44.46
N ASP A 95 39.80 -2.67 -43.81
CA ASP A 95 39.82 -4.03 -43.26
C ASP A 95 38.66 -4.22 -42.35
N LEU A 96 38.35 -3.20 -41.56
CA LEU A 96 37.25 -3.26 -40.60
C LEU A 96 35.90 -3.32 -41.31
N LYS A 97 35.72 -2.43 -42.27
CA LYS A 97 34.55 -2.47 -43.15
C LYS A 97 34.28 -3.86 -43.68
N VAL A 98 35.32 -4.52 -44.18
CA VAL A 98 35.19 -5.88 -44.74
C VAL A 98 34.55 -6.79 -43.69
N LYS A 99 35.23 -6.89 -42.53
CA LYS A 99 34.74 -7.67 -41.38
C LYS A 99 33.27 -7.45 -41.10
N ILE A 100 32.88 -6.19 -40.95
CA ILE A 100 31.51 -5.86 -40.61
C ILE A 100 30.57 -6.41 -41.64
N LEU A 101 30.86 -6.17 -42.92
CA LEU A 101 30.01 -6.69 -44.01
C LEU A 101 29.93 -8.20 -44.07
N LYS A 102 31.04 -8.89 -43.81
CA LYS A 102 31.03 -10.36 -43.75
C LYS A 102 30.15 -10.87 -42.61
N GLN A 103 30.32 -10.26 -41.44
CA GLN A 103 29.49 -10.60 -40.30
C GLN A 103 28.02 -10.39 -40.62
N ILE A 104 27.71 -9.23 -41.16
CA ILE A 104 26.35 -8.93 -41.64
C ILE A 104 25.90 -9.94 -42.68
N ASP A 105 26.77 -10.23 -43.64
CA ASP A 105 26.48 -11.21 -44.67
C ASP A 105 26.11 -12.55 -44.09
N GLY A 106 26.80 -12.96 -43.02
CA GLY A 106 26.52 -14.22 -42.33
C GLY A 106 25.16 -14.31 -41.64
N ILE A 107 24.71 -13.22 -41.02
CA ILE A 107 23.43 -13.21 -40.32
C ILE A 107 22.27 -13.25 -41.33
N VAL A 108 22.08 -12.18 -42.09
CA VAL A 108 20.86 -11.98 -42.89
C VAL A 108 20.69 -12.96 -44.02
N GLY A 109 19.45 -13.09 -44.49
CA GLY A 109 19.09 -14.04 -45.53
C GLY A 109 19.56 -13.58 -46.89
N GLU A 110 19.84 -14.54 -47.77
CA GLU A 110 20.32 -14.33 -49.17
C GLU A 110 19.73 -13.20 -49.98
N ASN A 111 18.46 -12.92 -49.75
CA ASN A 111 17.74 -11.96 -50.56
C ASN A 111 17.74 -10.56 -49.96
N VAL A 112 18.28 -10.41 -48.76
CA VAL A 112 18.37 -9.11 -48.09
C VAL A 112 19.46 -8.31 -48.77
N ILE A 113 19.21 -7.02 -48.90
CA ILE A 113 20.17 -6.13 -49.53
C ILE A 113 21.13 -5.62 -48.48
N ILE A 114 22.39 -5.60 -48.84
CA ILE A 114 23.42 -5.00 -48.02
C ILE A 114 24.03 -3.76 -48.70
N ALA A 115 23.99 -2.62 -48.01
CA ALA A 115 24.56 -1.39 -48.51
C ALA A 115 25.70 -1.00 -47.61
N SER A 116 26.50 -0.04 -48.10
CA SER A 116 27.61 0.54 -47.35
C SER A 116 27.71 2.01 -47.68
N ASN A 117 27.60 2.84 -46.66
CA ASN A 117 27.88 4.25 -46.80
C ASN A 117 29.41 4.45 -46.88
N THR A 118 29.86 5.30 -47.79
CA THR A 118 31.27 5.52 -48.01
C THR A 118 31.42 6.67 -49.01
N SER A 119 32.45 7.50 -48.79
CA SER A 119 32.80 8.59 -49.70
C SER A 119 33.85 8.16 -50.74
N SER A 120 34.67 7.17 -50.40
CA SER A 120 35.91 6.90 -51.13
C SER A 120 36.15 5.44 -51.48
N ILE A 121 35.60 4.51 -50.72
CA ILE A 121 35.94 3.11 -50.86
C ILE A 121 35.23 2.51 -52.04
N SER A 122 35.97 1.77 -52.87
CA SER A 122 35.41 1.02 -54.02
C SER A 122 34.24 0.10 -53.66
N ILE A 123 33.06 0.49 -54.12
CA ILE A 123 31.84 -0.33 -53.94
C ILE A 123 31.95 -1.71 -54.60
N THR A 124 32.59 -1.78 -55.76
CA THR A 124 32.84 -3.07 -56.40
C THR A 124 33.67 -3.95 -55.51
N LYS A 125 34.81 -3.46 -55.03
CA LYS A 125 35.69 -4.28 -54.14
C LYS A 125 34.95 -4.81 -52.88
N LEU A 126 34.10 -3.98 -52.27
CA LEU A 126 33.31 -4.41 -51.12
C LEU A 126 32.26 -5.45 -51.51
N ALA A 127 31.43 -5.11 -52.48
CA ALA A 127 30.48 -6.09 -53.00
C ALA A 127 31.15 -7.49 -53.16
N ALA A 128 32.37 -7.54 -53.68
CA ALA A 128 33.06 -8.84 -53.88
C ALA A 128 33.30 -9.69 -52.62
N VAL A 129 33.35 -9.06 -51.42
CA VAL A 129 33.57 -9.82 -50.17
C VAL A 129 32.31 -10.50 -49.64
N THR A 130 31.14 -10.07 -50.09
CA THR A 130 29.88 -10.71 -49.71
C THR A 130 29.58 -11.92 -50.61
N SER A 131 28.78 -12.85 -50.11
CA SER A 131 28.43 -14.08 -50.86
C SER A 131 27.44 -13.82 -52.00
N ARG A 132 26.67 -12.73 -51.92
CA ARG A 132 25.80 -12.31 -53.02
C ARG A 132 26.08 -10.86 -53.39
N ALA A 133 27.07 -10.66 -54.27
CA ALA A 133 27.51 -9.33 -54.70
C ALA A 133 26.42 -8.54 -55.42
N ASP A 134 25.53 -9.25 -56.13
CA ASP A 134 24.43 -8.61 -56.83
C ASP A 134 23.41 -7.96 -55.91
N ARG A 135 23.45 -8.36 -54.64
CA ARG A 135 22.57 -7.77 -53.61
C ARG A 135 23.24 -6.62 -52.84
N PHE A 136 24.44 -6.20 -53.29
CA PHE A 136 25.20 -5.13 -52.65
C PHE A 136 25.19 -3.82 -53.44
N ILE A 137 25.12 -2.71 -52.74
CA ILE A 137 25.14 -1.41 -53.37
C ILE A 137 25.73 -0.33 -52.43
N GLY A 138 26.31 0.71 -53.04
CA GLY A 138 26.87 1.83 -52.31
C GLY A 138 25.84 2.91 -52.05
N MET A 139 25.89 3.45 -50.86
CA MET A 139 25.22 4.70 -50.62
C MET A 139 26.25 5.70 -50.13
N HIS A 140 25.98 6.96 -50.36
CA HIS A 140 26.74 8.03 -49.78
C HIS A 140 25.68 9.09 -49.40
N PHE A 141 25.51 9.30 -48.10
CA PHE A 141 24.53 10.28 -47.58
C PHE A 141 25.29 11.56 -47.27
N PHE A 142 24.57 12.67 -47.12
CA PHE A 142 25.24 13.95 -46.89
C PHE A 142 25.12 14.56 -45.50
N ASN A 143 26.16 15.28 -45.13
CA ASN A 143 26.79 15.13 -43.82
C ASN A 143 25.98 15.56 -42.61
N PRO A 144 24.96 16.41 -42.82
CA PRO A 144 23.80 16.56 -41.90
C PRO A 144 22.56 15.89 -42.50
N VAL A 145 22.39 14.61 -42.16
CA VAL A 145 21.57 13.72 -42.98
C VAL A 145 20.07 13.97 -42.94
N PRO A 146 19.51 14.27 -41.76
CA PRO A 146 18.10 14.62 -41.71
C PRO A 146 17.66 15.58 -42.84
N VAL A 147 18.31 16.74 -42.99
CA VAL A 147 17.86 17.78 -43.95
C VAL A 147 18.37 17.61 -45.39
N MET A 148 19.64 17.25 -45.55
CA MET A 148 20.25 17.09 -46.90
C MET A 148 19.44 16.15 -47.79
N ALA A 149 18.98 16.67 -48.93
CA ALA A 149 17.98 16.01 -49.73
C ALA A 149 18.56 15.22 -50.91
N LEU A 150 19.74 14.62 -50.73
CA LEU A 150 20.23 13.69 -51.75
C LEU A 150 21.16 12.64 -51.22
N VAL A 151 21.22 11.57 -52.00
CA VAL A 151 22.06 10.41 -51.76
C VAL A 151 22.72 10.04 -53.07
N GLU A 152 23.98 9.61 -53.02
CA GLU A 152 24.57 9.03 -54.19
C GLU A 152 24.35 7.56 -54.01
N LEU A 153 23.83 6.92 -55.06
CA LEU A 153 23.60 5.51 -55.12
C LEU A 153 24.62 4.98 -56.07
N ILE A 154 25.51 4.13 -55.58
CA ILE A 154 26.66 3.74 -56.33
C ILE A 154 26.62 2.25 -56.61
N ARG A 155 26.51 1.90 -57.89
CA ARG A 155 26.44 0.51 -58.27
C ARG A 155 27.83 0.00 -58.39
N GLY A 156 28.11 -1.08 -57.71
CA GLY A 156 29.29 -1.85 -57.98
C GLY A 156 29.04 -2.43 -59.36
N LEU A 157 30.08 -2.96 -59.96
CA LEU A 157 29.94 -3.71 -61.18
C LEU A 157 28.87 -4.78 -61.05
N GLN A 158 28.64 -5.31 -59.84
CA GLN A 158 27.78 -6.49 -59.64
C GLN A 158 26.36 -6.09 -59.29
N THR A 159 26.17 -4.88 -58.81
CA THR A 159 24.86 -4.52 -58.35
C THR A 159 23.81 -4.75 -59.42
N SER A 160 22.84 -5.62 -59.15
CA SER A 160 21.72 -5.89 -60.07
C SER A 160 20.77 -4.73 -60.19
N ASP A 161 19.98 -4.74 -61.26
CA ASP A 161 18.95 -3.72 -61.46
C ASP A 161 17.88 -3.71 -60.37
N THR A 162 17.56 -4.89 -59.85
CA THR A 162 16.51 -5.02 -58.82
C THR A 162 17.00 -4.41 -57.52
N THR A 163 18.22 -4.79 -57.11
CA THR A 163 18.86 -4.19 -55.95
C THR A 163 18.81 -2.69 -56.14
N HIS A 164 19.11 -2.23 -57.34
CA HIS A 164 19.14 -0.79 -57.61
C HIS A 164 17.76 -0.14 -57.44
N ALA A 165 16.75 -0.65 -58.12
CA ALA A 165 15.42 0.01 -58.07
C ALA A 165 14.87 0.08 -56.62
N ALA A 166 15.02 -1.00 -55.87
CA ALA A 166 14.60 -1.08 -54.44
C ALA A 166 15.19 0.01 -53.61
N VAL A 167 16.51 0.15 -53.68
CA VAL A 167 17.15 1.19 -52.88
C VAL A 167 16.77 2.56 -53.42
N GLU A 168 16.76 2.71 -54.74
CA GLU A 168 16.27 3.94 -55.39
C GLU A 168 14.91 4.37 -54.85
N ALA A 169 13.99 3.42 -54.71
CA ALA A 169 12.66 3.69 -54.13
C ALA A 169 12.71 4.04 -52.62
N LEU A 170 13.47 3.26 -51.84
CA LEU A 170 13.71 3.58 -50.44
C LEU A 170 14.20 5.00 -50.28
N SER A 171 15.10 5.43 -51.16
CA SER A 171 15.67 6.77 -51.06
C SER A 171 14.62 7.80 -51.31
N LYS A 172 13.86 7.61 -52.39
CA LYS A 172 12.78 8.53 -52.74
C LYS A 172 11.82 8.60 -51.56
N GLN A 173 11.57 7.44 -50.93
CA GLN A 173 10.71 7.37 -49.73
C GLN A 173 11.22 8.32 -48.65
N LEU A 174 12.44 8.10 -48.19
CA LEU A 174 13.08 8.96 -47.21
C LEU A 174 13.04 10.45 -47.59
N GLY A 175 12.52 10.77 -48.78
CA GLY A 175 12.31 12.16 -49.20
C GLY A 175 13.57 12.82 -49.73
N LYS A 176 14.46 12.00 -50.28
CA LYS A 176 15.73 12.45 -50.82
C LYS A 176 15.72 12.25 -52.34
N TYR A 177 16.46 13.08 -53.09
CA TYR A 177 16.68 12.79 -54.50
C TYR A 177 17.92 11.90 -54.69
N PRO A 178 17.74 10.64 -55.11
CA PRO A 178 18.89 9.78 -55.35
C PRO A 178 19.58 10.05 -56.67
N ILE A 179 20.90 9.93 -56.67
CA ILE A 179 21.75 10.14 -57.83
C ILE A 179 22.39 8.80 -58.10
N THR A 180 22.25 8.24 -59.31
CA THR A 180 22.91 6.94 -59.64
C THR A 180 24.29 7.12 -60.32
N VAL A 181 25.26 6.34 -59.85
CA VAL A 181 26.64 6.54 -60.29
C VAL A 181 27.31 5.21 -60.40
N LYS A 182 28.02 4.98 -61.51
CA LYS A 182 28.83 3.76 -61.60
C LYS A 182 30.02 3.91 -60.68
N ASN A 183 30.29 2.91 -59.86
CA ASN A 183 31.48 2.96 -59.00
C ASN A 183 32.72 3.56 -59.73
N SER A 184 33.31 4.62 -59.16
CA SER A 184 34.41 5.40 -59.79
C SER A 184 35.00 6.36 -58.74
N PRO A 185 36.31 6.51 -58.72
CA PRO A 185 36.85 7.32 -57.66
C PRO A 185 36.16 8.73 -57.54
N GLY A 186 35.75 9.11 -56.32
CA GLY A 186 35.01 10.35 -56.08
C GLY A 186 33.55 10.37 -56.52
N PHE A 187 33.07 9.23 -56.97
CA PHE A 187 31.74 9.14 -57.56
C PHE A 187 31.37 10.32 -58.48
N VAL A 188 30.38 11.11 -58.13
CA VAL A 188 30.08 12.30 -58.90
C VAL A 188 30.46 13.54 -58.10
N VAL A 189 30.05 13.62 -56.86
CA VAL A 189 30.11 14.91 -56.18
C VAL A 189 31.51 15.26 -55.83
N ASN A 190 32.16 14.39 -55.09
CA ASN A 190 33.53 14.71 -54.71
C ASN A 190 34.43 14.79 -55.93
N ARG A 191 34.13 13.96 -56.93
CA ARG A 191 34.88 13.96 -58.19
C ARG A 191 34.93 15.29 -58.87
N ILE A 192 33.86 16.06 -58.85
CA ILE A 192 33.99 17.36 -59.48
C ILE A 192 34.25 18.51 -58.53
N LEU A 193 33.67 18.45 -57.36
CA LEU A 193 33.89 19.49 -56.37
C LEU A 193 35.35 19.48 -55.94
N CYS A 194 35.89 18.34 -55.56
CA CYS A 194 37.16 18.41 -54.80
C CYS A 194 38.34 18.88 -55.63
N PRO A 195 38.40 18.53 -56.93
CA PRO A 195 39.50 19.12 -57.73
C PRO A 195 39.36 20.64 -57.95
N MET A 196 38.17 21.16 -57.76
CA MET A 196 37.99 22.60 -57.80
C MET A 196 38.59 23.24 -56.55
N ILE A 197 38.29 22.67 -55.38
CA ILE A 197 38.91 23.13 -54.16
C ILE A 197 40.46 23.12 -54.41
N ASN A 198 40.96 21.98 -54.86
CA ASN A 198 42.37 21.82 -55.19
C ASN A 198 42.93 22.91 -56.11
N GLU A 199 42.16 23.30 -57.12
CA GLU A 199 42.61 24.38 -57.98
C GLU A 199 42.73 25.71 -57.27
N ALA A 200 41.81 25.99 -56.32
CA ALA A 200 41.91 27.19 -55.47
C ALA A 200 43.22 27.18 -54.73
N PHE A 201 43.59 26.04 -54.17
CA PHE A 201 44.87 25.99 -53.48
C PHE A 201 46.00 26.22 -54.47
N CYS A 202 45.89 25.67 -55.67
CA CYS A 202 46.92 25.91 -56.67
C CYS A 202 47.05 27.44 -56.94
N VAL A 203 45.92 28.14 -57.01
CA VAL A 203 45.94 29.59 -57.27
C VAL A 203 46.58 30.34 -56.10
N LEU A 204 46.15 30.05 -54.89
CA LEU A 204 46.72 30.61 -53.67
C LEU A 204 48.22 30.23 -53.58
N GLY A 205 48.51 28.98 -53.91
CA GLY A 205 49.88 28.48 -53.88
C GLY A 205 50.79 29.30 -54.75
N GLU A 206 50.31 29.74 -55.90
CA GLU A 206 51.15 30.45 -56.89
C GLU A 206 51.25 31.94 -56.64
N GLY A 207 50.72 32.40 -55.52
CA GLY A 207 50.69 33.83 -55.28
C GLY A 207 49.79 34.72 -56.16
N LEU A 208 48.79 34.17 -56.84
CA LEU A 208 48.05 34.98 -57.81
C LEU A 208 47.11 35.97 -57.16
N ALA A 209 46.56 35.58 -56.02
CA ALA A 209 45.59 36.39 -55.33
C ALA A 209 45.54 36.01 -53.86
N SER A 210 44.92 36.86 -53.04
CA SER A 210 44.74 36.54 -51.64
C SER A 210 43.59 35.54 -51.51
N PRO A 211 43.62 34.74 -50.43
CA PRO A 211 42.54 33.79 -50.15
C PRO A 211 41.17 34.47 -50.17
N GLU A 212 40.99 35.47 -49.30
CA GLU A 212 39.73 36.21 -49.14
C GLU A 212 39.22 36.60 -50.50
N GLU A 213 40.09 37.18 -51.31
CA GLU A 213 39.70 37.57 -52.69
C GLU A 213 39.39 36.38 -53.60
N ILE A 214 40.05 35.25 -53.41
CA ILE A 214 39.79 34.06 -54.20
C ILE A 214 38.39 33.63 -53.85
N ASP A 215 38.12 33.63 -52.55
CA ASP A 215 36.82 33.19 -52.05
C ASP A 215 35.72 34.16 -52.54
N GLU A 216 36.01 35.45 -52.62
CA GLU A 216 34.98 36.38 -53.03
C GLU A 216 34.74 36.26 -54.52
N GLY A 217 35.84 36.20 -55.25
CA GLY A 217 35.80 35.80 -56.66
C GLY A 217 34.73 34.75 -56.99
N MET A 218 34.72 33.64 -56.23
CA MET A 218 33.84 32.51 -56.48
C MET A 218 32.40 32.66 -55.95
N LYS A 219 32.25 33.36 -54.80
CA LYS A 219 30.92 33.67 -54.20
C LYS A 219 30.12 34.58 -55.14
N LEU A 220 30.71 35.71 -55.45
CA LEU A 220 30.06 36.74 -56.20
C LEU A 220 30.01 36.42 -57.68
N GLY A 221 31.10 35.86 -58.20
CA GLY A 221 31.21 35.52 -59.61
C GLY A 221 30.29 34.39 -60.04
N CYS A 222 30.22 33.33 -59.24
CA CYS A 222 29.47 32.14 -59.62
C CYS A 222 28.37 31.86 -58.64
N ASN A 223 28.19 32.76 -57.69
CA ASN A 223 27.08 32.67 -56.76
C ASN A 223 27.14 31.38 -56.00
N HIS A 224 28.36 31.03 -55.56
CA HIS A 224 28.56 29.84 -54.73
C HIS A 224 28.31 30.33 -53.32
N PRO A 225 27.64 29.54 -52.49
CA PRO A 225 27.35 29.97 -51.12
C PRO A 225 28.60 30.25 -50.30
N ILE A 226 29.55 29.33 -50.36
CA ILE A 226 30.80 29.45 -49.63
C ILE A 226 31.90 29.43 -50.67
N GLY A 227 33.03 30.05 -50.33
CA GLY A 227 34.21 30.05 -51.16
C GLY A 227 35.01 28.77 -50.95
N PRO A 228 35.67 28.29 -52.03
CA PRO A 228 36.34 27.01 -51.95
C PRO A 228 37.33 26.92 -50.78
N LEU A 229 38.07 27.99 -50.49
CA LEU A 229 39.06 27.87 -49.42
C LEU A 229 38.38 27.71 -48.05
N ALA A 230 37.47 28.61 -47.74
CA ALA A 230 36.60 28.46 -46.56
C ALA A 230 35.98 27.05 -46.44
N LEU A 231 35.49 26.55 -47.56
CA LEU A 231 34.86 25.22 -47.63
C LEU A 231 35.88 24.15 -47.30
N ALA A 232 37.12 24.36 -47.71
CA ALA A 232 38.16 23.37 -47.46
C ALA A 232 38.41 23.36 -45.98
N ASP A 233 38.49 24.56 -45.42
CA ASP A 233 38.63 24.73 -43.96
C ASP A 233 37.50 24.07 -43.16
N MET A 234 36.27 24.04 -43.68
CA MET A 234 35.19 23.27 -43.04
C MET A 234 35.27 21.76 -43.21
N ILE A 235 35.69 21.30 -44.37
CA ILE A 235 35.74 19.86 -44.66
C ILE A 235 36.90 19.19 -43.91
N GLY A 236 38.01 19.92 -43.82
CA GLY A 236 39.23 19.38 -43.27
C GLY A 236 40.21 19.25 -44.42
N LEU A 237 41.36 19.86 -44.30
CA LEU A 237 42.36 19.79 -45.36
C LEU A 237 42.99 18.41 -45.40
N ASP A 238 43.00 17.72 -44.27
CA ASP A 238 43.40 16.31 -44.23
C ASP A 238 42.39 15.42 -44.99
N THR A 239 41.10 15.75 -44.88
CA THR A 239 40.04 15.08 -45.62
C THR A 239 40.10 15.38 -47.14
N MET A 240 40.31 16.64 -47.48
CA MET A 240 40.62 17.11 -48.84
C MET A 240 41.84 16.43 -49.52
N LEU A 241 42.97 16.48 -48.84
CA LEU A 241 44.21 15.88 -49.36
C LEU A 241 44.02 14.41 -49.66
N ALA A 242 43.32 13.73 -48.76
CA ALA A 242 43.09 12.32 -48.89
C ALA A 242 42.17 12.02 -50.07
N VAL A 243 41.20 12.89 -50.34
CA VAL A 243 40.35 12.69 -51.52
C VAL A 243 41.19 12.83 -52.80
N MET A 244 41.97 13.91 -52.86
CA MET A 244 42.86 14.09 -53.99
C MET A 244 43.87 12.96 -54.12
N GLU A 245 44.39 12.45 -53.03
CA GLU A 245 45.34 11.38 -53.14
C GLU A 245 44.66 10.16 -53.73
N VAL A 246 43.39 9.99 -53.39
CA VAL A 246 42.61 8.87 -53.92
C VAL A 246 42.36 9.02 -55.43
N LEU A 247 41.98 10.22 -55.82
CA LEU A 247 41.80 10.48 -57.23
C LEU A 247 43.11 10.18 -57.97
N TYR A 248 44.22 10.70 -57.46
CA TYR A 248 45.53 10.51 -58.13
C TYR A 248 45.98 9.04 -58.16
N THR A 249 45.60 8.28 -57.16
CA THR A 249 46.10 6.94 -56.99
C THR A 249 45.23 6.03 -57.76
N GLU A 250 43.92 6.20 -57.61
CA GLU A 250 42.99 5.32 -58.29
C GLU A 250 42.98 5.51 -59.79
N PHE A 251 43.10 6.75 -60.29
CA PHE A 251 43.22 7.02 -61.76
C PHE A 251 44.63 6.85 -62.31
N ALA A 252 45.63 6.94 -61.40
CA ALA A 252 47.04 6.92 -61.74
C ALA A 252 47.35 7.95 -62.79
N ASP A 253 46.95 9.20 -62.51
CA ASP A 253 46.98 10.33 -63.46
C ASP A 253 47.24 11.65 -62.67
N PRO A 254 48.39 12.29 -62.94
CA PRO A 254 48.78 13.55 -62.31
C PRO A 254 47.86 14.71 -62.55
N LYS A 255 46.91 14.56 -63.46
CA LYS A 255 45.89 15.59 -63.62
C LYS A 255 45.32 15.97 -62.23
N TYR A 256 45.19 14.96 -61.35
CA TYR A 256 44.74 15.15 -59.97
C TYR A 256 45.87 15.27 -58.91
N ARG A 257 47.07 15.75 -59.27
CA ARG A 257 48.09 16.12 -58.28
C ARG A 257 47.43 16.84 -57.14
N PRO A 258 47.64 16.40 -55.92
CA PRO A 258 47.31 17.39 -54.88
C PRO A 258 48.11 18.67 -55.01
N ALA A 259 47.48 19.82 -54.79
CA ALA A 259 48.16 21.13 -54.63
C ALA A 259 49.20 21.07 -53.53
N MET A 260 50.33 21.71 -53.76
CA MET A 260 51.45 21.59 -52.86
C MET A 260 51.20 22.29 -51.52
N LEU A 261 50.60 23.47 -51.59
CA LEU A 261 50.20 24.21 -50.40
C LEU A 261 49.25 23.43 -49.53
N MET A 262 48.44 22.59 -50.17
CA MET A 262 47.54 21.72 -49.43
C MET A 262 48.35 20.68 -48.67
N ARG A 263 49.42 20.19 -49.29
CA ARG A 263 50.27 19.21 -48.65
C ARG A 263 50.96 19.76 -47.43
N GLU A 264 51.39 21.01 -47.54
CA GLU A 264 52.14 21.70 -46.54
C GLU A 264 51.30 22.03 -45.32
N MET A 265 50.11 22.55 -45.57
CA MET A 265 49.21 22.82 -44.47
C MET A 265 48.89 21.51 -43.75
N VAL A 266 48.64 20.44 -44.49
CA VAL A 266 48.38 19.18 -43.84
C VAL A 266 49.58 18.71 -43.02
N ALA A 267 50.77 18.75 -43.58
CA ALA A 267 51.97 18.34 -42.85
C ALA A 267 52.15 19.17 -41.58
N ALA A 268 51.80 20.44 -41.66
CA ALA A 268 51.98 21.33 -40.52
C ALA A 268 50.94 21.12 -39.43
N GLY A 269 49.80 20.52 -39.74
CA GLY A 269 48.74 20.33 -38.75
C GLY A 269 47.67 21.41 -38.86
N TYR A 270 47.84 22.33 -39.81
CA TYR A 270 46.86 23.35 -40.05
C TYR A 270 45.77 22.72 -40.91
N LEU A 271 44.79 22.11 -40.26
CA LEU A 271 43.80 21.24 -40.90
C LEU A 271 42.42 21.92 -41.11
N GLY A 272 42.30 23.21 -40.79
CA GLY A 272 41.00 23.89 -40.87
C GLY A 272 40.37 24.19 -39.52
N ARG A 273 39.04 24.35 -39.52
CA ARG A 273 38.25 24.65 -38.34
C ARG A 273 38.46 23.67 -37.18
N LYS A 274 38.68 22.41 -37.49
CA LYS A 274 38.86 21.39 -36.48
C LYS A 274 40.16 21.48 -35.68
N THR A 275 41.15 22.24 -36.14
CA THR A 275 42.36 22.56 -35.38
C THR A 275 42.49 24.06 -35.15
N GLY A 276 41.56 24.85 -35.68
CA GLY A 276 41.55 26.29 -35.44
C GLY A 276 42.34 27.10 -36.44
N ARG A 277 43.09 26.39 -37.27
CA ARG A 277 43.84 27.02 -38.33
C ARG A 277 43.91 26.09 -39.52
N GLY A 278 43.64 26.67 -40.68
CA GLY A 278 43.95 26.04 -41.95
C GLY A 278 44.35 27.17 -42.87
N VAL A 279 43.49 27.50 -43.81
CA VAL A 279 43.77 28.58 -44.73
C VAL A 279 43.61 29.88 -43.96
N TYR A 280 42.53 29.95 -43.21
CA TYR A 280 42.29 31.05 -42.32
C TYR A 280 42.50 30.57 -40.89
N VAL A 281 42.55 31.52 -39.95
CA VAL A 281 42.68 31.21 -38.52
C VAL A 281 41.30 31.33 -37.91
N TYR A 282 41.01 30.52 -36.90
CA TYR A 282 39.68 30.54 -36.25
C TYR A 282 39.82 30.65 -34.75
N SER A 283 38.72 31.03 -34.08
CA SER A 283 38.77 31.50 -32.66
C SER A 283 39.15 30.49 -31.54
N LYS A 284 38.87 29.19 -31.71
CA LYS A 284 39.12 28.18 -30.64
C LYS A 284 38.40 28.52 -29.33
N SER B 2 19.69 32.55 -18.86
CA SER B 2 20.75 31.89 -18.04
C SER B 2 21.60 32.95 -17.32
N ILE B 3 22.80 33.18 -17.85
CA ILE B 3 23.82 33.96 -17.19
C ILE B 3 24.37 34.97 -18.18
N ARG B 4 24.01 36.22 -17.98
CA ARG B 4 24.56 37.29 -18.78
C ARG B 4 25.82 37.87 -18.08
N THR B 5 25.88 37.80 -16.74
CA THR B 5 26.95 38.47 -15.96
C THR B 5 27.72 37.57 -14.96
N VAL B 6 29.04 37.72 -14.92
CA VAL B 6 29.91 36.89 -14.08
C VAL B 6 30.83 37.73 -13.22
N GLY B 7 30.65 37.64 -11.91
CA GLY B 7 31.58 38.26 -10.96
C GLY B 7 32.71 37.31 -10.60
N ILE B 8 33.88 37.87 -10.29
CA ILE B 8 35.08 37.08 -10.01
C ILE B 8 35.93 37.66 -8.87
N VAL B 9 35.56 37.39 -7.63
CA VAL B 9 36.32 37.88 -6.48
C VAL B 9 37.69 37.21 -6.33
N GLY B 10 38.75 37.91 -6.73
CA GLY B 10 40.10 37.33 -6.87
C GLY B 10 40.56 37.70 -8.26
N ALA B 11 41.81 38.15 -8.41
CA ALA B 11 42.28 38.74 -9.70
C ALA B 11 43.79 38.59 -10.02
N GLY B 12 44.45 37.60 -9.44
CA GLY B 12 45.85 37.32 -9.78
C GLY B 12 45.92 36.39 -10.98
N THR B 13 46.95 35.55 -11.06
CA THR B 13 47.13 34.68 -12.23
C THR B 13 45.83 33.99 -12.67
N MET B 14 45.07 33.45 -11.71
CA MET B 14 43.84 32.72 -12.05
C MET B 14 42.69 33.65 -12.38
N GLY B 15 42.27 34.45 -11.39
CA GLY B 15 41.05 35.26 -11.46
C GLY B 15 40.84 36.08 -12.73
N ASN B 16 41.91 36.70 -13.23
CA ASN B 16 41.82 37.48 -14.48
C ASN B 16 41.92 36.58 -15.73
N GLY B 17 42.55 35.42 -15.55
CA GLY B 17 42.47 34.30 -16.51
C GLY B 17 41.02 33.94 -16.79
N ILE B 18 40.21 33.77 -15.75
CA ILE B 18 38.78 33.47 -15.94
C ILE B 18 38.05 34.65 -16.61
N ALA B 19 38.41 35.86 -16.19
CA ALA B 19 37.77 37.08 -16.66
C ALA B 19 37.97 37.20 -18.15
N GLN B 20 39.22 37.01 -18.57
CA GLN B 20 39.58 36.97 -19.97
C GLN B 20 38.70 35.97 -20.73
N ALA B 21 38.82 34.70 -20.36
CA ALA B 21 38.01 33.61 -20.90
C ALA B 21 36.53 33.93 -20.98
N CYS B 22 36.01 34.59 -19.94
CA CYS B 22 34.61 35.08 -19.91
C CYS B 22 34.34 36.19 -20.95
N ALA B 23 35.24 37.17 -20.99
CA ALA B 23 35.11 38.36 -21.85
C ALA B 23 35.07 38.02 -23.33
N VAL B 24 36.02 37.20 -23.76
CA VAL B 24 36.24 36.93 -25.18
C VAL B 24 35.01 36.31 -25.86
N VAL B 25 34.13 35.64 -25.13
CA VAL B 25 32.89 35.12 -25.72
C VAL B 25 31.64 35.97 -25.43
N GLY B 26 31.85 37.17 -24.88
CA GLY B 26 30.76 38.17 -24.68
C GLY B 26 29.90 38.05 -23.42
N LEU B 27 30.56 37.86 -22.29
CA LEU B 27 29.89 37.87 -20.98
C LEU B 27 30.43 39.05 -20.20
N ASN B 28 29.57 39.60 -19.36
CA ASN B 28 29.95 40.75 -18.54
C ASN B 28 30.73 40.28 -17.34
N VAL B 29 31.86 40.96 -17.11
CA VAL B 29 32.78 40.58 -16.06
C VAL B 29 32.96 41.70 -15.04
N VAL B 30 32.54 41.45 -13.80
CA VAL B 30 32.74 42.36 -12.68
C VAL B 30 33.91 41.85 -11.84
N MET B 31 35.14 42.12 -12.24
CA MET B 31 36.29 41.57 -11.54
C MET B 31 36.67 42.38 -10.30
N VAL B 32 36.12 42.00 -9.15
CA VAL B 32 36.41 42.64 -7.86
C VAL B 32 37.83 42.26 -7.36
N ASP B 33 38.37 43.00 -6.38
CA ASP B 33 39.66 42.68 -5.72
C ASP B 33 39.87 43.73 -4.58
N ILE B 34 40.71 43.43 -3.58
CA ILE B 34 40.94 44.33 -2.44
C ILE B 34 41.19 45.77 -2.87
N SER B 35 42.23 45.99 -3.67
CA SER B 35 42.84 47.30 -3.88
C SER B 35 42.44 47.93 -5.24
N ASP B 36 43.24 48.91 -5.68
CA ASP B 36 43.18 49.44 -7.04
C ASP B 36 44.37 48.95 -7.89
N ALA B 37 45.46 48.57 -7.21
CA ALA B 37 46.72 48.22 -7.89
C ALA B 37 46.55 46.99 -8.74
N ALA B 38 45.92 45.98 -8.12
CA ALA B 38 45.65 44.70 -8.77
C ALA B 38 44.60 44.84 -9.89
N VAL B 39 43.49 45.52 -9.59
CA VAL B 39 42.37 45.64 -10.54
C VAL B 39 42.80 46.23 -11.90
N GLN B 40 43.90 47.00 -11.90
CA GLN B 40 44.53 47.48 -13.14
C GLN B 40 45.56 46.46 -13.68
N LYS B 41 46.44 45.96 -12.81
CA LYS B 41 47.54 45.09 -13.26
C LYS B 41 47.05 43.72 -13.69
N GLY B 42 45.89 43.33 -13.15
CA GLY B 42 45.19 42.10 -13.55
C GLY B 42 44.67 42.30 -14.95
N VAL B 43 43.78 43.28 -15.10
CA VAL B 43 43.31 43.79 -16.41
C VAL B 43 44.47 43.94 -17.41
N ALA B 44 45.65 44.29 -16.92
CA ALA B 44 46.80 44.46 -17.78
C ALA B 44 47.34 43.14 -18.29
N THR B 45 47.25 42.09 -17.47
CA THR B 45 47.73 40.78 -17.89
C THR B 45 46.83 40.21 -18.98
N VAL B 46 45.53 40.39 -18.79
CA VAL B 46 44.55 40.05 -19.81
C VAL B 46 44.93 40.71 -21.14
N ALA B 47 45.16 42.02 -21.08
CA ALA B 47 45.52 42.78 -22.26
C ALA B 47 46.81 42.28 -22.90
N SER B 48 47.82 41.95 -22.08
CA SER B 48 49.07 41.37 -22.58
C SER B 48 48.73 40.12 -23.36
N SER B 49 47.85 39.28 -22.78
CA SER B 49 47.41 38.05 -23.42
C SER B 49 46.73 38.33 -24.76
N LEU B 50 45.62 39.06 -24.69
CA LEU B 50 44.88 39.39 -25.85
C LEU B 50 45.79 39.93 -26.96
N ASP B 51 46.87 40.65 -26.60
CA ASP B 51 47.84 41.13 -27.62
C ASP B 51 48.59 39.98 -28.29
N ARG B 52 49.00 38.96 -27.53
CA ARG B 52 49.64 37.75 -28.09
C ARG B 52 48.69 36.87 -28.93
N LEU B 53 47.38 37.02 -28.68
CA LEU B 53 46.34 36.33 -29.44
C LEU B 53 46.09 36.99 -30.81
N ILE B 54 46.04 38.34 -30.83
CA ILE B 54 45.85 39.14 -32.06
C ILE B 54 47.04 38.99 -33.01
N LYS B 55 48.24 38.90 -32.43
CA LYS B 55 49.47 38.55 -33.14
C LYS B 55 49.30 37.24 -33.89
N LYS B 56 49.05 36.15 -33.14
CA LYS B 56 48.78 34.82 -33.72
C LYS B 56 47.53 34.74 -34.62
N GLU B 57 46.84 35.86 -34.78
CA GLU B 57 45.76 36.07 -35.76
C GLU B 57 44.42 35.49 -35.30
N LYS B 58 44.36 35.05 -34.04
CA LYS B 58 43.12 34.48 -33.49
C LYS B 58 42.10 35.54 -33.12
N LEU B 59 42.52 36.81 -33.19
CA LEU B 59 41.70 37.92 -32.75
C LEU B 59 42.08 39.22 -33.49
N THR B 60 41.09 40.12 -33.65
CA THR B 60 41.29 41.49 -34.16
C THR B 60 41.54 42.47 -33.00
N GLU B 61 41.90 43.71 -33.34
CA GLU B 61 42.10 44.75 -32.32
C GLU B 61 40.74 45.28 -31.79
N ALA B 62 39.70 45.18 -32.63
CA ALA B 62 38.32 45.50 -32.19
C ALA B 62 37.79 44.51 -31.15
N ASP B 63 38.02 43.23 -31.38
CA ASP B 63 37.64 42.18 -30.45
C ASP B 63 38.20 42.47 -29.06
N LYS B 64 39.49 42.77 -29.01
CA LYS B 64 40.20 43.03 -27.76
C LYS B 64 39.47 44.04 -26.88
N ALA B 65 38.98 45.09 -27.55
CA ALA B 65 38.30 46.19 -26.88
C ALA B 65 36.89 45.80 -26.45
N SER B 66 36.16 45.07 -27.30
CA SER B 66 34.86 44.46 -26.93
C SER B 66 34.95 43.61 -25.66
N ALA B 67 36.04 42.87 -25.53
CA ALA B 67 36.30 42.07 -24.34
C ALA B 67 36.62 42.99 -23.16
N LEU B 68 37.49 43.97 -23.41
CA LEU B 68 37.86 44.94 -22.38
C LEU B 68 36.73 45.88 -22.00
N ALA B 69 35.77 46.04 -22.91
CA ALA B 69 34.52 46.75 -22.60
C ALA B 69 33.75 45.93 -21.58
N ARG B 70 33.47 44.68 -21.95
CA ARG B 70 32.72 43.75 -21.09
C ARG B 70 33.27 43.64 -19.67
N ILE B 71 34.60 43.78 -19.50
CA ILE B 71 35.20 43.65 -18.17
C ILE B 71 35.09 44.92 -17.36
N LYS B 72 34.02 44.99 -16.56
CA LYS B 72 33.86 46.07 -15.61
C LYS B 72 34.69 45.84 -14.32
N GLY B 73 36.02 46.07 -14.38
CA GLY B 73 36.86 46.04 -13.18
C GLY B 73 36.21 46.75 -11.98
N SER B 74 36.71 46.50 -10.75
CA SER B 74 36.13 47.12 -9.52
C SER B 74 36.88 46.77 -8.22
N THR B 75 36.20 47.05 -7.09
CA THR B 75 36.65 46.69 -5.73
C THR B 75 35.45 46.07 -4.98
N SER B 76 34.31 46.76 -4.96
CA SER B 76 33.22 46.96 -4.01
C SER B 76 32.23 45.80 -4.07
N TYR B 77 32.24 44.97 -3.04
CA TYR B 77 31.52 43.70 -3.06
C TYR B 77 30.02 43.82 -3.39
N ASP B 78 29.42 45.01 -3.20
CA ASP B 78 28.00 45.17 -3.54
C ASP B 78 27.83 45.27 -5.06
N ASP B 79 28.92 45.56 -5.77
CA ASP B 79 28.92 45.47 -7.25
C ASP B 79 28.28 44.17 -7.73
N LEU B 80 28.85 43.08 -7.25
CA LEU B 80 28.30 41.76 -7.47
C LEU B 80 26.78 41.75 -7.55
N LYS B 81 26.10 42.61 -6.78
CA LYS B 81 24.63 42.52 -6.65
C LYS B 81 23.80 42.57 -7.96
N ALA B 82 24.44 42.68 -9.11
CA ALA B 82 23.73 42.48 -10.37
C ALA B 82 24.39 41.41 -11.25
N THR B 83 25.24 40.58 -10.65
CA THR B 83 25.86 39.44 -11.37
C THR B 83 24.92 38.25 -11.30
N ASP B 84 25.03 37.35 -12.28
CA ASP B 84 24.27 36.10 -12.27
C ASP B 84 25.05 34.99 -11.57
N ILE B 85 26.35 35.23 -11.35
CA ILE B 85 27.20 34.26 -10.67
C ILE B 85 28.56 34.85 -10.27
N VAL B 86 29.04 34.42 -9.10
CA VAL B 86 30.36 34.81 -8.61
C VAL B 86 31.27 33.61 -8.48
N ILE B 87 32.50 33.78 -8.93
CA ILE B 87 33.49 32.76 -8.84
C ILE B 87 34.56 33.30 -7.95
N GLU B 88 34.78 32.68 -6.81
CA GLU B 88 35.95 33.04 -6.03
C GLU B 88 37.21 32.48 -6.74
N ALA B 89 38.33 33.19 -6.65
CA ALA B 89 39.63 32.67 -7.06
C ALA B 89 40.78 33.45 -6.42
N ALA B 90 40.49 33.98 -5.24
CA ALA B 90 41.45 34.74 -4.43
C ALA B 90 42.65 33.91 -3.95
N THR B 91 42.42 32.79 -3.26
CA THR B 91 43.44 32.18 -2.38
C THR B 91 43.20 30.72 -1.96
N GLU B 92 44.28 29.97 -1.62
CA GLU B 92 44.19 28.67 -0.91
C GLU B 92 44.50 28.86 0.58
N ASN B 93 43.58 29.47 1.30
CA ASN B 93 43.67 29.52 2.74
C ASN B 93 42.27 29.39 3.25
N TYR B 94 42.01 28.33 3.99
CA TYR B 94 40.68 27.97 4.32
C TYR B 94 39.96 29.10 5.07
N ASP B 95 40.50 29.48 6.24
CA ASP B 95 39.81 30.42 7.16
C ASP B 95 39.42 31.73 6.43
N LEU B 96 40.39 32.30 5.71
CA LEU B 96 40.15 33.43 4.83
C LEU B 96 39.14 33.07 3.73
N LYS B 97 39.47 32.06 2.95
CA LYS B 97 38.60 31.63 1.87
C LYS B 97 37.15 31.55 2.33
N VAL B 98 36.90 31.15 3.57
CA VAL B 98 35.53 31.15 4.08
C VAL B 98 34.97 32.56 4.32
N LYS B 99 35.81 33.49 4.82
CA LYS B 99 35.38 34.87 5.06
C LYS B 99 34.68 35.42 3.83
N ILE B 100 35.43 35.38 2.72
CA ILE B 100 34.99 35.90 1.42
C ILE B 100 33.60 35.43 1.02
N LEU B 101 33.36 34.14 1.26
CA LEU B 101 32.14 33.50 0.79
C LEU B 101 30.92 33.95 1.61
N LYS B 102 31.16 34.27 2.89
CA LYS B 102 30.11 34.81 3.76
C LYS B 102 29.74 36.24 3.32
N GLN B 103 30.74 37.09 3.07
CA GLN B 103 30.49 38.43 2.49
C GLN B 103 29.50 38.31 1.35
N ILE B 104 29.87 37.46 0.41
CA ILE B 104 29.13 37.30 -0.82
C ILE B 104 27.78 36.64 -0.59
N ASP B 105 27.69 35.70 0.34
CA ASP B 105 26.45 34.95 0.61
C ASP B 105 25.23 35.89 0.80
N GLY B 106 25.32 36.84 1.73
CA GLY B 106 24.20 37.77 1.98
C GLY B 106 24.08 38.86 0.92
N ILE B 107 25.24 39.35 0.47
CA ILE B 107 25.36 40.38 -0.56
C ILE B 107 24.62 40.10 -1.88
N VAL B 108 24.26 38.85 -2.15
CA VAL B 108 23.72 38.49 -3.45
C VAL B 108 22.47 37.61 -3.33
N GLY B 109 21.59 37.73 -4.31
CA GLY B 109 20.31 37.04 -4.31
C GLY B 109 20.37 35.56 -4.00
N GLU B 110 19.34 35.10 -3.32
CA GLU B 110 19.11 33.68 -3.08
C GLU B 110 19.26 32.78 -4.33
N ASN B 111 18.84 33.25 -5.51
CA ASN B 111 18.98 32.44 -6.74
C ASN B 111 20.39 32.40 -7.32
N VAL B 112 21.24 33.35 -6.93
CA VAL B 112 22.55 33.47 -7.55
C VAL B 112 23.57 32.41 -7.09
N ILE B 113 24.11 31.69 -8.07
CA ILE B 113 25.09 30.61 -7.86
C ILE B 113 26.44 31.18 -7.47
N ILE B 114 27.08 30.56 -6.49
CA ILE B 114 28.43 30.96 -6.05
C ILE B 114 29.39 29.81 -6.30
N ALA B 115 30.60 30.14 -6.73
CA ALA B 115 31.48 29.10 -7.16
C ALA B 115 32.84 29.39 -6.65
N SER B 116 33.73 28.42 -6.81
CA SER B 116 35.03 28.55 -6.21
C SER B 116 36.08 27.74 -6.90
N ASN B 117 37.14 28.42 -7.30
CA ASN B 117 38.33 27.77 -7.84
C ASN B 117 39.24 27.24 -6.72
N THR B 118 39.73 26.02 -6.86
CA THR B 118 40.56 25.39 -5.84
C THR B 118 41.15 24.06 -6.26
N SER B 119 42.28 23.73 -5.66
CA SER B 119 43.05 22.55 -6.01
C SER B 119 42.77 21.39 -5.06
N SER B 120 42.65 21.71 -3.77
CA SER B 120 42.38 20.70 -2.77
C SER B 120 41.77 21.32 -1.49
N ILE B 121 40.49 21.69 -1.56
CA ILE B 121 39.68 21.99 -0.38
C ILE B 121 38.28 21.36 -0.56
N SER B 122 37.70 20.88 0.53
CA SER B 122 36.43 20.21 0.46
C SER B 122 35.32 21.18 0.03
N ILE B 123 34.95 21.09 -1.25
CA ILE B 123 33.77 21.73 -1.81
C ILE B 123 32.52 21.57 -0.96
N THR B 124 32.38 20.43 -0.30
CA THR B 124 31.31 20.27 0.66
C THR B 124 31.51 21.22 1.86
N LYS B 125 32.70 21.26 2.47
CA LYS B 125 32.93 22.18 3.61
C LYS B 125 32.51 23.60 3.23
N LEU B 126 33.02 24.06 2.09
CA LEU B 126 32.79 25.42 1.57
C LEU B 126 31.34 25.73 1.26
N ALA B 127 30.66 24.80 0.61
CA ALA B 127 29.25 25.01 0.38
C ALA B 127 28.50 25.21 1.70
N ALA B 128 29.02 24.63 2.79
CA ALA B 128 28.32 24.66 4.08
C ALA B 128 28.48 25.97 4.85
N VAL B 129 29.35 26.87 4.40
CA VAL B 129 29.45 28.20 5.03
C VAL B 129 28.50 29.22 4.35
N THR B 130 27.86 28.82 3.24
CA THR B 130 26.87 29.67 2.58
C THR B 130 25.49 29.29 3.09
N SER B 131 24.48 30.05 2.67
CA SER B 131 23.10 29.92 3.14
C SER B 131 22.27 28.99 2.24
N ARG B 132 22.50 29.04 0.93
CA ARG B 132 22.00 27.97 0.02
C ARG B 132 23.19 27.11 -0.44
N ALA B 133 23.55 26.11 0.35
CA ALA B 133 24.64 25.22 0.01
C ALA B 133 24.41 24.60 -1.36
N ASP B 134 23.15 24.31 -1.68
CA ASP B 134 22.75 23.72 -2.97
C ASP B 134 22.96 24.64 -4.19
N ARG B 135 23.45 25.85 -3.94
CA ARG B 135 23.75 26.81 -5.00
C ARG B 135 25.25 27.18 -5.00
N PHE B 136 26.05 26.31 -4.37
CA PHE B 136 27.50 26.41 -4.38
C PHE B 136 28.01 25.28 -5.25
N ILE B 137 29.17 25.48 -5.85
CA ILE B 137 29.79 24.45 -6.66
C ILE B 137 31.27 24.77 -6.86
N GLY B 138 32.06 23.74 -7.09
CA GLY B 138 33.48 23.87 -7.28
C GLY B 138 33.75 24.11 -8.73
N MET B 139 34.75 24.93 -8.98
CA MET B 139 35.31 25.07 -10.28
C MET B 139 36.76 24.70 -10.08
N HIS B 140 37.41 24.30 -11.16
CA HIS B 140 38.85 24.12 -11.11
C HIS B 140 39.29 24.24 -12.54
N PHE B 141 39.81 25.44 -12.86
CA PHE B 141 40.43 25.77 -14.13
C PHE B 141 41.92 25.46 -14.06
N PHE B 142 42.55 25.42 -15.22
CA PHE B 142 43.95 25.07 -15.30
C PHE B 142 44.79 26.16 -15.95
N ASN B 143 45.90 26.51 -15.30
CA ASN B 143 46.90 27.44 -15.83
C ASN B 143 47.60 26.99 -17.10
N PRO B 144 47.72 27.90 -18.07
CA PRO B 144 47.08 29.21 -18.16
C PRO B 144 45.62 29.10 -18.59
N VAL B 145 44.69 29.71 -17.86
CA VAL B 145 43.26 29.40 -18.01
C VAL B 145 42.61 29.85 -19.33
N PRO B 146 43.03 30.99 -19.89
CA PRO B 146 42.52 31.27 -21.23
C PRO B 146 42.83 30.15 -22.23
N VAL B 147 43.98 29.50 -22.04
CA VAL B 147 44.54 28.51 -22.98
C VAL B 147 44.19 27.06 -22.65
N MET B 148 44.00 26.74 -21.37
CA MET B 148 43.70 25.35 -20.97
C MET B 148 42.23 25.03 -21.14
N ALA B 149 41.95 23.92 -21.84
CA ALA B 149 40.61 23.60 -22.30
C ALA B 149 39.68 23.00 -21.23
N LEU B 150 40.28 22.34 -20.24
CA LEU B 150 39.55 21.58 -19.24
C LEU B 150 38.99 22.44 -18.12
N VAL B 151 37.89 21.99 -17.53
CA VAL B 151 37.49 22.54 -16.22
C VAL B 151 36.89 21.47 -15.34
N GLU B 152 37.46 21.24 -14.17
CA GLU B 152 36.81 20.33 -13.23
C GLU B 152 35.69 21.06 -12.50
N LEU B 153 34.48 20.54 -12.62
CA LEU B 153 33.36 20.99 -11.83
C LEU B 153 33.20 20.03 -10.70
N ILE B 154 33.18 20.53 -9.48
CA ILE B 154 33.15 19.61 -8.38
C ILE B 154 31.89 19.79 -7.55
N ARG B 155 30.99 18.80 -7.62
CA ARG B 155 29.75 18.83 -6.84
C ARG B 155 29.95 18.52 -5.35
N GLY B 156 29.60 19.48 -4.51
CA GLY B 156 29.58 19.22 -3.08
C GLY B 156 28.49 18.21 -2.88
N LEU B 157 28.43 17.58 -1.71
CA LEU B 157 27.23 16.83 -1.40
C LEU B 157 26.00 17.66 -1.78
N GLN B 158 26.00 18.95 -1.40
CA GLN B 158 24.79 19.77 -1.37
C GLN B 158 24.39 20.35 -2.73
N THR B 159 25.37 20.64 -3.56
CA THR B 159 25.11 21.19 -4.90
C THR B 159 23.91 20.55 -5.57
N SER B 160 22.94 21.36 -6.00
CA SER B 160 21.75 20.82 -6.72
C SER B 160 22.07 20.49 -8.20
N ASP B 161 21.11 19.83 -8.87
CA ASP B 161 21.23 19.56 -10.32
C ASP B 161 21.19 20.82 -11.18
N THR B 162 20.38 21.79 -10.76
CA THR B 162 20.25 23.08 -11.46
C THR B 162 21.59 23.81 -11.48
N THR B 163 22.14 24.06 -10.31
CA THR B 163 23.44 24.70 -10.23
C THR B 163 24.45 24.02 -11.16
N HIS B 164 24.46 22.68 -11.16
CA HIS B 164 25.45 21.92 -11.94
C HIS B 164 25.31 22.24 -13.41
N ALA B 165 24.14 21.92 -13.96
CA ALA B 165 23.80 22.23 -15.37
C ALA B 165 24.17 23.67 -15.78
N ALA B 166 23.72 24.62 -14.98
CA ALA B 166 24.02 26.03 -15.20
C ALA B 166 25.50 26.23 -15.43
N VAL B 167 26.31 25.82 -14.48
CA VAL B 167 27.75 26.00 -14.61
C VAL B 167 28.35 25.14 -15.74
N GLU B 168 27.78 23.94 -15.97
CA GLU B 168 28.24 23.07 -17.06
C GLU B 168 28.08 23.81 -18.36
N ALA B 169 26.88 24.32 -18.58
CA ALA B 169 26.57 25.06 -19.78
C ALA B 169 27.43 26.32 -19.87
N LEU B 170 27.57 27.04 -18.76
CA LEU B 170 28.46 28.20 -18.77
C LEU B 170 29.86 27.79 -19.18
N SER B 171 30.37 26.69 -18.60
CA SER B 171 31.70 26.16 -18.92
C SER B 171 31.91 25.98 -20.42
N LYS B 172 30.89 25.45 -21.10
CA LYS B 172 30.99 25.19 -22.55
C LYS B 172 31.00 26.50 -23.29
N GLN B 173 30.15 27.44 -22.84
CA GLN B 173 30.06 28.80 -23.42
C GLN B 173 31.42 29.48 -23.49
N LEU B 174 32.27 29.25 -22.50
CA LEU B 174 33.66 29.75 -22.55
C LEU B 174 34.58 28.94 -23.49
N GLY B 175 34.02 28.00 -24.24
CA GLY B 175 34.79 27.08 -25.08
C GLY B 175 35.65 26.11 -24.29
N LYS B 176 35.14 25.62 -23.17
CA LYS B 176 35.88 24.71 -22.30
C LYS B 176 35.21 23.33 -22.23
N TYR B 177 36.00 22.31 -21.94
CA TYR B 177 35.51 20.95 -21.76
C TYR B 177 35.30 20.73 -20.26
N PRO B 178 34.05 20.68 -19.79
CA PRO B 178 33.82 20.35 -18.38
C PRO B 178 33.96 18.86 -18.05
N ILE B 179 34.09 18.58 -16.76
CA ILE B 179 34.35 17.24 -16.25
C ILE B 179 33.65 17.33 -14.93
N THR B 180 32.79 16.37 -14.62
CA THR B 180 32.03 16.46 -13.39
C THR B 180 32.54 15.44 -12.42
N VAL B 181 32.79 15.86 -11.18
CA VAL B 181 33.47 15.05 -10.20
C VAL B 181 32.77 15.23 -8.90
N LYS B 182 32.46 14.15 -8.20
CA LYS B 182 32.01 14.28 -6.81
C LYS B 182 33.16 14.73 -5.91
N ASN B 183 32.88 15.67 -5.01
CA ASN B 183 33.87 16.20 -4.10
C ASN B 183 34.67 15.06 -3.51
N SER B 184 36.00 15.18 -3.52
CA SER B 184 36.89 14.14 -3.00
C SER B 184 38.30 14.68 -2.95
N PRO B 185 39.09 14.32 -1.97
CA PRO B 185 40.46 14.85 -1.99
C PRO B 185 41.21 14.66 -3.31
N GLY B 186 41.59 15.77 -3.93
CA GLY B 186 42.31 15.77 -5.20
C GLY B 186 41.39 15.65 -6.40
N PHE B 187 40.10 15.54 -6.13
CA PHE B 187 39.12 15.39 -7.17
C PHE B 187 39.62 14.28 -8.11
N VAL B 188 39.97 14.62 -9.35
CA VAL B 188 40.39 13.64 -10.33
C VAL B 188 41.80 13.87 -10.80
N VAL B 189 42.06 15.07 -11.33
CA VAL B 189 43.33 15.32 -11.95
C VAL B 189 44.47 15.23 -10.98
N ASN B 190 44.45 16.06 -9.93
CA ASN B 190 45.54 16.02 -8.98
C ASN B 190 45.54 14.73 -8.19
N ARG B 191 44.36 14.14 -7.92
CA ARG B 191 44.34 12.86 -7.24
C ARG B 191 45.18 11.77 -7.97
N ILE B 192 45.14 11.79 -9.29
CA ILE B 192 45.88 10.86 -10.07
C ILE B 192 47.31 11.34 -10.33
N LEU B 193 47.46 12.64 -10.54
CA LEU B 193 48.73 13.16 -11.02
C LEU B 193 49.80 13.23 -9.93
N CYS B 194 49.38 13.69 -8.77
CA CYS B 194 50.29 14.08 -7.74
C CYS B 194 50.96 12.89 -7.08
N PRO B 195 50.18 11.85 -6.71
CA PRO B 195 50.86 10.67 -6.24
C PRO B 195 51.83 10.03 -7.26
N MET B 196 51.66 10.33 -8.54
CA MET B 196 52.63 9.90 -9.51
C MET B 196 53.93 10.69 -9.44
N ILE B 197 53.85 12.03 -9.40
CA ILE B 197 55.03 12.86 -9.09
C ILE B 197 55.68 12.30 -7.78
N ASN B 198 54.86 12.00 -6.79
CA ASN B 198 55.40 11.57 -5.53
C ASN B 198 56.26 10.31 -5.65
N GLU B 199 55.78 9.40 -6.48
CA GLU B 199 56.44 8.13 -6.67
C GLU B 199 57.79 8.36 -7.37
N ALA B 200 57.83 9.34 -8.29
CA ALA B 200 59.13 9.71 -8.91
C ALA B 200 60.13 10.16 -7.87
N PHE B 201 59.67 10.99 -6.94
CA PHE B 201 60.48 11.39 -5.79
C PHE B 201 60.91 10.23 -4.87
N CYS B 202 60.07 9.19 -4.77
CA CYS B 202 60.47 7.97 -4.04
C CYS B 202 61.57 7.20 -4.76
N VAL B 203 61.33 6.94 -6.04
CA VAL B 203 62.28 6.26 -6.91
C VAL B 203 63.63 6.97 -6.83
N LEU B 204 63.59 8.30 -6.91
CA LEU B 204 64.82 9.11 -6.86
C LEU B 204 65.46 9.08 -5.48
N GLY B 205 64.66 9.21 -4.43
CA GLY B 205 65.24 9.11 -3.10
C GLY B 205 65.81 7.75 -2.82
N GLU B 206 65.27 6.69 -3.46
CA GLU B 206 65.86 5.31 -3.32
C GLU B 206 67.09 5.10 -4.24
N GLY B 207 67.38 6.07 -5.09
CA GLY B 207 68.61 6.04 -5.82
C GLY B 207 68.57 5.01 -6.92
N LEU B 208 67.38 4.84 -7.50
CA LEU B 208 67.24 3.90 -8.59
C LEU B 208 67.86 4.40 -9.87
N ALA B 209 68.11 5.71 -9.96
CA ALA B 209 68.55 6.36 -11.18
C ALA B 209 68.66 7.86 -10.92
N SER B 210 69.35 8.55 -11.81
CA SER B 210 69.44 9.98 -11.77
C SER B 210 68.10 10.57 -12.15
N PRO B 211 67.89 11.87 -11.83
CA PRO B 211 66.63 12.48 -12.13
C PRO B 211 66.44 12.68 -13.63
N GLU B 212 67.54 12.91 -14.31
CA GLU B 212 67.55 13.02 -15.76
C GLU B 212 66.95 11.75 -16.34
N GLU B 213 67.45 10.62 -15.85
CA GLU B 213 67.02 9.31 -16.34
C GLU B 213 65.57 9.08 -16.07
N ILE B 214 65.13 9.39 -14.86
CA ILE B 214 63.70 9.23 -14.49
C ILE B 214 62.79 10.10 -15.34
N ASP B 215 63.20 11.35 -15.62
CA ASP B 215 62.37 12.24 -16.41
C ASP B 215 62.33 11.84 -17.89
N GLU B 216 63.50 11.47 -18.47
CA GLU B 216 63.58 10.97 -19.86
C GLU B 216 62.81 9.67 -19.96
N GLY B 217 62.98 8.85 -18.93
CA GLY B 217 62.21 7.64 -18.80
C GLY B 217 60.76 7.86 -19.12
N MET B 218 60.18 8.86 -18.48
CA MET B 218 58.75 9.09 -18.65
C MET B 218 58.38 9.76 -19.97
N LYS B 219 59.25 10.62 -20.46
CA LYS B 219 59.01 11.28 -21.74
C LYS B 219 59.07 10.27 -22.91
N LEU B 220 60.23 9.63 -23.06
CA LEU B 220 60.50 8.69 -24.15
C LEU B 220 59.91 7.29 -24.01
N GLY B 221 59.24 7.03 -22.89
CA GLY B 221 58.78 5.69 -22.51
C GLY B 221 57.29 5.64 -22.51
N CYS B 222 56.65 6.75 -22.17
CA CYS B 222 55.21 6.87 -22.11
C CYS B 222 54.69 8.06 -22.91
N ASN B 223 55.59 8.83 -23.52
CA ASN B 223 55.24 10.06 -24.24
C ASN B 223 54.63 11.10 -23.33
N HIS B 224 55.18 11.24 -22.14
CA HIS B 224 54.75 12.32 -21.29
C HIS B 224 55.44 13.54 -21.85
N PRO B 225 54.70 14.67 -22.00
CA PRO B 225 55.34 15.90 -22.48
C PRO B 225 56.46 16.44 -21.58
N ILE B 226 56.44 16.11 -20.28
CA ILE B 226 57.51 16.55 -19.38
C ILE B 226 57.67 15.59 -18.23
N GLY B 227 58.91 15.36 -17.79
CA GLY B 227 59.16 14.44 -16.68
C GLY B 227 58.56 14.94 -15.37
N PRO B 228 58.06 14.02 -14.52
CA PRO B 228 57.43 14.34 -13.23
C PRO B 228 58.24 15.24 -12.34
N LEU B 229 59.56 15.04 -12.33
CA LEU B 229 60.43 15.86 -11.54
C LEU B 229 60.45 17.31 -12.03
N ALA B 230 60.82 17.52 -13.28
CA ALA B 230 60.79 18.86 -13.84
C ALA B 230 59.42 19.52 -13.62
N LEU B 231 58.38 18.73 -13.78
CA LEU B 231 57.05 19.23 -13.71
C LEU B 231 56.80 19.62 -12.28
N ALA B 232 57.35 18.82 -11.37
CA ALA B 232 57.25 19.16 -9.95
C ALA B 232 57.93 20.50 -9.70
N ASP B 233 59.08 20.70 -10.33
CA ASP B 233 59.81 21.96 -10.22
C ASP B 233 59.02 23.18 -10.71
N MET B 234 58.13 22.99 -11.67
CA MET B 234 57.30 24.07 -12.17
C MET B 234 56.16 24.34 -11.24
N ILE B 235 55.52 23.29 -10.72
CA ILE B 235 54.39 23.47 -9.84
C ILE B 235 54.83 24.03 -8.47
N GLY B 236 56.09 23.83 -8.12
CA GLY B 236 56.61 24.20 -6.83
C GLY B 236 56.54 22.97 -5.96
N LEU B 237 57.67 22.60 -5.36
CA LEU B 237 57.69 21.44 -4.46
C LEU B 237 56.90 21.64 -3.17
N ASP B 238 56.83 22.85 -2.65
CA ASP B 238 55.94 23.12 -1.48
C ASP B 238 54.48 22.81 -1.81
N THR B 239 54.08 23.19 -3.01
CA THR B 239 52.73 22.92 -3.46
C THR B 239 52.44 21.43 -3.58
N MET B 240 53.44 20.69 -4.12
CA MET B 240 53.33 19.26 -4.26
C MET B 240 53.21 18.62 -2.90
N LEU B 241 54.17 18.91 -2.03
CA LEU B 241 54.14 18.39 -0.65
C LEU B 241 52.81 18.78 -0.01
N ALA B 242 52.38 20.01 -0.23
CA ALA B 242 51.10 20.44 0.34
C ALA B 242 49.97 19.52 -0.13
N VAL B 243 49.88 19.23 -1.44
CA VAL B 243 48.80 18.33 -1.98
C VAL B 243 48.90 16.92 -1.40
N MET B 244 50.12 16.40 -1.29
CA MET B 244 50.31 15.07 -0.69
C MET B 244 49.86 14.98 0.75
N GLU B 245 50.17 16.00 1.58
CA GLU B 245 49.72 16.01 2.98
C GLU B 245 48.20 16.04 3.02
N VAL B 246 47.58 16.71 2.05
CA VAL B 246 46.14 16.74 2.05
C VAL B 246 45.60 15.37 1.71
N LEU B 247 46.25 14.66 0.79
CA LEU B 247 45.77 13.32 0.48
C LEU B 247 45.91 12.40 1.69
N TYR B 248 47.05 12.48 2.35
CA TYR B 248 47.32 11.59 3.45
C TYR B 248 46.39 11.88 4.60
N THR B 249 46.25 13.16 4.91
CA THR B 249 45.41 13.62 6.03
C THR B 249 43.93 13.35 5.81
N GLU B 250 43.42 13.66 4.62
CA GLU B 250 41.99 13.48 4.32
C GLU B 250 41.54 12.05 4.00
N PHE B 251 42.40 11.19 3.41
CA PHE B 251 42.03 9.77 3.32
C PHE B 251 42.39 8.98 4.60
N ALA B 252 43.22 9.59 5.42
CA ALA B 252 43.83 8.93 6.56
C ALA B 252 44.46 7.60 6.15
N ASP B 253 45.23 7.63 5.08
CA ASP B 253 45.77 6.40 4.49
C ASP B 253 47.24 6.57 4.18
N PRO B 254 48.12 5.82 4.84
CA PRO B 254 49.54 6.10 4.53
C PRO B 254 49.99 5.76 3.10
N LYS B 255 49.13 5.15 2.31
CA LYS B 255 49.37 5.05 0.88
C LYS B 255 49.90 6.36 0.24
N TYR B 256 49.30 7.48 0.61
CA TYR B 256 49.67 8.82 0.10
C TYR B 256 50.76 9.56 0.84
N ARG B 257 51.49 8.92 1.74
CA ARG B 257 52.58 9.60 2.43
C ARG B 257 53.61 10.25 1.52
N PRO B 258 53.89 11.54 1.73
CA PRO B 258 54.88 12.19 0.88
C PRO B 258 56.23 11.50 0.88
N ALA B 259 56.92 11.59 -0.25
CA ALA B 259 58.26 11.05 -0.36
C ALA B 259 59.19 11.75 0.64
N MET B 260 59.98 10.99 1.39
CA MET B 260 60.96 11.65 2.28
C MET B 260 61.82 12.75 1.63
N LEU B 261 62.12 12.61 0.32
CA LEU B 261 63.11 13.47 -0.32
C LEU B 261 62.45 14.76 -0.68
N MET B 262 61.16 14.66 -1.01
CA MET B 262 60.37 15.85 -1.25
C MET B 262 60.36 16.67 0.02
N ARG B 263 60.16 16.04 1.16
CA ARG B 263 60.24 16.79 2.44
C ARG B 263 61.56 17.49 2.65
N GLU B 264 62.68 16.86 2.28
CA GLU B 264 64.00 17.50 2.51
C GLU B 264 64.20 18.76 1.69
N MET B 265 63.76 18.67 0.44
CA MET B 265 63.84 19.78 -0.47
C MET B 265 63.02 20.95 -0.03
N VAL B 266 61.77 20.72 0.36
CA VAL B 266 60.97 21.82 0.85
C VAL B 266 61.57 22.41 2.13
N ALA B 267 62.05 21.55 3.03
CA ALA B 267 62.69 22.01 4.24
C ALA B 267 63.79 22.98 3.92
N ALA B 268 64.45 22.77 2.78
CA ALA B 268 65.66 23.52 2.40
C ALA B 268 65.38 24.70 1.50
N GLY B 269 64.13 25.00 1.24
CA GLY B 269 63.78 26.08 0.33
C GLY B 269 63.99 25.79 -1.15
N TYR B 270 64.55 24.63 -1.54
CA TYR B 270 64.65 24.29 -2.96
C TYR B 270 63.26 24.00 -3.51
N LEU B 271 62.49 25.03 -3.82
CA LEU B 271 61.10 24.79 -4.15
C LEU B 271 60.83 24.69 -5.65
N GLY B 272 61.86 24.73 -6.47
CA GLY B 272 61.68 24.70 -7.92
C GLY B 272 62.16 25.98 -8.61
N ARG B 273 61.62 26.23 -9.79
CA ARG B 273 61.82 27.45 -10.56
C ARG B 273 61.51 28.73 -9.77
N LYS B 274 60.44 28.73 -8.98
CA LYS B 274 60.11 29.83 -8.05
C LYS B 274 61.31 30.38 -7.31
N THR B 275 62.23 29.51 -6.91
CA THR B 275 63.39 30.02 -6.18
C THR B 275 64.67 29.63 -6.90
N GLY B 276 64.54 29.24 -8.16
CA GLY B 276 65.69 28.94 -8.99
C GLY B 276 66.40 27.64 -8.68
N ARG B 277 65.76 26.77 -7.91
CA ARG B 277 66.28 25.42 -7.65
C ARG B 277 65.25 24.49 -6.97
N GLY B 278 65.16 23.28 -7.48
CA GLY B 278 64.39 22.24 -6.84
C GLY B 278 65.19 20.96 -6.98
N VAL B 279 64.61 20.03 -7.74
CA VAL B 279 65.34 18.93 -8.34
C VAL B 279 66.52 19.36 -9.22
N TYR B 280 66.31 20.36 -10.05
CA TYR B 280 67.34 20.84 -10.95
C TYR B 280 67.65 22.27 -10.56
N VAL B 281 68.72 22.80 -11.11
CA VAL B 281 69.21 24.13 -10.78
C VAL B 281 68.89 25.00 -12.00
N TYR B 282 68.04 26.02 -11.82
CA TYR B 282 67.74 27.05 -12.84
C TYR B 282 68.57 28.32 -12.59
N SER B 283 68.67 29.22 -13.58
CA SER B 283 69.26 30.57 -13.33
C SER B 283 68.85 31.66 -14.36
N LYS B 284 68.67 32.93 -13.93
CA LYS B 284 68.46 33.37 -12.52
C LYS B 284 69.59 33.09 -11.51
N SER C 2 82.17 -6.58 -31.34
CA SER C 2 81.46 -5.88 -30.23
C SER C 2 80.19 -6.67 -29.86
N ILE C 3 79.06 -6.29 -30.47
CA ILE C 3 77.87 -7.10 -30.54
C ILE C 3 77.31 -6.94 -31.94
N ARG C 4 77.37 -7.99 -32.76
CA ARG C 4 76.89 -7.87 -34.14
C ARG C 4 75.76 -8.85 -34.47
N THR C 5 75.49 -9.77 -33.56
CA THR C 5 74.39 -10.71 -33.71
C THR C 5 73.61 -10.75 -32.41
N VAL C 6 72.30 -10.64 -32.52
CA VAL C 6 71.46 -10.66 -31.37
C VAL C 6 70.59 -11.95 -31.39
N GLY C 7 70.62 -12.69 -30.29
CA GLY C 7 69.67 -13.78 -30.10
C GLY C 7 68.40 -13.26 -29.48
N ILE C 8 67.25 -13.76 -29.92
CA ILE C 8 65.96 -13.40 -29.36
C ILE C 8 65.09 -14.62 -29.14
N VAL C 9 64.74 -14.91 -27.89
CA VAL C 9 63.84 -16.01 -27.55
C VAL C 9 62.40 -15.48 -27.42
N GLY C 10 61.53 -15.88 -28.35
CA GLY C 10 60.18 -15.28 -28.46
C GLY C 10 59.97 -14.49 -29.75
N ALA C 11 58.93 -14.80 -30.50
CA ALA C 11 58.67 -14.10 -31.76
C ALA C 11 57.29 -13.50 -31.82
N GLY C 12 56.77 -13.12 -30.65
CA GLY C 12 55.58 -12.27 -30.57
C GLY C 12 55.86 -10.76 -30.45
N THR C 13 54.83 -10.09 -30.00
CA THR C 13 54.80 -8.64 -29.93
C THR C 13 56.17 -8.11 -29.53
N MET C 14 56.66 -8.48 -28.36
CA MET C 14 57.97 -7.98 -27.96
C MET C 14 59.16 -8.53 -28.76
N GLY C 15 59.25 -9.82 -28.88
CA GLY C 15 60.40 -10.42 -29.50
C GLY C 15 60.56 -10.03 -30.96
N ASN C 16 59.45 -9.94 -31.73
CA ASN C 16 59.59 -9.48 -33.14
C ASN C 16 59.74 -7.96 -33.28
N GLY C 17 59.27 -7.23 -32.27
CA GLY C 17 59.59 -5.83 -32.14
C GLY C 17 61.10 -5.66 -31.95
N ILE C 18 61.70 -6.41 -31.05
CA ILE C 18 63.14 -6.28 -30.82
C ILE C 18 63.87 -6.74 -32.08
N ALA C 19 63.37 -7.77 -32.73
CA ALA C 19 63.94 -8.20 -34.01
C ALA C 19 63.99 -7.08 -35.04
N GLN C 20 62.85 -6.46 -35.30
CA GLN C 20 62.75 -5.42 -36.35
C GLN C 20 63.70 -4.28 -36.08
N ALA C 21 63.70 -3.79 -34.84
CA ALA C 21 64.58 -2.72 -34.42
C ALA C 21 66.02 -3.08 -34.64
N CYS C 22 66.37 -4.31 -34.28
CA CYS C 22 67.72 -4.79 -34.55
C CYS C 22 67.99 -4.83 -36.04
N ALA C 23 67.01 -5.35 -36.79
CA ALA C 23 67.22 -5.60 -38.18
C ALA C 23 67.43 -4.29 -38.91
N VAL C 24 66.63 -3.28 -38.60
CA VAL C 24 66.64 -2.00 -39.35
C VAL C 24 67.92 -1.13 -39.21
N VAL C 25 68.86 -1.48 -38.35
CA VAL C 25 70.15 -0.77 -38.25
C VAL C 25 71.26 -1.74 -38.60
N GLY C 26 70.93 -2.83 -39.29
CA GLY C 26 71.95 -3.74 -39.83
C GLY C 26 72.56 -4.71 -38.81
N LEU C 27 71.90 -4.91 -37.67
CA LEU C 27 72.24 -6.01 -36.79
C LEU C 27 71.68 -7.31 -37.33
N ASN C 28 72.46 -8.38 -37.18
CA ASN C 28 71.97 -9.73 -37.40
C ASN C 28 71.15 -10.17 -36.20
N VAL C 29 70.10 -10.91 -36.50
CA VAL C 29 69.16 -11.37 -35.53
C VAL C 29 68.95 -12.87 -35.72
N VAL C 30 69.00 -13.61 -34.62
CA VAL C 30 68.47 -14.96 -34.61
C VAL C 30 67.28 -14.97 -33.65
N MET C 31 66.14 -15.37 -34.18
CA MET C 31 64.88 -15.26 -33.53
C MET C 31 64.25 -16.64 -33.39
N VAL C 32 64.17 -17.12 -32.15
CA VAL C 32 63.76 -18.48 -31.85
C VAL C 32 62.39 -18.45 -31.19
N ASP C 33 61.47 -19.31 -31.65
CA ASP C 33 60.20 -19.57 -30.98
C ASP C 33 60.00 -21.08 -30.93
N ILE C 34 58.84 -21.52 -30.43
CA ILE C 34 58.57 -22.97 -30.22
C ILE C 34 58.04 -23.71 -31.43
N SER C 35 57.75 -23.00 -32.52
CA SER C 35 57.26 -23.63 -33.74
C SER C 35 57.35 -22.72 -34.96
N ASP C 36 57.44 -23.37 -36.14
CA ASP C 36 57.46 -22.72 -37.44
C ASP C 36 56.33 -21.72 -37.60
N ALA C 37 55.13 -22.17 -37.26
CA ALA C 37 53.98 -21.30 -37.35
C ALA C 37 54.20 -20.01 -36.56
N ALA C 38 54.83 -20.12 -35.38
CA ALA C 38 54.99 -19.00 -34.44
C ALA C 38 56.13 -18.05 -34.83
N VAL C 39 57.10 -18.60 -35.53
CA VAL C 39 58.24 -17.86 -36.08
C VAL C 39 57.77 -17.09 -37.33
N GLN C 40 57.16 -17.81 -38.27
CA GLN C 40 56.61 -17.19 -39.46
C GLN C 40 55.61 -16.11 -39.12
N LYS C 41 54.85 -16.30 -38.05
CA LYS C 41 53.86 -15.33 -37.61
C LYS C 41 54.56 -14.05 -37.15
N GLY C 42 55.69 -14.21 -36.44
CA GLY C 42 56.54 -13.08 -36.07
C GLY C 42 57.27 -12.38 -37.22
N VAL C 43 57.86 -13.17 -38.10
CA VAL C 43 58.47 -12.63 -39.33
C VAL C 43 57.44 -11.91 -40.21
N ALA C 44 56.20 -12.41 -40.24
CA ALA C 44 55.17 -11.78 -41.06
C ALA C 44 54.69 -10.45 -40.48
N THR C 45 54.58 -10.37 -39.16
CA THR C 45 54.28 -9.12 -38.43
C THR C 45 55.34 -8.04 -38.75
N VAL C 46 56.61 -8.45 -38.80
CA VAL C 46 57.71 -7.56 -39.14
C VAL C 46 57.55 -7.07 -40.57
N ALA C 47 57.33 -8.00 -41.50
CA ALA C 47 57.12 -7.65 -42.91
C ALA C 47 55.92 -6.73 -43.06
N SER C 48 54.83 -7.09 -42.42
CA SER C 48 53.60 -6.29 -42.51
C SER C 48 53.79 -4.84 -41.98
N SER C 49 54.62 -4.71 -40.94
CA SER C 49 54.97 -3.43 -40.35
C SER C 49 55.87 -2.56 -41.24
N LEU C 50 56.90 -3.15 -41.84
CA LEU C 50 57.69 -2.42 -42.86
C LEU C 50 56.80 -2.00 -44.05
N ASP C 51 55.78 -2.79 -44.42
CA ASP C 51 54.82 -2.36 -45.46
C ASP C 51 54.03 -1.10 -45.12
N ARG C 52 53.45 -1.04 -43.91
CA ARG C 52 52.77 0.19 -43.45
C ARG C 52 53.70 1.42 -43.58
N LEU C 53 54.98 1.26 -43.27
CA LEU C 53 55.97 2.33 -43.43
C LEU C 53 56.22 2.72 -44.90
N ILE C 54 56.36 1.73 -45.78
CA ILE C 54 56.56 1.97 -47.19
C ILE C 54 55.32 2.64 -47.80
N LYS C 55 54.14 2.18 -47.38
CA LYS C 55 52.87 2.82 -47.75
C LYS C 55 52.89 4.31 -47.43
N LYS C 56 53.34 4.63 -46.21
CA LYS C 56 53.41 6.02 -45.72
C LYS C 56 54.64 6.81 -46.22
N GLU C 57 55.34 6.31 -47.25
CA GLU C 57 56.46 7.01 -47.87
C GLU C 57 57.74 7.02 -47.00
N LYS C 58 57.72 6.31 -45.87
CA LYS C 58 58.77 6.42 -44.87
C LYS C 58 59.94 5.45 -45.05
N LEU C 59 59.78 4.44 -45.91
CA LEU C 59 60.85 3.51 -46.21
C LEU C 59 60.72 3.05 -47.61
N THR C 60 61.82 2.53 -48.13
CA THR C 60 61.81 1.91 -49.42
C THR C 60 61.80 0.38 -49.31
N GLU C 61 61.64 -0.30 -50.44
CA GLU C 61 61.57 -1.75 -50.49
C GLU C 61 62.95 -2.27 -50.32
N ALA C 62 63.93 -1.54 -50.83
CA ALA C 62 65.30 -1.91 -50.61
C ALA C 62 65.53 -2.03 -49.09
N ASP C 63 64.95 -1.08 -48.34
CA ASP C 63 65.10 -1.01 -46.88
C ASP C 63 64.40 -2.22 -46.29
N LYS C 64 63.15 -2.49 -46.71
CA LYS C 64 62.46 -3.71 -46.27
C LYS C 64 63.23 -5.00 -46.53
N ALA C 65 63.91 -5.09 -47.66
CA ALA C 65 64.56 -6.33 -47.98
C ALA C 65 65.83 -6.46 -47.16
N SER C 66 66.54 -5.36 -47.00
CA SER C 66 67.77 -5.39 -46.21
C SER C 66 67.53 -5.80 -44.74
N ALA C 67 66.39 -5.36 -44.17
CA ALA C 67 66.03 -5.71 -42.81
C ALA C 67 65.61 -7.18 -42.71
N LEU C 68 64.71 -7.63 -43.57
CA LEU C 68 64.35 -9.06 -43.58
C LEU C 68 65.52 -10.01 -43.78
N ALA C 69 66.51 -9.61 -44.53
CA ALA C 69 67.62 -10.52 -44.76
C ALA C 69 68.51 -10.59 -43.53
N ARG C 70 68.19 -9.81 -42.50
CA ARG C 70 68.97 -9.78 -41.27
C ARG C 70 68.37 -10.71 -40.23
N ILE C 71 67.11 -11.07 -40.45
CA ILE C 71 66.36 -11.83 -39.50
C ILE C 71 66.36 -13.28 -39.93
N LYS C 72 67.01 -14.12 -39.12
CA LYS C 72 67.00 -15.55 -39.33
C LYS C 72 66.06 -16.21 -38.29
N GLY C 73 64.99 -16.83 -38.77
CA GLY C 73 64.03 -17.58 -37.93
C GLY C 73 64.52 -18.99 -37.57
N SER C 74 63.99 -19.57 -36.51
CA SER C 74 64.53 -20.82 -36.00
C SER C 74 63.70 -21.35 -34.86
N THR C 75 63.71 -22.67 -34.73
CA THR C 75 63.14 -23.32 -33.57
C THR C 75 64.17 -24.08 -32.77
N SER C 76 65.45 -23.95 -33.07
CA SER C 76 66.44 -24.50 -32.13
C SER C 76 67.15 -23.47 -31.31
N TYR C 77 67.26 -23.78 -30.05
CA TYR C 77 68.15 -23.02 -29.18
C TYR C 77 69.61 -23.11 -29.56
N ASP C 78 70.03 -24.13 -30.30
CA ASP C 78 71.44 -24.21 -30.78
C ASP C 78 71.83 -23.09 -31.72
N ASP C 79 70.86 -22.55 -32.46
CA ASP C 79 71.13 -21.36 -33.28
C ASP C 79 71.61 -20.14 -32.45
N LEU C 80 71.28 -20.08 -31.16
CA LEU C 80 71.80 -19.03 -30.27
C LEU C 80 73.30 -19.13 -29.96
N LYS C 81 73.91 -20.31 -30.08
CA LYS C 81 75.36 -20.41 -29.94
C LYS C 81 76.08 -19.45 -30.88
N ALA C 82 75.46 -19.12 -32.02
CA ALA C 82 76.06 -18.16 -32.97
C ALA C 82 75.65 -16.71 -32.72
N THR C 83 75.52 -16.30 -31.47
CA THR C 83 75.13 -14.92 -31.20
C THR C 83 75.98 -14.36 -30.10
N ASP C 84 76.07 -13.04 -30.01
CA ASP C 84 76.86 -12.37 -28.96
C ASP C 84 76.07 -12.09 -27.68
N ILE C 85 74.75 -12.19 -27.78
CA ILE C 85 73.86 -11.87 -26.67
C ILE C 85 72.49 -12.49 -26.97
N VAL C 86 71.84 -13.00 -25.92
CA VAL C 86 70.50 -13.54 -26.06
C VAL C 86 69.57 -12.74 -25.19
N ILE C 87 68.48 -12.32 -25.80
CA ILE C 87 67.45 -11.54 -25.13
C ILE C 87 66.26 -12.46 -25.01
N GLU C 88 65.93 -12.83 -23.77
CA GLU C 88 64.72 -13.58 -23.48
C GLU C 88 63.51 -12.66 -23.51
N ALA C 89 62.55 -12.98 -24.37
CA ALA C 89 61.32 -12.16 -24.52
C ALA C 89 60.09 -12.97 -24.87
N ALA C 90 59.90 -14.03 -24.10
CA ALA C 90 58.90 -15.04 -24.36
C ALA C 90 57.69 -14.95 -23.40
N THR C 91 57.93 -14.65 -22.12
CA THR C 91 56.91 -14.89 -21.09
C THR C 91 57.19 -14.22 -19.76
N GLU C 92 56.11 -13.75 -19.11
CA GLU C 92 56.13 -13.19 -17.75
C GLU C 92 55.67 -14.23 -16.75
N ASN C 93 55.37 -15.43 -17.20
CA ASN C 93 55.21 -16.51 -16.25
C ASN C 93 56.59 -16.81 -15.61
N TYR C 94 56.73 -16.54 -14.31
CA TYR C 94 58.01 -16.71 -13.62
C TYR C 94 58.65 -18.10 -13.79
N ASP C 95 57.85 -19.15 -13.58
CA ASP C 95 58.32 -20.52 -13.70
C ASP C 95 58.79 -20.85 -15.14
N LEU C 96 57.97 -20.52 -16.14
CA LEU C 96 58.36 -20.88 -17.48
C LEU C 96 59.61 -20.10 -17.89
N LYS C 97 59.69 -18.84 -17.45
CA LYS C 97 60.76 -17.93 -17.83
C LYS C 97 62.10 -18.40 -17.26
N VAL C 98 62.07 -18.83 -16.00
CA VAL C 98 63.22 -19.44 -15.41
C VAL C 98 63.63 -20.69 -16.20
N LYS C 99 62.69 -21.51 -16.67
CA LYS C 99 63.12 -22.74 -17.39
C LYS C 99 63.82 -22.37 -18.68
N ILE C 100 63.36 -21.30 -19.29
CA ILE C 100 63.98 -20.81 -20.50
C ILE C 100 65.38 -20.25 -20.30
N LEU C 101 65.55 -19.40 -19.29
CA LEU C 101 66.88 -18.83 -18.99
C LEU C 101 67.93 -19.86 -18.60
N LYS C 102 67.50 -20.91 -17.94
CA LYS C 102 68.34 -22.01 -17.53
C LYS C 102 68.76 -22.83 -18.76
N GLN C 103 67.78 -23.02 -19.66
CA GLN C 103 68.05 -23.69 -20.91
C GLN C 103 69.10 -22.91 -21.73
N ILE C 104 68.86 -21.62 -21.94
CA ILE C 104 69.83 -20.74 -22.62
C ILE C 104 71.22 -20.84 -21.97
N ASP C 105 71.23 -20.62 -20.67
CA ASP C 105 72.45 -20.65 -19.94
C ASP C 105 73.20 -21.95 -20.23
N GLY C 106 72.45 -23.06 -20.35
CA GLY C 106 73.01 -24.36 -20.64
C GLY C 106 73.67 -24.43 -22.02
N ILE C 107 73.00 -23.90 -23.04
CA ILE C 107 73.47 -23.96 -24.44
C ILE C 107 74.65 -23.04 -24.83
N VAL C 108 74.74 -21.80 -24.33
CA VAL C 108 75.57 -20.74 -25.01
C VAL C 108 76.95 -20.65 -24.39
N GLY C 109 77.86 -19.92 -25.03
CA GLY C 109 79.23 -19.87 -24.55
C GLY C 109 79.30 -19.15 -23.23
N GLU C 110 80.39 -19.32 -22.48
CA GLU C 110 80.52 -18.59 -21.21
C GLU C 110 80.61 -17.05 -21.40
N ASN C 111 81.00 -16.60 -22.58
CA ASN C 111 81.08 -15.18 -22.95
C ASN C 111 79.76 -14.48 -23.26
N VAL C 112 78.74 -15.23 -23.65
CA VAL C 112 77.50 -14.61 -24.08
C VAL C 112 76.72 -14.04 -22.90
N ILE C 113 76.19 -12.86 -23.11
CA ILE C 113 75.41 -12.17 -22.11
C ILE C 113 74.00 -12.68 -22.31
N ILE C 114 73.32 -12.88 -21.22
CA ILE C 114 71.92 -13.20 -21.25
C ILE C 114 71.17 -12.00 -20.70
N ALA C 115 70.22 -11.51 -21.47
CA ALA C 115 69.31 -10.47 -21.00
C ALA C 115 67.88 -10.95 -21.04
N SER C 116 67.01 -10.33 -20.24
CA SER C 116 65.59 -10.64 -20.23
C SER C 116 64.75 -9.36 -20.32
N ASN C 117 63.73 -9.41 -21.14
CA ASN C 117 62.80 -8.33 -21.16
C ASN C 117 61.64 -8.74 -20.22
N THR C 118 61.28 -7.84 -19.33
CA THR C 118 60.34 -8.13 -18.28
C THR C 118 59.76 -6.84 -17.78
N SER C 119 58.47 -6.80 -17.59
CA SER C 119 57.90 -5.57 -17.21
C SER C 119 57.96 -5.36 -15.66
N SER C 120 58.56 -6.30 -14.88
CA SER C 120 58.60 -6.14 -13.40
C SER C 120 59.39 -7.18 -12.53
N ILE C 121 59.57 -8.41 -13.03
CA ILE C 121 60.30 -9.52 -12.30
C ILE C 121 61.72 -9.10 -11.81
N SER C 122 62.17 -9.51 -10.63
CA SER C 122 63.52 -9.19 -10.12
C SER C 122 64.64 -9.73 -11.00
N ILE C 123 65.53 -8.83 -11.41
CA ILE C 123 66.67 -9.15 -12.24
C ILE C 123 67.75 -9.89 -11.46
N THR C 124 67.95 -9.52 -10.21
CA THR C 124 68.85 -10.22 -9.31
C THR C 124 68.37 -11.66 -9.07
N LYS C 125 67.07 -11.83 -8.85
CA LYS C 125 66.52 -13.16 -8.71
C LYS C 125 66.72 -13.95 -10.04
N LEU C 126 66.35 -13.37 -11.19
CA LEU C 126 66.51 -14.09 -12.46
C LEU C 126 67.96 -14.50 -12.67
N ALA C 127 68.87 -13.57 -12.39
CA ALA C 127 70.29 -13.73 -12.64
C ALA C 127 70.84 -14.93 -11.87
N ALA C 128 70.30 -15.12 -10.66
CA ALA C 128 70.72 -16.19 -9.76
C ALA C 128 70.42 -17.60 -10.24
N VAL C 129 69.44 -17.75 -11.11
CA VAL C 129 69.10 -19.04 -11.63
C VAL C 129 70.03 -19.48 -12.77
N THR C 130 70.93 -18.62 -13.25
CA THR C 130 71.91 -18.99 -14.28
C THR C 130 73.29 -19.17 -13.64
N SER C 131 74.21 -19.73 -14.41
CA SER C 131 75.57 -19.95 -13.96
C SER C 131 76.41 -18.70 -14.13
N ARG C 132 75.81 -17.61 -14.60
CA ARG C 132 76.55 -16.46 -15.09
C ARG C 132 75.94 -15.12 -14.66
N ALA C 133 75.60 -15.00 -13.37
CA ALA C 133 74.84 -13.84 -12.88
C ALA C 133 75.46 -12.53 -13.31
N ASP C 134 76.80 -12.46 -13.24
CA ASP C 134 77.58 -11.31 -13.76
C ASP C 134 77.34 -11.02 -15.26
N ARG C 135 76.99 -12.03 -16.06
CA ARG C 135 76.72 -11.80 -17.49
C ARG C 135 75.20 -11.80 -17.74
N PHE C 136 74.46 -11.43 -16.70
CA PHE C 136 73.04 -11.33 -16.78
C PHE C 136 72.60 -9.87 -16.57
N ILE C 137 71.61 -9.45 -17.34
CA ILE C 137 71.04 -8.11 -17.20
C ILE C 137 69.60 -7.99 -17.77
N GLY C 138 68.81 -7.09 -17.16
CA GLY C 138 67.46 -6.80 -17.62
C GLY C 138 67.51 -5.73 -18.71
N MET C 139 66.83 -5.99 -19.83
CA MET C 139 66.78 -5.09 -21.00
C MET C 139 65.29 -4.98 -21.39
N HIS C 140 64.65 -4.01 -20.77
CA HIS C 140 63.23 -3.79 -20.89
C HIS C 140 62.97 -2.73 -21.94
N PHE C 141 62.27 -3.15 -22.99
CA PHE C 141 61.88 -2.37 -24.14
C PHE C 141 60.40 -2.12 -24.02
N PHE C 142 59.88 -1.23 -24.88
CA PHE C 142 58.47 -0.82 -24.79
C PHE C 142 57.69 -0.93 -26.07
N ASN C 143 56.63 -1.70 -25.98
CA ASN C 143 55.44 -1.59 -26.80
C ASN C 143 55.11 -0.21 -27.41
N PRO C 144 55.20 -0.05 -28.74
CA PRO C 144 55.81 -0.78 -29.85
C PRO C 144 57.29 -0.52 -30.01
N VAL C 145 58.05 -1.58 -30.00
CA VAL C 145 59.50 -1.50 -29.88
C VAL C 145 60.16 -0.72 -30.99
N PRO C 146 59.69 -0.82 -32.26
CA PRO C 146 60.44 -0.07 -33.26
C PRO C 146 60.31 1.42 -33.08
N VAL C 147 59.25 1.85 -32.41
CA VAL C 147 58.94 3.27 -32.30
C VAL C 147 59.43 3.85 -30.99
N MET C 148 59.18 3.16 -29.89
CA MET C 148 59.56 3.66 -28.56
C MET C 148 61.07 3.70 -28.36
N ALA C 149 61.58 4.86 -28.01
CA ALA C 149 63.04 5.09 -27.91
C ALA C 149 63.70 4.55 -26.65
N LEU C 150 62.94 4.36 -25.59
CA LEU C 150 63.52 4.06 -24.33
C LEU C 150 63.90 2.59 -24.22
N VAL C 151 65.06 2.36 -23.64
CA VAL C 151 65.41 1.02 -23.17
C VAL C 151 65.83 1.10 -21.70
N GLU C 152 65.10 0.36 -20.86
CA GLU C 152 65.48 0.23 -19.44
C GLU C 152 66.52 -0.90 -19.16
N LEU C 153 67.77 -0.53 -18.98
CA LEU C 153 68.78 -1.48 -18.56
C LEU C 153 68.74 -1.62 -17.04
N ILE C 154 68.41 -2.83 -16.57
CA ILE C 154 68.29 -3.04 -15.15
C ILE C 154 69.44 -3.91 -14.65
N ARG C 155 70.26 -3.35 -13.78
CA ARG C 155 71.35 -4.12 -13.15
C ARG C 155 70.86 -4.91 -11.93
N GLY C 156 70.99 -6.23 -11.98
CA GLY C 156 70.98 -7.03 -10.76
C GLY C 156 72.19 -6.63 -9.93
N LEU C 157 72.23 -7.01 -8.66
CA LEU C 157 73.44 -6.82 -7.83
C LEU C 157 74.69 -7.54 -8.38
N GLN C 158 74.48 -8.63 -9.12
CA GLN C 158 75.56 -9.44 -9.66
C GLN C 158 76.07 -8.88 -10.97
N THR C 159 75.28 -8.08 -11.70
CA THR C 159 75.60 -7.64 -13.07
C THR C 159 76.91 -6.87 -13.10
N SER C 160 77.82 -7.20 -14.00
CA SER C 160 79.15 -6.56 -14.01
C SER C 160 79.14 -5.23 -14.76
N ASP C 161 80.16 -4.40 -14.55
CA ASP C 161 80.28 -3.18 -15.36
C ASP C 161 80.42 -3.56 -16.85
N THR C 162 81.13 -4.65 -17.15
CA THR C 162 81.38 -5.03 -18.56
C THR C 162 80.08 -5.35 -19.32
N THR C 163 79.21 -6.07 -18.64
CA THR C 163 77.99 -6.52 -19.21
C THR C 163 77.13 -5.28 -19.46
N HIS C 164 77.08 -4.45 -18.43
CA HIS C 164 76.38 -3.19 -18.52
C HIS C 164 76.88 -2.30 -19.68
N ALA C 165 78.19 -2.12 -19.75
CA ALA C 165 78.80 -1.35 -20.81
C ALA C 165 78.42 -1.89 -22.18
N ALA C 166 78.39 -3.20 -22.29
CA ALA C 166 78.18 -3.83 -23.58
C ALA C 166 76.75 -3.62 -24.05
N VAL C 167 75.84 -3.69 -23.12
CA VAL C 167 74.39 -3.61 -23.41
C VAL C 167 73.95 -2.16 -23.60
N GLU C 168 74.67 -1.26 -22.96
CA GLU C 168 74.49 0.16 -23.20
C GLU C 168 74.88 0.49 -24.65
N ALA C 169 76.06 0.05 -25.06
CA ALA C 169 76.53 0.18 -26.46
C ALA C 169 75.49 -0.35 -27.45
N LEU C 170 74.95 -1.53 -27.18
CA LEU C 170 73.94 -2.08 -28.07
C LEU C 170 72.66 -1.23 -28.12
N SER C 171 72.24 -0.69 -26.99
CA SER C 171 71.05 0.20 -26.98
C SER C 171 71.27 1.40 -27.91
N LYS C 172 72.47 1.98 -27.83
CA LYS C 172 72.81 3.05 -28.77
C LYS C 172 72.91 2.57 -30.25
N GLN C 173 73.63 1.49 -30.53
CA GLN C 173 73.59 0.95 -31.86
C GLN C 173 72.15 0.93 -32.34
N LEU C 174 71.19 0.63 -31.48
CA LEU C 174 69.80 0.56 -31.98
C LEU C 174 69.15 1.91 -32.16
N GLY C 175 69.83 2.98 -31.75
CA GLY C 175 69.23 4.30 -31.71
C GLY C 175 68.28 4.49 -30.53
N LYS C 176 68.40 3.67 -29.51
CA LYS C 176 67.55 3.81 -28.36
C LYS C 176 68.31 4.60 -27.28
N TYR C 177 67.56 5.33 -26.47
CA TYR C 177 68.12 6.05 -25.33
C TYR C 177 68.09 5.10 -24.15
N PRO C 178 69.26 4.65 -23.72
CA PRO C 178 69.32 3.74 -22.58
C PRO C 178 69.28 4.46 -21.24
N ILE C 179 68.66 3.81 -20.27
CA ILE C 179 68.54 4.35 -18.92
C ILE C 179 68.95 3.19 -17.99
N THR C 180 69.86 3.44 -17.04
CA THR C 180 70.33 2.40 -16.10
C THR C 180 69.61 2.45 -14.75
N VAL C 181 68.91 1.38 -14.41
CA VAL C 181 68.17 1.28 -13.18
C VAL C 181 68.75 0.20 -12.26
N LYS C 182 69.01 0.57 -11.01
CA LYS C 182 69.27 -0.38 -9.94
C LYS C 182 67.98 -1.21 -9.72
N ASN C 183 68.13 -2.53 -9.66
CA ASN C 183 66.98 -3.45 -9.62
C ASN C 183 66.04 -3.21 -8.44
N SER C 184 64.76 -3.27 -8.73
CA SER C 184 63.76 -2.94 -7.78
C SER C 184 62.44 -3.18 -8.50
N PRO C 185 61.38 -3.45 -7.73
CA PRO C 185 60.10 -3.86 -8.33
C PRO C 185 59.50 -2.80 -9.20
N GLY C 186 59.22 -3.17 -10.45
CA GLY C 186 58.68 -2.23 -11.46
C GLY C 186 59.71 -1.30 -12.04
N PHE C 187 60.93 -1.47 -11.59
CA PHE C 187 62.06 -0.65 -12.02
C PHE C 187 61.74 0.85 -11.88
N VAL C 188 61.76 1.61 -12.97
CA VAL C 188 61.53 3.06 -12.92
C VAL C 188 60.24 3.40 -13.61
N VAL C 189 60.11 3.00 -14.86
CA VAL C 189 58.93 3.41 -15.61
C VAL C 189 57.61 2.87 -15.07
N ASN C 190 57.50 1.54 -14.97
CA ASN C 190 56.29 0.89 -14.51
C ASN C 190 56.01 1.16 -13.06
N ARG C 191 57.08 1.19 -12.26
CA ARG C 191 56.97 1.59 -10.88
C ARG C 191 56.20 2.89 -10.71
N ILE C 192 56.46 3.85 -11.60
CA ILE C 192 55.80 5.15 -11.52
C ILE C 192 54.44 5.17 -12.23
N LEU C 193 54.32 4.49 -13.37
CA LEU C 193 53.15 4.63 -14.22
C LEU C 193 52.01 3.69 -13.86
N CYS C 194 52.34 2.45 -13.56
CA CYS C 194 51.29 1.51 -13.21
C CYS C 194 50.45 1.95 -12.01
N PRO C 195 51.10 2.39 -10.90
CA PRO C 195 50.28 2.83 -9.78
C PRO C 195 49.41 4.01 -10.14
N MET C 196 49.90 4.89 -11.00
CA MET C 196 49.04 5.93 -11.51
C MET C 196 47.80 5.32 -12.17
N ILE C 197 47.99 4.35 -13.07
CA ILE C 197 46.87 3.70 -13.72
C ILE C 197 45.97 3.01 -12.68
N ASN C 198 46.58 2.32 -11.76
CA ASN C 198 45.81 1.77 -10.66
C ASN C 198 44.90 2.85 -9.98
N GLU C 199 45.40 4.06 -9.85
CA GLU C 199 44.71 5.09 -9.11
C GLU C 199 43.52 5.60 -9.88
N ALA C 200 43.63 5.61 -11.22
CA ALA C 200 42.48 5.92 -12.07
C ALA C 200 41.44 4.85 -11.92
N PHE C 201 41.86 3.60 -11.74
CA PHE C 201 40.87 2.60 -11.42
C PHE C 201 40.19 2.79 -10.06
N CYS C 202 40.90 3.29 -9.04
CA CYS C 202 40.27 3.50 -7.73
C CYS C 202 39.26 4.64 -7.88
N VAL C 203 39.70 5.72 -8.52
CA VAL C 203 38.79 6.83 -8.80
C VAL C 203 37.46 6.38 -9.47
N LEU C 204 37.56 5.49 -10.46
CA LEU C 204 36.44 5.00 -11.25
C LEU C 204 35.60 4.09 -10.45
N GLY C 205 36.28 3.19 -9.75
CA GLY C 205 35.63 2.33 -8.77
C GLY C 205 34.92 3.12 -7.67
N GLU C 206 35.45 4.29 -7.28
CA GLU C 206 34.86 5.06 -6.18
C GLU C 206 33.63 5.91 -6.62
N GLY C 207 33.24 5.82 -7.89
CA GLY C 207 32.12 6.57 -8.44
C GLY C 207 32.23 8.10 -8.64
N LEU C 208 33.46 8.63 -8.71
CA LEU C 208 33.67 10.12 -8.71
C LEU C 208 33.43 10.79 -10.05
N ALA C 209 33.74 10.08 -11.12
CA ALA C 209 33.53 10.60 -12.47
C ALA C 209 33.39 9.41 -13.39
N SER C 210 32.95 9.64 -14.61
CA SER C 210 32.93 8.59 -15.64
C SER C 210 34.34 8.29 -16.24
N PRO C 211 34.49 7.16 -16.95
CA PRO C 211 35.78 6.84 -17.56
C PRO C 211 36.24 7.86 -18.58
N GLU C 212 35.31 8.31 -19.41
CA GLU C 212 35.62 9.29 -20.44
C GLU C 212 36.18 10.52 -19.73
N GLU C 213 35.51 10.88 -18.65
CA GLU C 213 35.87 12.04 -17.88
C GLU C 213 37.22 11.90 -17.17
N ILE C 214 37.53 10.75 -16.57
CA ILE C 214 38.87 10.50 -16.06
C ILE C 214 39.93 10.68 -17.15
N ASP C 215 39.68 10.09 -18.33
CA ASP C 215 40.68 10.12 -19.40
C ASP C 215 40.86 11.53 -19.97
N GLU C 216 39.76 12.23 -20.27
CA GLU C 216 39.86 13.62 -20.77
C GLU C 216 40.56 14.51 -19.76
N GLY C 217 40.22 14.36 -18.49
CA GLY C 217 40.97 15.02 -17.42
C GLY C 217 42.48 14.94 -17.56
N MET C 218 42.97 13.73 -17.76
CA MET C 218 44.38 13.50 -17.85
C MET C 218 45.03 14.04 -19.11
N LYS C 219 44.30 13.98 -20.24
CA LYS C 219 44.81 14.50 -21.54
C LYS C 219 44.89 16.02 -21.58
N LEU C 220 43.75 16.64 -21.30
CA LEU C 220 43.64 18.08 -21.30
C LEU C 220 44.45 18.58 -20.10
N GLY C 221 44.00 18.30 -18.88
CA GLY C 221 44.68 18.72 -17.68
C GLY C 221 46.18 18.58 -17.66
N CYS C 222 46.74 17.47 -18.12
CA CYS C 222 48.18 17.19 -17.93
C CYS C 222 48.91 16.95 -19.21
N ASN C 223 48.15 17.04 -20.29
CA ASN C 223 48.71 16.97 -21.62
C ASN C 223 49.20 15.59 -21.88
N HIS C 224 48.52 14.59 -21.30
CA HIS C 224 48.89 13.20 -21.55
C HIS C 224 48.43 12.75 -22.94
N PRO C 225 49.30 12.02 -23.67
CA PRO C 225 48.99 11.63 -25.05
C PRO C 225 47.76 10.78 -25.12
N ILE C 226 47.50 10.02 -24.06
CA ILE C 226 46.34 9.15 -23.92
C ILE C 226 46.00 9.03 -22.43
N GLY C 227 44.72 8.81 -22.10
CA GLY C 227 44.26 8.75 -20.73
C GLY C 227 44.46 7.39 -20.05
N PRO C 228 44.63 7.38 -18.71
CA PRO C 228 45.02 6.18 -18.01
C PRO C 228 44.22 4.92 -18.38
N LEU C 229 42.90 5.04 -18.43
CA LEU C 229 42.00 3.89 -18.55
C LEU C 229 42.10 3.28 -19.94
N ALA C 230 41.99 4.12 -20.96
CA ALA C 230 42.32 3.75 -22.34
C ALA C 230 43.73 3.10 -22.46
N LEU C 231 44.72 3.68 -21.81
CA LEU C 231 46.06 3.13 -21.85
C LEU C 231 46.04 1.73 -21.23
N ALA C 232 45.27 1.52 -20.18
CA ALA C 232 45.27 0.23 -19.53
C ALA C 232 44.73 -0.82 -20.46
N ASP C 233 43.55 -0.56 -21.04
CA ASP C 233 42.92 -1.41 -22.07
C ASP C 233 43.90 -1.74 -23.21
N MET C 234 44.84 -0.85 -23.50
CA MET C 234 45.86 -1.12 -24.52
C MET C 234 47.03 -1.98 -24.06
N ILE C 235 47.53 -1.75 -22.85
CA ILE C 235 48.62 -2.53 -22.28
C ILE C 235 48.12 -3.91 -21.93
N GLY C 236 46.82 -3.99 -21.59
CA GLY C 236 46.16 -5.21 -21.14
C GLY C 236 45.92 -5.23 -19.62
N LEU C 237 44.68 -5.43 -19.19
CA LEU C 237 44.34 -5.38 -17.78
C LEU C 237 44.96 -6.53 -17.00
N ASP C 238 44.97 -7.72 -17.58
CA ASP C 238 45.69 -8.85 -16.98
C ASP C 238 47.15 -8.46 -16.72
N THR C 239 47.74 -7.67 -17.59
CA THR C 239 49.13 -7.27 -17.39
C THR C 239 49.31 -6.19 -16.32
N MET C 240 48.29 -5.35 -16.17
CA MET C 240 48.37 -4.24 -15.24
C MET C 240 48.32 -4.84 -13.85
N LEU C 241 47.32 -5.68 -13.65
CA LEU C 241 47.15 -6.49 -12.44
C LEU C 241 48.42 -7.25 -12.07
N ALA C 242 49.06 -7.83 -13.05
CA ALA C 242 50.29 -8.58 -12.77
C ALA C 242 51.40 -7.69 -12.17
N VAL C 243 51.54 -6.47 -12.71
CA VAL C 243 52.58 -5.57 -12.23
C VAL C 243 52.29 -5.09 -10.80
N MET C 244 51.03 -4.75 -10.54
CA MET C 244 50.61 -4.30 -9.21
C MET C 244 50.79 -5.40 -8.19
N GLU C 245 50.45 -6.63 -8.58
CA GLU C 245 50.63 -7.76 -7.71
C GLU C 245 52.11 -7.99 -7.37
N VAL C 246 53.02 -7.67 -8.28
CA VAL C 246 54.43 -7.81 -7.98
C VAL C 246 54.87 -6.68 -7.06
N LEU C 247 54.34 -5.49 -7.27
CA LEU C 247 54.64 -4.41 -6.39
C LEU C 247 54.20 -4.72 -4.92
N TYR C 248 52.97 -5.16 -4.76
CA TYR C 248 52.40 -5.42 -3.44
C TYR C 248 53.19 -6.53 -2.76
N THR C 249 53.36 -7.62 -3.50
CA THR C 249 54.09 -8.78 -3.00
C THR C 249 55.57 -8.56 -2.74
N GLU C 250 56.25 -7.86 -3.63
CA GLU C 250 57.66 -7.68 -3.51
C GLU C 250 57.97 -6.62 -2.51
N PHE C 251 57.24 -5.50 -2.55
CA PHE C 251 57.36 -4.50 -1.49
C PHE C 251 56.69 -4.98 -0.17
N ALA C 252 55.65 -5.79 -0.29
CA ALA C 252 54.95 -6.25 0.90
C ALA C 252 54.20 -5.06 1.55
N ASP C 253 53.67 -4.18 0.71
CA ASP C 253 53.10 -2.93 1.14
C ASP C 253 51.76 -2.64 0.43
N PRO C 254 50.65 -2.62 1.23
CA PRO C 254 49.29 -2.33 0.73
C PRO C 254 49.15 -0.96 0.08
N LYS C 255 50.14 -0.10 0.16
CA LYS C 255 50.16 1.08 -0.72
C LYS C 255 49.92 0.75 -2.22
N TYR C 256 50.44 -0.40 -2.66
CA TYR C 256 50.36 -0.87 -4.02
C TYR C 256 49.27 -1.89 -4.15
N ARG C 257 48.34 -1.94 -3.19
CA ARG C 257 47.19 -2.83 -3.29
C ARG C 257 46.46 -2.60 -4.64
N PRO C 258 46.13 -3.65 -5.37
CA PRO C 258 45.36 -3.38 -6.59
C PRO C 258 43.93 -2.92 -6.35
N ALA C 259 43.44 -2.08 -7.27
CA ALA C 259 42.04 -1.64 -7.30
C ALA C 259 41.12 -2.79 -7.50
N MET C 260 40.08 -2.81 -6.71
CA MET C 260 39.12 -3.87 -6.77
C MET C 260 38.44 -3.96 -8.15
N LEU C 261 38.20 -2.84 -8.79
CA LEU C 261 37.56 -2.88 -10.09
C LEU C 261 38.45 -3.53 -11.15
N MET C 262 39.75 -3.30 -11.07
CA MET C 262 40.68 -3.93 -12.00
C MET C 262 40.67 -5.46 -11.80
N ARG C 263 40.53 -5.91 -10.55
CA ARG C 263 40.51 -7.34 -10.25
C ARG C 263 39.25 -7.98 -10.84
N GLU C 264 38.13 -7.25 -10.76
CA GLU C 264 36.85 -7.67 -11.32
C GLU C 264 36.87 -7.86 -12.82
N MET C 265 37.41 -6.87 -13.52
CA MET C 265 37.40 -6.93 -14.97
C MET C 265 38.25 -8.08 -15.45
N VAL C 266 39.42 -8.27 -14.84
CA VAL C 266 40.30 -9.39 -15.19
C VAL C 266 39.58 -10.72 -14.98
N ALA C 267 38.95 -10.88 -13.82
CA ALA C 267 38.16 -12.06 -13.51
C ALA C 267 37.10 -12.37 -14.59
N ALA C 268 36.56 -11.32 -15.19
CA ALA C 268 35.50 -11.49 -16.12
C ALA C 268 36.03 -11.75 -17.55
N GLY C 269 37.35 -11.76 -17.73
CA GLY C 269 37.93 -11.80 -19.06
C GLY C 269 38.00 -10.47 -19.79
N TYR C 270 37.62 -9.39 -19.11
CA TYR C 270 37.66 -8.08 -19.73
C TYR C 270 39.05 -7.54 -19.71
N LEU C 271 39.90 -8.00 -20.63
CA LEU C 271 41.33 -7.70 -20.56
C LEU C 271 41.79 -6.48 -21.36
N GLY C 272 40.85 -5.70 -21.89
CA GLY C 272 41.20 -4.59 -22.79
C GLY C 272 41.00 -4.95 -24.26
N ARG C 273 41.79 -4.32 -25.14
CA ARG C 273 41.70 -4.52 -26.60
C ARG C 273 41.84 -6.00 -27.04
N LYS C 274 43.00 -6.59 -26.79
CA LYS C 274 43.23 -8.03 -27.02
C LYS C 274 42.05 -9.00 -26.77
N THR C 275 40.94 -8.55 -26.16
CA THR C 275 39.72 -9.36 -25.98
C THR C 275 38.42 -8.62 -26.36
N GLY C 276 38.54 -7.41 -26.88
CA GLY C 276 37.38 -6.65 -27.27
C GLY C 276 36.68 -5.99 -26.09
N ARG C 277 37.30 -5.96 -24.91
CA ARG C 277 36.66 -5.36 -23.78
C ARG C 277 37.59 -5.22 -22.64
N GLY C 278 37.53 -4.05 -22.03
CA GLY C 278 38.08 -3.80 -20.72
C GLY C 278 37.25 -2.71 -20.06
N VAL C 279 37.79 -1.50 -20.04
CA VAL C 279 37.06 -0.39 -19.53
C VAL C 279 36.06 0.05 -20.57
N TYR C 280 36.53 0.14 -21.82
CA TYR C 280 35.67 0.45 -22.96
C TYR C 280 35.47 -0.81 -23.79
N VAL C 281 34.49 -0.77 -24.69
CA VAL C 281 34.19 -1.86 -25.61
C VAL C 281 34.96 -1.64 -26.91
N TYR C 282 35.42 -2.72 -27.53
CA TYR C 282 36.16 -2.61 -28.80
C TYR C 282 35.48 -3.51 -29.84
N SER C 283 36.14 -3.78 -30.95
CA SER C 283 35.56 -4.58 -32.03
C SER C 283 35.35 -6.08 -31.69
N LYS C 284 34.68 -6.79 -32.59
CA LYS C 284 34.34 -8.22 -32.43
C LYS C 284 33.63 -8.45 -31.10
N SER D 2 -14.25 27.23 -6.75
CA SER D 2 -13.80 26.23 -7.75
C SER D 2 -12.49 25.60 -7.30
N ILE D 3 -12.32 24.31 -7.56
CA ILE D 3 -11.13 23.60 -7.11
C ILE D 3 -10.54 22.70 -8.20
N ARG D 4 -9.48 23.16 -8.86
CA ARG D 4 -8.78 22.31 -9.82
C ARG D 4 -7.28 22.16 -9.51
N THR D 5 -6.83 22.53 -8.31
CA THR D 5 -5.45 22.25 -7.87
C THR D 5 -5.32 21.80 -6.41
N VAL D 6 -5.20 20.48 -6.20
CA VAL D 6 -5.16 19.82 -4.87
C VAL D 6 -3.75 19.62 -4.28
N GLY D 7 -3.45 20.35 -3.21
CA GLY D 7 -2.25 20.07 -2.39
C GLY D 7 -2.33 18.75 -1.62
N ILE D 8 -1.25 17.97 -1.66
CA ILE D 8 -1.14 16.74 -0.85
C ILE D 8 0.19 16.71 -0.07
N VAL D 9 0.11 16.34 1.20
CA VAL D 9 1.31 16.20 1.99
C VAL D 9 1.40 14.78 2.50
N GLY D 10 2.47 14.11 2.09
CA GLY D 10 2.66 12.68 2.28
C GLY D 10 2.43 12.04 0.95
N ALA D 11 3.32 11.13 0.58
CA ALA D 11 3.24 10.44 -0.70
C ALA D 11 3.26 8.94 -0.53
N GLY D 12 2.81 8.45 0.63
CA GLY D 12 2.73 7.00 0.91
C GLY D 12 1.41 6.46 0.39
N THR D 13 0.99 5.29 0.87
CA THR D 13 -0.21 4.61 0.38
C THR D 13 -1.40 5.56 0.14
N MET D 14 -1.84 6.26 1.21
CA MET D 14 -3.00 7.16 1.13
C MET D 14 -2.76 8.35 0.22
N GLY D 15 -1.61 8.98 0.37
CA GLY D 15 -1.23 10.14 -0.45
C GLY D 15 -1.26 9.93 -1.95
N ASN D 16 -0.70 8.82 -2.45
CA ASN D 16 -0.80 8.46 -3.88
C ASN D 16 -2.25 8.22 -4.19
N GLY D 17 -2.90 7.49 -3.29
CA GLY D 17 -4.32 7.23 -3.39
C GLY D 17 -5.05 8.49 -3.78
N ILE D 18 -4.96 9.52 -2.94
CA ILE D 18 -5.71 10.76 -3.15
C ILE D 18 -5.23 11.46 -4.42
N ALA D 19 -3.93 11.37 -4.68
CA ALA D 19 -3.31 12.02 -5.85
C ALA D 19 -3.86 11.41 -7.12
N GLN D 20 -3.69 10.12 -7.24
CA GLN D 20 -4.22 9.40 -8.37
C GLN D 20 -5.68 9.70 -8.59
N ALA D 21 -6.44 9.63 -7.50
CA ALA D 21 -7.87 9.75 -7.57
C ALA D 21 -8.30 11.09 -8.09
N CYS D 22 -7.48 12.11 -7.85
CA CYS D 22 -7.73 13.46 -8.37
C CYS D 22 -7.23 13.60 -9.80
N ALA D 23 -6.04 13.02 -10.05
CA ALA D 23 -5.38 13.08 -11.35
C ALA D 23 -6.18 12.43 -12.48
N VAL D 24 -6.68 11.22 -12.27
CA VAL D 24 -7.50 10.54 -13.27
C VAL D 24 -8.85 11.24 -13.52
N VAL D 25 -9.09 12.33 -12.80
CA VAL D 25 -10.27 13.15 -13.00
C VAL D 25 -9.79 14.53 -13.46
N GLY D 26 -8.61 14.55 -14.07
CA GLY D 26 -8.03 15.77 -14.59
C GLY D 26 -7.81 16.89 -13.57
N LEU D 27 -7.40 16.54 -12.36
CA LEU D 27 -7.08 17.55 -11.36
C LEU D 27 -5.59 17.61 -11.15
N ASN D 28 -5.14 18.83 -10.91
CA ASN D 28 -3.72 19.15 -10.76
C ASN D 28 -3.28 18.86 -9.35
N VAL D 29 -2.53 17.78 -9.18
CA VAL D 29 -2.05 17.39 -7.87
C VAL D 29 -0.65 17.91 -7.65
N VAL D 30 -0.41 18.52 -6.50
CA VAL D 30 0.92 18.91 -6.04
C VAL D 30 1.25 18.06 -4.81
N MET D 31 1.86 16.91 -5.05
CA MET D 31 2.21 15.98 -3.98
C MET D 31 3.54 16.43 -3.40
N VAL D 32 3.67 16.36 -2.08
CA VAL D 32 4.85 16.91 -1.37
C VAL D 32 5.30 15.92 -0.28
N ASP D 33 6.50 15.36 -0.38
CA ASP D 33 7.03 14.52 0.71
C ASP D 33 8.40 15.09 1.14
N ILE D 34 9.11 14.37 2.02
CA ILE D 34 10.39 14.85 2.58
C ILE D 34 11.62 14.53 1.75
N SER D 35 11.63 13.38 1.09
CA SER D 35 12.72 13.06 0.17
C SER D 35 12.25 13.21 -1.27
N ASP D 36 13.18 12.97 -2.19
CA ASP D 36 12.84 12.75 -3.60
C ASP D 36 12.50 11.28 -3.78
N ALA D 37 13.20 10.43 -3.02
CA ALA D 37 12.89 9.00 -2.92
C ALA D 37 11.39 8.73 -2.70
N ALA D 38 10.87 9.29 -1.61
CA ALA D 38 9.48 9.07 -1.25
C ALA D 38 8.54 9.59 -2.34
N VAL D 39 8.89 10.74 -2.94
CA VAL D 39 8.08 11.32 -4.01
C VAL D 39 7.92 10.34 -5.19
N GLN D 40 9.03 9.99 -5.82
CA GLN D 40 9.00 9.08 -6.98
C GLN D 40 8.42 7.73 -6.64
N LYS D 41 8.76 7.23 -5.45
CA LYS D 41 8.14 6.00 -4.95
C LYS D 41 6.62 6.16 -4.82
N GLY D 42 6.18 7.39 -4.57
CA GLY D 42 4.76 7.72 -4.64
C GLY D 42 4.27 7.60 -6.07
N VAL D 43 5.03 8.20 -7.00
CA VAL D 43 4.79 8.07 -8.45
C VAL D 43 4.94 6.63 -9.01
N ALA D 44 5.73 5.80 -8.35
CA ALA D 44 5.89 4.40 -8.76
C ALA D 44 4.62 3.60 -8.50
N THR D 45 4.10 3.66 -7.29
CA THR D 45 2.96 2.82 -6.92
C THR D 45 1.74 3.25 -7.73
N VAL D 46 1.70 4.52 -8.13
CA VAL D 46 0.67 5.00 -9.06
C VAL D 46 0.89 4.47 -10.48
N ALA D 47 2.13 4.51 -10.96
CA ALA D 47 2.45 3.92 -12.24
C ALA D 47 2.07 2.43 -12.22
N SER D 48 2.68 1.68 -11.31
CA SER D 48 2.39 0.25 -11.11
C SER D 48 0.87 -0.07 -11.09
N SER D 49 0.11 0.79 -10.42
CA SER D 49 -1.33 0.60 -10.21
C SER D 49 -2.19 1.05 -11.41
N LEU D 50 -1.77 2.16 -12.03
CA LEU D 50 -2.29 2.58 -13.34
C LEU D 50 -2.09 1.48 -14.40
N ASP D 51 -0.92 0.82 -14.40
CA ASP D 51 -0.64 -0.31 -15.30
C ASP D 51 -1.72 -1.38 -15.22
N ARG D 52 -2.07 -1.77 -14.01
CA ARG D 52 -3.03 -2.87 -13.78
C ARG D 52 -4.39 -2.62 -14.42
N LEU D 53 -4.77 -1.35 -14.54
CA LEU D 53 -6.02 -0.96 -15.20
C LEU D 53 -5.93 -1.12 -16.72
N ILE D 54 -4.73 -0.86 -17.27
CA ILE D 54 -4.46 -1.12 -18.69
C ILE D 54 -4.70 -2.61 -18.96
N LYS D 55 -4.27 -3.45 -18.03
CA LYS D 55 -4.43 -4.91 -18.16
C LYS D 55 -5.85 -5.47 -17.96
N LYS D 56 -6.84 -4.64 -17.62
CA LYS D 56 -8.26 -5.05 -17.69
C LYS D 56 -9.14 -4.01 -18.43
N GLU D 57 -8.57 -3.42 -19.49
CA GLU D 57 -9.31 -2.52 -20.39
C GLU D 57 -10.07 -1.36 -19.71
N LYS D 58 -9.67 -0.99 -18.49
CA LYS D 58 -10.15 0.22 -17.84
C LYS D 58 -9.29 1.35 -18.43
N LEU D 59 -9.95 2.32 -19.05
CA LEU D 59 -9.29 3.36 -19.87
C LEU D 59 -7.98 3.93 -19.27
N THR D 60 -6.89 4.07 -20.04
CA THR D 60 -6.64 3.43 -21.35
C THR D 60 -5.12 3.21 -21.37
N GLU D 61 -4.44 3.91 -22.28
CA GLU D 61 -3.00 4.10 -22.27
C GLU D 61 -2.71 5.61 -22.26
N ALA D 62 -3.40 6.34 -23.13
CA ALA D 62 -3.28 7.80 -23.20
C ALA D 62 -3.59 8.47 -21.86
N ASP D 63 -4.53 7.90 -21.11
CA ASP D 63 -4.90 8.46 -19.81
C ASP D 63 -3.80 8.23 -18.78
N LYS D 64 -3.22 7.03 -18.76
CA LYS D 64 -2.04 6.81 -17.93
C LYS D 64 -1.16 8.04 -18.04
N ALA D 65 -0.60 8.26 -19.22
CA ALA D 65 0.16 9.48 -19.51
C ALA D 65 -0.59 10.74 -19.06
N SER D 66 -1.88 10.82 -19.38
CA SER D 66 -2.67 12.04 -19.19
C SER D 66 -2.70 12.50 -17.73
N ALA D 67 -3.04 11.57 -16.85
CA ALA D 67 -3.03 11.85 -15.42
C ALA D 67 -1.64 12.32 -14.91
N LEU D 68 -0.57 11.67 -15.36
CA LEU D 68 0.77 11.85 -14.78
C LEU D 68 1.36 13.25 -14.85
N ALA D 69 1.36 13.87 -16.03
CA ALA D 69 1.86 15.25 -16.14
C ALA D 69 1.03 16.19 -15.25
N ARG D 70 -0.18 15.75 -14.91
CA ARG D 70 -1.03 16.48 -13.98
C ARG D 70 -0.53 16.36 -12.52
N ILE D 71 0.13 15.27 -12.15
CA ILE D 71 0.79 15.18 -10.85
C ILE D 71 2.17 15.85 -10.88
N LYS D 72 2.44 16.65 -9.86
CA LYS D 72 3.61 17.51 -9.82
C LYS D 72 4.38 17.24 -8.56
N GLY D 73 5.08 16.10 -8.52
CA GLY D 73 5.82 15.67 -7.33
C GLY D 73 6.87 16.67 -6.90
N SER D 74 6.66 17.31 -5.74
CA SER D 74 7.60 18.28 -5.16
C SER D 74 8.16 17.85 -3.81
N THR D 75 9.08 18.64 -3.28
CA THR D 75 9.65 18.36 -1.96
C THR D 75 9.84 19.64 -1.10
N SER D 76 9.48 20.80 -1.64
CA SER D 76 9.40 22.02 -0.84
C SER D 76 7.94 22.45 -0.77
N TYR D 77 7.59 22.96 0.41
CA TYR D 77 6.21 23.17 0.78
C TYR D 77 5.61 24.41 0.10
N ASP D 78 6.47 25.29 -0.40
CA ASP D 78 6.01 26.53 -1.05
C ASP D 78 5.24 26.22 -2.33
N ASP D 79 5.37 24.99 -2.85
CA ASP D 79 4.65 24.57 -4.07
C ASP D 79 3.15 24.57 -3.92
N LEU D 80 2.72 24.48 -2.67
CA LEU D 80 1.33 24.50 -2.28
C LEU D 80 0.78 25.94 -2.14
N LYS D 81 1.46 26.94 -2.69
CA LYS D 81 0.80 28.21 -3.02
C LYS D 81 0.01 28.05 -4.33
N ALA D 82 0.41 27.07 -5.15
CA ALA D 82 -0.30 26.72 -6.38
C ALA D 82 -1.70 26.14 -6.12
N THR D 83 -2.10 26.04 -4.86
CA THR D 83 -3.18 25.12 -4.49
C THR D 83 -4.47 25.78 -4.00
N ASP D 84 -5.58 25.15 -4.37
CA ASP D 84 -6.92 25.56 -3.95
C ASP D 84 -7.22 24.98 -2.55
N ILE D 85 -6.58 23.84 -2.24
CA ILE D 85 -6.80 23.08 -1.00
C ILE D 85 -5.68 22.06 -0.72
N VAL D 86 -5.21 22.02 0.52
CA VAL D 86 -4.17 21.06 0.94
C VAL D 86 -4.77 19.95 1.82
N ILE D 87 -4.46 18.71 1.47
CA ILE D 87 -4.86 17.54 2.27
C ILE D 87 -3.63 16.94 2.92
N GLU D 88 -3.58 16.93 4.25
CA GLU D 88 -2.49 16.27 4.97
C GLU D 88 -2.78 14.81 5.09
N ALA D 89 -1.76 14.01 4.80
CA ALA D 89 -1.90 12.57 4.74
C ALA D 89 -0.55 11.90 5.03
N ALA D 90 0.18 12.49 5.97
CA ALA D 90 1.51 12.01 6.30
C ALA D 90 1.45 11.04 7.45
N THR D 91 0.74 11.40 8.51
CA THR D 91 0.88 10.69 9.80
C THR D 91 -0.36 10.68 10.74
N GLU D 92 -0.50 9.61 11.53
CA GLU D 92 -1.45 9.57 12.65
C GLU D 92 -0.78 9.94 13.99
N ASN D 93 0.46 10.44 13.93
CA ASN D 93 1.08 11.00 15.11
C ASN D 93 0.54 12.40 15.41
N TYR D 94 -0.05 12.58 16.60
CA TYR D 94 -0.67 13.85 16.94
C TYR D 94 0.30 15.02 16.85
N ASP D 95 1.38 14.94 17.61
CA ASP D 95 2.30 16.09 17.69
C ASP D 95 2.87 16.43 16.34
N LEU D 96 3.12 15.41 15.52
CA LEU D 96 3.64 15.61 14.19
C LEU D 96 2.59 16.17 13.23
N LYS D 97 1.36 15.72 13.39
CA LYS D 97 0.26 16.26 12.60
C LYS D 97 0.14 17.75 12.79
N VAL D 98 0.23 18.19 14.05
CA VAL D 98 0.03 19.61 14.36
C VAL D 98 1.06 20.44 13.62
N LYS D 99 2.34 20.16 13.88
CA LYS D 99 3.47 20.77 13.17
C LYS D 99 3.22 20.87 11.68
N ILE D 100 2.94 19.73 11.03
CA ILE D 100 2.67 19.74 9.59
C ILE D 100 1.57 20.72 9.20
N LEU D 101 0.44 20.69 9.91
CA LEU D 101 -0.67 21.62 9.61
C LEU D 101 -0.35 23.07 9.85
N LYS D 102 0.47 23.35 10.86
CA LYS D 102 0.89 24.73 11.12
C LYS D 102 1.80 25.24 10.01
N GLN D 103 2.75 24.41 9.64
CA GLN D 103 3.64 24.69 8.51
C GLN D 103 2.79 25.03 7.30
N ILE D 104 1.85 24.14 7.02
CA ILE D 104 0.89 24.34 5.92
C ILE D 104 0.06 25.60 6.06
N ASP D 105 -0.45 25.83 7.27
CA ASP D 105 -1.20 27.05 7.56
C ASP D 105 -0.36 28.30 7.26
N GLY D 106 0.91 28.27 7.66
CA GLY D 106 1.85 29.37 7.38
C GLY D 106 2.06 29.71 5.91
N ILE D 107 2.10 28.71 5.04
CA ILE D 107 2.31 28.93 3.60
C ILE D 107 1.06 29.46 2.88
N VAL D 108 -0.04 28.73 2.91
CA VAL D 108 -1.20 29.02 2.03
C VAL D 108 -1.98 30.23 2.51
N GLY D 109 -2.78 30.77 1.60
CA GLY D 109 -3.60 31.95 1.86
C GLY D 109 -4.82 31.67 2.73
N GLU D 110 -5.24 32.69 3.50
CA GLU D 110 -6.35 32.60 4.47
C GLU D 110 -7.62 31.86 4.02
N ASN D 111 -7.92 31.94 2.72
CA ASN D 111 -9.13 31.37 2.20
C ASN D 111 -8.95 29.99 1.60
N VAL D 112 -7.73 29.46 1.67
CA VAL D 112 -7.45 28.12 1.15
C VAL D 112 -7.90 27.11 2.20
N ILE D 113 -8.45 25.99 1.76
CA ILE D 113 -8.93 24.95 2.68
C ILE D 113 -7.85 23.95 3.02
N ILE D 114 -7.76 23.66 4.30
CA ILE D 114 -6.86 22.65 4.83
C ILE D 114 -7.66 21.45 5.39
N ALA D 115 -7.42 20.28 4.82
CA ALA D 115 -8.01 19.05 5.31
C ALA D 115 -6.90 18.20 5.89
N SER D 116 -7.30 17.22 6.71
CA SER D 116 -6.39 16.24 7.28
C SER D 116 -7.12 14.92 7.26
N ASN D 117 -6.42 13.90 6.80
CA ASN D 117 -6.96 12.55 6.73
C ASN D 117 -6.61 11.83 8.05
N THR D 118 -7.57 11.11 8.61
CA THR D 118 -7.36 10.53 9.94
C THR D 118 -8.52 9.59 10.22
N SER D 119 -8.23 8.52 10.96
CA SER D 119 -9.25 7.57 11.44
C SER D 119 -9.73 7.92 12.84
N SER D 120 -8.89 8.58 13.62
CA SER D 120 -9.05 8.63 15.08
C SER D 120 -8.87 10.01 15.68
N ILE D 121 -7.98 10.82 15.12
CA ILE D 121 -7.67 12.09 15.73
C ILE D 121 -8.88 13.04 15.65
N SER D 122 -9.15 13.75 16.75
CA SER D 122 -10.20 14.78 16.83
C SER D 122 -9.99 15.92 15.84
N ILE D 123 -10.85 15.97 14.83
CA ILE D 123 -10.83 17.06 13.83
C ILE D 123 -11.01 18.48 14.41
N THR D 124 -11.88 18.63 15.41
CA THR D 124 -12.02 19.91 16.10
C THR D 124 -10.72 20.29 16.76
N LYS D 125 -10.07 19.34 17.41
CA LYS D 125 -8.78 19.65 18.09
C LYS D 125 -7.70 20.08 17.10
N LEU D 126 -7.64 19.41 15.94
CA LEU D 126 -6.71 19.83 14.91
C LEU D 126 -7.08 21.18 14.32
N ALA D 127 -8.31 21.35 13.89
CA ALA D 127 -8.72 22.59 13.25
C ALA D 127 -8.29 23.81 14.07
N ALA D 128 -8.43 23.72 15.40
CA ALA D 128 -8.11 24.85 16.29
C ALA D 128 -6.64 25.23 16.39
N VAL D 129 -5.70 24.37 15.93
CA VAL D 129 -4.29 24.81 15.84
C VAL D 129 -3.99 25.64 14.60
N THR D 130 -4.94 25.73 13.66
CA THR D 130 -4.77 26.59 12.51
C THR D 130 -5.38 27.96 12.76
N SER D 131 -5.04 28.92 11.88
CA SER D 131 -5.42 30.34 12.02
C SER D 131 -6.85 30.61 11.57
N ARG D 132 -7.33 29.79 10.62
CA ARG D 132 -8.73 29.80 10.21
C ARG D 132 -9.32 28.37 10.38
N ALA D 133 -9.78 28.05 11.58
CA ALA D 133 -10.42 26.76 11.84
C ALA D 133 -11.67 26.57 10.99
N ASP D 134 -12.40 27.64 10.70
CA ASP D 134 -13.57 27.56 9.83
C ASP D 134 -13.24 27.02 8.44
N ARG D 135 -11.98 27.11 8.06
CA ARG D 135 -11.49 26.60 6.77
C ARG D 135 -10.88 25.19 6.87
N PHE D 136 -11.00 24.56 8.06
CA PHE D 136 -10.46 23.23 8.31
C PHE D 136 -11.54 22.18 8.28
N ILE D 137 -11.23 21.01 7.74
CA ILE D 137 -12.16 19.89 7.75
C ILE D 137 -11.47 18.52 7.66
N GLY D 138 -12.09 17.49 8.24
CA GLY D 138 -11.60 16.11 8.19
C GLY D 138 -12.01 15.32 6.96
N MET D 139 -11.07 14.54 6.45
CA MET D 139 -11.39 13.49 5.50
C MET D 139 -10.86 12.17 6.02
N HIS D 140 -11.59 11.12 5.75
CA HIS D 140 -11.13 9.79 6.04
C HIS D 140 -11.44 9.04 4.75
N PHE D 141 -10.39 8.73 3.98
CA PHE D 141 -10.49 7.95 2.76
C PHE D 141 -10.27 6.52 3.14
N PHE D 142 -10.67 5.60 2.25
CA PHE D 142 -10.63 4.18 2.56
C PHE D 142 -9.62 3.33 1.78
N ASN D 143 -9.28 2.20 2.39
CA ASN D 143 -7.89 1.79 2.54
C ASN D 143 -7.10 1.42 1.30
N PRO D 144 -7.81 0.99 0.22
CA PRO D 144 -7.36 1.08 -1.21
C PRO D 144 -8.04 2.25 -1.93
N VAL D 145 -7.36 3.40 -1.99
CA VAL D 145 -8.04 4.68 -2.15
C VAL D 145 -8.65 4.99 -3.52
N PRO D 146 -8.13 4.41 -4.61
CA PRO D 146 -8.82 4.71 -5.87
C PRO D 146 -10.11 3.86 -6.11
N VAL D 147 -10.10 2.58 -5.76
CA VAL D 147 -11.29 1.73 -5.99
C VAL D 147 -12.45 1.96 -5.00
N MET D 148 -12.15 2.27 -3.73
CA MET D 148 -13.20 2.50 -2.69
C MET D 148 -13.98 3.81 -2.93
N ALA D 149 -15.29 3.69 -3.18
CA ALA D 149 -16.10 4.83 -3.59
C ALA D 149 -16.79 5.52 -2.43
N LEU D 150 -16.08 5.73 -1.33
CA LEU D 150 -16.59 6.62 -0.26
C LEU D 150 -15.53 7.27 0.60
N VAL D 151 -15.94 8.38 1.21
CA VAL D 151 -15.11 9.20 2.07
C VAL D 151 -15.94 9.74 3.22
N GLU D 152 -15.33 9.82 4.42
CA GLU D 152 -16.00 10.43 5.55
C GLU D 152 -15.55 11.87 5.63
N LEU D 153 -16.53 12.77 5.55
CA LEU D 153 -16.31 14.20 5.64
C LEU D 153 -16.68 14.57 7.04
N ILE D 154 -15.68 14.83 7.85
CA ILE D 154 -15.86 15.06 9.26
C ILE D 154 -15.75 16.54 9.62
N ARG D 155 -16.88 17.16 9.94
CA ARG D 155 -16.85 18.57 10.29
C ARG D 155 -16.32 18.68 11.68
N GLY D 156 -15.34 19.53 11.89
CA GLY D 156 -15.04 19.96 13.23
C GLY D 156 -16.15 20.90 13.66
N LEU D 157 -16.20 21.18 14.94
CA LEU D 157 -17.10 22.21 15.45
C LEU D 157 -17.00 23.51 14.67
N GLN D 158 -15.83 23.82 14.10
CA GLN D 158 -15.59 25.12 13.44
C GLN D 158 -15.79 25.08 11.93
N THR D 159 -15.81 23.90 11.33
CA THR D 159 -15.91 23.84 9.90
C THR D 159 -17.14 24.58 9.40
N SER D 160 -16.94 25.57 8.54
CA SER D 160 -18.07 26.31 7.94
C SER D 160 -18.78 25.52 6.88
N ASP D 161 -20.01 25.96 6.60
CA ASP D 161 -20.84 25.35 5.55
C ASP D 161 -20.23 25.44 4.15
N THR D 162 -19.52 26.52 3.88
CA THR D 162 -18.85 26.68 2.60
C THR D 162 -17.62 25.77 2.47
N THR D 163 -16.85 25.65 3.56
CA THR D 163 -15.73 24.71 3.58
C THR D 163 -16.33 23.36 3.27
N HIS D 164 -17.48 23.08 3.89
CA HIS D 164 -18.10 21.76 3.72
C HIS D 164 -18.57 21.53 2.30
N ALA D 165 -19.31 22.48 1.71
CA ALA D 165 -19.84 22.24 0.35
C ALA D 165 -18.72 22.02 -0.70
N ALA D 166 -17.69 22.84 -0.61
CA ALA D 166 -16.50 22.74 -1.49
C ALA D 166 -15.92 21.37 -1.49
N VAL D 167 -15.64 20.89 -0.28
CA VAL D 167 -15.04 19.59 -0.11
C VAL D 167 -16.03 18.48 -0.47
N GLU D 168 -17.31 18.69 -0.20
CA GLU D 168 -18.38 17.78 -0.65
C GLU D 168 -18.38 17.58 -2.19
N ALA D 169 -18.31 18.69 -2.93
CA ALA D 169 -18.31 18.64 -4.38
C ALA D 169 -17.02 18.02 -4.94
N LEU D 170 -15.90 18.42 -4.34
CA LEU D 170 -14.60 17.84 -4.66
C LEU D 170 -14.63 16.35 -4.51
N SER D 171 -15.33 15.88 -3.49
CA SER D 171 -15.46 14.46 -3.29
C SER D 171 -16.25 13.86 -4.41
N LYS D 172 -17.41 14.47 -4.73
CA LYS D 172 -18.30 13.93 -5.76
C LYS D 172 -17.52 13.92 -7.03
N GLN D 173 -16.85 15.02 -7.30
CA GLN D 173 -15.98 15.14 -8.45
C GLN D 173 -15.04 13.92 -8.60
N LEU D 174 -14.40 13.50 -7.50
CA LEU D 174 -13.54 12.30 -7.53
C LEU D 174 -14.30 10.96 -7.67
N GLY D 175 -15.62 11.00 -7.84
CA GLY D 175 -16.41 9.79 -8.04
C GLY D 175 -16.68 9.02 -6.78
N LYS D 176 -16.47 9.70 -5.65
CA LYS D 176 -16.71 9.09 -4.36
C LYS D 176 -18.12 9.44 -3.90
N TYR D 177 -18.66 8.62 -2.99
CA TYR D 177 -19.85 8.98 -2.26
C TYR D 177 -19.41 9.52 -0.89
N PRO D 178 -19.58 10.83 -0.65
CA PRO D 178 -19.27 11.44 0.63
C PRO D 178 -20.31 11.21 1.70
N ILE D 179 -19.86 11.27 2.94
CA ILE D 179 -20.64 10.92 4.11
C ILE D 179 -20.35 11.98 5.14
N THR D 180 -21.30 12.86 5.46
CA THR D 180 -21.01 13.94 6.43
C THR D 180 -21.18 13.47 7.88
N VAL D 181 -20.26 13.90 8.74
CA VAL D 181 -20.21 13.37 10.10
C VAL D 181 -19.75 14.45 11.02
N LYS D 182 -20.46 14.68 12.12
CA LYS D 182 -19.93 15.57 13.17
C LYS D 182 -18.73 14.86 13.83
N ASN D 183 -17.62 15.55 13.97
CA ASN D 183 -16.47 15.01 14.71
C ASN D 183 -16.95 14.32 16.00
N SER D 184 -16.72 12.99 16.09
CA SER D 184 -17.08 12.12 17.23
C SER D 184 -16.14 10.90 17.17
N PRO D 185 -15.80 10.35 18.33
CA PRO D 185 -14.89 9.25 18.25
C PRO D 185 -15.37 8.10 17.32
N GLY D 186 -14.49 7.65 16.42
CA GLY D 186 -14.80 6.63 15.38
C GLY D 186 -15.72 7.10 14.26
N PHE D 187 -15.99 8.38 14.22
CA PHE D 187 -16.89 8.88 13.21
C PHE D 187 -18.14 7.96 13.05
N VAL D 188 -18.49 7.56 11.84
CA VAL D 188 -19.56 6.64 11.64
C VAL D 188 -19.02 5.21 11.44
N VAL D 189 -18.02 5.06 10.59
CA VAL D 189 -17.73 3.72 10.17
C VAL D 189 -17.10 2.89 11.24
N ASN D 190 -15.96 3.35 11.71
CA ASN D 190 -15.27 2.56 12.72
C ASN D 190 -16.10 2.47 13.96
N ARG D 191 -16.85 3.53 14.23
CA ARG D 191 -17.73 3.54 15.38
C ARG D 191 -18.73 2.46 15.43
N ILE D 192 -19.33 2.08 14.32
CA ILE D 192 -20.25 0.97 14.42
C ILE D 192 -19.65 -0.39 14.08
N LEU D 193 -18.69 -0.43 13.19
CA LEU D 193 -18.05 -1.69 12.83
C LEU D 193 -17.13 -2.22 13.94
N CYS D 194 -16.30 -1.36 14.53
CA CYS D 194 -15.22 -1.92 15.35
C CYS D 194 -15.70 -2.47 16.67
N PRO D 195 -16.78 -1.91 17.24
CA PRO D 195 -17.35 -2.59 18.44
C PRO D 195 -18.00 -3.95 18.16
N MET D 196 -18.39 -4.14 16.91
CA MET D 196 -18.91 -5.42 16.51
C MET D 196 -17.79 -6.42 16.51
N ILE D 197 -16.66 -6.07 15.88
CA ILE D 197 -15.53 -6.96 15.82
C ILE D 197 -15.22 -7.32 17.28
N ASN D 198 -15.03 -6.32 18.10
CA ASN D 198 -14.89 -6.53 19.54
C ASN D 198 -15.86 -7.55 20.20
N GLU D 199 -17.13 -7.50 19.82
CA GLU D 199 -18.07 -8.43 20.41
C GLU D 199 -17.81 -9.87 19.96
N ALA D 200 -17.36 -10.06 18.70
CA ALA D 200 -16.85 -11.39 18.23
C ALA D 200 -15.72 -11.89 19.12
N PHE D 201 -14.77 -11.03 19.42
CA PHE D 201 -13.73 -11.45 20.37
C PHE D 201 -14.32 -11.78 21.74
N CYS D 202 -15.37 -11.07 22.17
CA CYS D 202 -15.97 -11.41 23.45
C CYS D 202 -16.60 -12.80 23.39
N VAL D 203 -17.21 -13.13 22.26
CA VAL D 203 -17.87 -14.43 22.13
C VAL D 203 -16.80 -15.51 22.11
N LEU D 204 -15.79 -15.33 21.27
CA LEU D 204 -14.67 -16.25 21.20
C LEU D 204 -14.01 -16.32 22.59
N GLY D 205 -13.83 -15.16 23.17
CA GLY D 205 -13.26 -15.08 24.48
C GLY D 205 -13.97 -15.95 25.49
N GLU D 206 -15.30 -15.99 25.43
CA GLU D 206 -16.10 -16.70 26.45
C GLU D 206 -16.26 -18.20 26.17
N GLY D 207 -15.59 -18.71 25.15
CA GLY D 207 -15.77 -20.13 24.80
C GLY D 207 -17.09 -20.51 24.17
N LEU D 208 -17.91 -19.60 23.68
CA LEU D 208 -19.23 -20.03 23.21
C LEU D 208 -19.17 -20.79 21.90
N ALA D 209 -18.18 -20.52 21.08
CA ALA D 209 -18.09 -21.11 19.76
C ALA D 209 -16.67 -20.98 19.22
N SER D 210 -16.35 -21.68 18.14
CA SER D 210 -15.00 -21.62 17.58
C SER D 210 -14.88 -20.40 16.67
N PRO D 211 -13.64 -19.90 16.47
CA PRO D 211 -13.45 -18.78 15.58
C PRO D 211 -14.10 -19.02 14.20
N GLU D 212 -13.73 -20.12 13.55
CA GLU D 212 -14.18 -20.40 12.18
C GLU D 212 -15.67 -20.33 12.10
N GLU D 213 -16.34 -20.96 13.06
CA GLU D 213 -17.82 -20.95 13.09
C GLU D 213 -18.44 -19.59 13.40
N ILE D 214 -17.77 -18.78 14.21
CA ILE D 214 -18.22 -17.45 14.50
C ILE D 214 -18.25 -16.68 13.20
N ASP D 215 -17.18 -16.88 12.42
CA ASP D 215 -17.04 -16.17 11.16
C ASP D 215 -18.08 -16.69 10.16
N GLU D 216 -18.37 -17.98 10.19
CA GLU D 216 -19.35 -18.56 9.28
C GLU D 216 -20.75 -18.05 9.57
N GLY D 217 -21.10 -18.13 10.85
CA GLY D 217 -22.35 -17.57 11.36
C GLY D 217 -22.65 -16.19 10.78
N MET D 218 -21.61 -15.34 10.71
CA MET D 218 -21.75 -13.96 10.27
C MET D 218 -21.76 -13.80 8.77
N LYS D 219 -20.88 -14.55 8.09
CA LYS D 219 -20.84 -14.65 6.62
C LYS D 219 -22.21 -15.07 6.08
N LEU D 220 -22.68 -16.22 6.55
CA LEU D 220 -23.85 -16.88 6.00
C LEU D 220 -25.17 -16.36 6.54
N GLY D 221 -25.15 -15.88 7.78
CA GLY D 221 -26.33 -15.39 8.45
C GLY D 221 -26.70 -13.95 8.11
N CYS D 222 -25.71 -13.12 7.84
CA CYS D 222 -25.95 -11.71 7.55
C CYS D 222 -25.29 -11.31 6.27
N ASN D 223 -24.77 -12.29 5.56
CA ASN D 223 -24.25 -12.08 4.23
C ASN D 223 -23.11 -11.08 4.23
N HIS D 224 -22.31 -11.10 5.27
CA HIS D 224 -21.18 -10.20 5.37
C HIS D 224 -20.10 -10.87 4.52
N PRO D 225 -19.32 -10.10 3.78
CA PRO D 225 -18.30 -10.67 2.89
C PRO D 225 -17.21 -11.45 3.63
N ILE D 226 -16.74 -10.88 4.73
CA ILE D 226 -15.67 -11.48 5.52
C ILE D 226 -16.25 -11.56 6.91
N GLY D 227 -15.78 -12.53 7.69
CA GLY D 227 -16.20 -12.66 9.06
C GLY D 227 -15.41 -11.68 9.91
N PRO D 228 -16.00 -11.25 11.05
CA PRO D 228 -15.31 -10.26 11.91
C PRO D 228 -13.93 -10.71 12.42
N LEU D 229 -13.73 -11.99 12.73
CA LEU D 229 -12.44 -12.34 13.29
C LEU D 229 -11.36 -12.25 12.22
N ALA D 230 -11.61 -12.91 11.09
CA ALA D 230 -10.77 -12.80 9.88
C ALA D 230 -10.51 -11.33 9.51
N LEU D 231 -11.57 -10.53 9.59
CA LEU D 231 -11.47 -9.13 9.26
C LEU D 231 -10.50 -8.48 10.20
N ALA D 232 -10.56 -8.87 11.47
CA ALA D 232 -9.71 -8.27 12.49
C ALA D 232 -8.26 -8.58 12.21
N ASP D 233 -8.01 -9.81 11.78
CA ASP D 233 -6.66 -10.24 11.38
C ASP D 233 -6.12 -9.45 10.19
N MET D 234 -6.97 -9.03 9.25
CA MET D 234 -6.52 -8.11 8.15
C MET D 234 -6.25 -6.67 8.59
N ILE D 235 -7.15 -6.12 9.42
CA ILE D 235 -6.96 -4.77 9.91
C ILE D 235 -5.73 -4.66 10.82
N GLY D 236 -5.45 -5.71 11.58
CA GLY D 236 -4.37 -5.66 12.58
C GLY D 236 -5.07 -5.54 13.92
N LEU D 237 -4.77 -6.45 14.85
CA LEU D 237 -5.44 -6.44 16.14
C LEU D 237 -4.92 -5.32 17.04
N ASP D 238 -3.68 -4.93 16.83
CA ASP D 238 -3.12 -3.74 17.46
C ASP D 238 -3.82 -2.45 17.03
N THR D 239 -4.22 -2.39 15.76
CA THR D 239 -5.04 -1.32 15.20
C THR D 239 -6.47 -1.37 15.76
N MET D 240 -7.06 -2.57 15.81
CA MET D 240 -8.35 -2.85 16.50
C MET D 240 -8.41 -2.47 17.99
N LEU D 241 -7.40 -2.86 18.76
CA LEU D 241 -7.34 -2.53 20.19
C LEU D 241 -7.30 -1.02 20.38
N ALA D 242 -6.46 -0.39 19.57
CA ALA D 242 -6.26 1.03 19.65
C ALA D 242 -7.58 1.79 19.35
N VAL D 243 -8.31 1.39 18.31
CA VAL D 243 -9.61 2.03 18.04
C VAL D 243 -10.51 1.88 19.28
N MET D 244 -10.59 0.65 19.75
CA MET D 244 -11.40 0.37 20.91
C MET D 244 -10.95 1.17 22.13
N GLU D 245 -9.67 1.43 22.28
CA GLU D 245 -9.22 2.22 23.41
C GLU D 245 -9.63 3.66 23.28
N VAL D 246 -9.66 4.12 22.05
CA VAL D 246 -10.07 5.47 21.79
C VAL D 246 -11.58 5.66 22.09
N LEU D 247 -12.37 4.69 21.68
CA LEU D 247 -13.77 4.75 21.99
C LEU D 247 -13.93 4.78 23.49
N TYR D 248 -13.25 3.86 24.16
CA TYR D 248 -13.37 3.75 25.61
C TYR D 248 -12.87 5.01 26.29
N THR D 249 -11.85 5.63 25.77
CA THR D 249 -11.22 6.73 26.48
C THR D 249 -11.91 8.04 26.18
N GLU D 250 -12.22 8.27 24.92
CA GLU D 250 -12.88 9.50 24.51
C GLU D 250 -14.34 9.58 25.02
N PHE D 251 -15.08 8.47 24.99
CA PHE D 251 -16.43 8.42 25.59
C PHE D 251 -16.42 8.27 27.09
N ALA D 252 -15.32 7.70 27.62
CA ALA D 252 -15.19 7.41 29.04
C ALA D 252 -16.33 6.52 29.50
N ASP D 253 -16.58 5.42 28.76
CA ASP D 253 -17.73 4.54 28.97
C ASP D 253 -17.31 3.10 28.67
N PRO D 254 -17.35 2.25 29.71
CA PRO D 254 -16.97 0.87 29.58
C PRO D 254 -17.83 0.04 28.68
N LYS D 255 -18.92 0.60 28.18
CA LYS D 255 -19.68 -0.07 27.10
C LYS D 255 -18.72 -0.48 25.99
N TYR D 256 -17.67 0.32 25.80
CA TYR D 256 -16.62 0.10 24.80
C TYR D 256 -15.33 -0.55 25.37
N ARG D 257 -15.39 -1.24 26.50
CA ARG D 257 -14.26 -2.04 27.01
C ARG D 257 -13.64 -2.80 25.86
N PRO D 258 -12.34 -2.72 25.69
CA PRO D 258 -11.77 -3.75 24.83
C PRO D 258 -12.02 -5.20 25.30
N ALA D 259 -12.27 -6.12 24.37
CA ALA D 259 -12.31 -7.57 24.68
C ALA D 259 -10.97 -8.06 25.24
N MET D 260 -11.02 -8.94 26.25
CA MET D 260 -9.83 -9.30 26.97
C MET D 260 -8.93 -10.19 26.13
N LEU D 261 -9.53 -11.04 25.32
CA LEU D 261 -8.78 -11.88 24.39
C LEU D 261 -8.04 -10.98 23.42
N MET D 262 -8.66 -9.88 23.05
CA MET D 262 -8.02 -8.97 22.12
C MET D 262 -6.77 -8.38 22.75
N ARG D 263 -6.85 -8.11 24.05
CA ARG D 263 -5.72 -7.51 24.76
C ARG D 263 -4.56 -8.46 24.87
N GLU D 264 -4.88 -9.73 25.04
CA GLU D 264 -3.92 -10.78 25.22
C GLU D 264 -3.23 -11.14 23.91
N MET D 265 -4.02 -11.25 22.85
CA MET D 265 -3.39 -11.50 21.57
C MET D 265 -2.46 -10.34 21.24
N VAL D 266 -2.88 -9.10 21.48
CA VAL D 266 -2.01 -7.97 21.22
C VAL D 266 -0.80 -7.96 22.15
N ALA D 267 -0.96 -8.29 23.41
CA ALA D 267 0.18 -8.35 24.31
C ALA D 267 1.18 -9.38 23.82
N ALA D 268 0.68 -10.44 23.19
CA ALA D 268 1.55 -11.53 22.73
C ALA D 268 2.29 -11.27 21.42
N GLY D 269 1.89 -10.26 20.67
CA GLY D 269 2.44 -10.04 19.33
C GLY D 269 1.71 -10.82 18.25
N TYR D 270 0.62 -11.46 18.62
CA TYR D 270 -0.19 -12.15 17.66
C TYR D 270 -1.16 -11.10 17.07
N LEU D 271 -0.72 -10.38 16.03
CA LEU D 271 -1.37 -9.16 15.55
C LEU D 271 -2.23 -9.33 14.25
N GLY D 272 -2.26 -10.52 13.68
CA GLY D 272 -2.98 -10.77 12.44
C GLY D 272 -2.05 -11.21 11.32
N ARG D 273 -2.55 -11.08 10.09
CA ARG D 273 -1.79 -11.34 8.88
C ARG D 273 -0.40 -10.72 8.86
N LYS D 274 -0.27 -9.53 9.43
CA LYS D 274 1.01 -8.83 9.41
C LYS D 274 2.13 -9.37 10.31
N THR D 275 1.83 -10.31 11.20
CA THR D 275 2.83 -11.05 11.96
C THR D 275 2.71 -12.54 11.70
N GLY D 276 1.79 -12.94 10.82
CA GLY D 276 1.53 -14.35 10.52
C GLY D 276 0.54 -15.03 11.46
N ARG D 277 0.09 -14.32 12.48
CA ARG D 277 -0.70 -14.91 13.53
C ARG D 277 -1.52 -13.87 14.24
N GLY D 278 -2.82 -14.13 14.31
CA GLY D 278 -3.72 -13.39 15.15
C GLY D 278 -4.69 -14.41 15.65
N VAL D 279 -5.94 -14.29 15.21
CA VAL D 279 -6.97 -15.22 15.64
C VAL D 279 -6.68 -16.56 14.98
N TYR D 280 -6.29 -16.49 13.71
CA TYR D 280 -5.90 -17.64 12.95
C TYR D 280 -4.41 -17.53 12.65
N VAL D 281 -3.84 -18.62 12.12
CA VAL D 281 -2.43 -18.67 11.71
C VAL D 281 -2.34 -18.63 10.18
N TYR D 282 -1.30 -17.93 9.69
CA TYR D 282 -1.16 -17.58 8.28
C TYR D 282 0.19 -17.96 7.72
N SER D 283 0.23 -18.27 6.42
CA SER D 283 1.45 -18.79 5.76
C SER D 283 2.67 -17.85 5.82
N LYS D 284 2.65 -16.79 5.01
CA LYS D 284 3.78 -15.84 4.91
C LYS D 284 4.87 -16.36 3.98
N SER E 2 8.29 -16.78 -16.97
CA SER E 2 9.60 -16.88 -16.27
C SER E 2 9.94 -18.35 -15.96
N ILE E 3 9.72 -18.76 -14.71
CA ILE E 3 10.29 -19.96 -14.13
C ILE E 3 9.21 -20.80 -13.47
N ARG E 4 8.93 -21.95 -14.07
CA ARG E 4 8.02 -22.92 -13.46
C ARG E 4 8.80 -23.98 -12.66
N THR E 5 10.04 -24.30 -13.08
CA THR E 5 10.87 -25.39 -12.49
C THR E 5 12.31 -25.00 -12.09
N VAL E 6 12.74 -25.47 -10.92
CA VAL E 6 14.00 -25.03 -10.29
C VAL E 6 14.88 -26.20 -9.91
N GLY E 7 16.02 -26.32 -10.58
CA GLY E 7 17.04 -27.33 -10.27
C GLY E 7 17.96 -26.86 -9.17
N ILE E 8 18.50 -27.80 -8.40
CA ILE E 8 19.37 -27.53 -7.27
C ILE E 8 20.44 -28.61 -7.16
N VAL E 9 21.68 -28.33 -7.55
CA VAL E 9 22.78 -29.28 -7.32
C VAL E 9 23.39 -29.05 -5.94
N GLY E 10 23.24 -30.04 -5.07
CA GLY E 10 23.57 -29.89 -3.65
C GLY E 10 22.28 -30.17 -2.90
N ALA E 11 22.38 -30.87 -1.77
CA ALA E 11 21.20 -31.31 -1.02
C ALA E 11 21.44 -31.57 0.47
N GLY E 12 22.50 -30.99 1.02
CA GLY E 12 22.75 -31.06 2.48
C GLY E 12 22.01 -29.94 3.15
N THR E 13 22.53 -29.44 4.27
CA THR E 13 21.78 -28.42 5.04
C THR E 13 21.14 -27.33 4.18
N MET E 14 21.85 -26.86 3.15
CA MET E 14 21.41 -25.68 2.39
C MET E 14 20.45 -26.02 1.25
N GLY E 15 20.91 -26.85 0.30
CA GLY E 15 20.16 -27.16 -0.92
C GLY E 15 18.76 -27.74 -0.69
N ASN E 16 18.57 -28.46 0.42
CA ASN E 16 17.24 -28.97 0.78
C ASN E 16 16.41 -27.96 1.59
N GLY E 17 17.10 -26.99 2.19
CA GLY E 17 16.45 -25.79 2.72
C GLY E 17 15.89 -25.02 1.54
N ILE E 18 16.69 -24.88 0.49
CA ILE E 18 16.21 -24.17 -0.69
C ILE E 18 15.08 -24.94 -1.34
N ALA E 19 15.19 -26.26 -1.33
CA ALA E 19 14.24 -27.11 -2.04
C ALA E 19 12.88 -26.99 -1.38
N GLN E 20 12.90 -27.09 -0.05
CA GLN E 20 11.74 -26.87 0.80
C GLN E 20 11.09 -25.55 0.49
N ALA E 21 11.91 -24.51 0.46
CA ALA E 21 11.48 -23.14 0.20
C ALA E 21 10.81 -23.01 -1.15
N CYS E 22 11.37 -23.69 -2.15
CA CYS E 22 10.75 -23.73 -3.50
C CYS E 22 9.45 -24.54 -3.54
N ALA E 23 9.39 -25.60 -2.73
CA ALA E 23 8.24 -26.52 -2.73
C ALA E 23 6.96 -25.90 -2.14
N VAL E 24 7.13 -25.22 -1.01
CA VAL E 24 6.01 -24.78 -0.19
C VAL E 24 5.17 -23.73 -0.92
N VAL E 25 5.78 -23.01 -1.85
CA VAL E 25 5.03 -22.05 -2.68
C VAL E 25 4.68 -22.58 -4.09
N GLY E 26 4.89 -23.89 -4.31
CA GLY E 26 4.45 -24.58 -5.53
C GLY E 26 5.35 -24.48 -6.78
N LEU E 27 6.65 -24.71 -6.60
CA LEU E 27 7.58 -24.77 -7.72
C LEU E 27 8.22 -26.14 -7.78
N ASN E 28 8.52 -26.57 -9.00
CA ASN E 28 9.06 -27.89 -9.24
C ASN E 28 10.50 -27.90 -8.87
N VAL E 29 10.87 -28.81 -7.98
CA VAL E 29 12.24 -28.95 -7.52
C VAL E 29 12.87 -30.25 -8.01
N VAL E 30 13.77 -30.15 -8.98
CA VAL E 30 14.63 -31.28 -9.40
C VAL E 30 15.88 -31.32 -8.52
N MET E 31 15.75 -31.67 -7.25
CA MET E 31 16.93 -31.70 -6.37
C MET E 31 17.83 -32.87 -6.76
N VAL E 32 19.13 -32.60 -6.89
CA VAL E 32 20.17 -33.60 -7.28
C VAL E 32 21.18 -33.79 -6.12
N ASP E 33 22.10 -34.72 -6.27
CA ASP E 33 23.24 -34.90 -5.37
C ASP E 33 24.04 -36.08 -6.00
N ILE E 34 25.16 -36.48 -5.40
CA ILE E 34 26.02 -37.54 -5.96
C ILE E 34 25.34 -38.90 -6.03
N SER E 35 24.77 -39.34 -4.92
CA SER E 35 24.40 -40.72 -4.70
C SER E 35 22.86 -40.89 -4.63
N ASP E 36 22.40 -42.00 -4.03
CA ASP E 36 20.99 -42.13 -3.60
C ASP E 36 20.86 -41.99 -2.07
N ALA E 37 21.97 -42.14 -1.34
CA ALA E 37 21.96 -42.13 0.12
C ALA E 37 21.55 -40.77 0.67
N ALA E 38 22.18 -39.72 0.13
CA ALA E 38 21.95 -38.34 0.58
C ALA E 38 20.59 -37.77 0.09
N VAL E 39 20.25 -37.99 -1.18
CA VAL E 39 18.98 -37.51 -1.77
C VAL E 39 17.80 -37.84 -0.85
N GLN E 40 17.79 -39.04 -0.27
CA GLN E 40 16.77 -39.43 0.72
C GLN E 40 16.93 -38.65 2.03
N LYS E 41 18.11 -38.71 2.64
CA LYS E 41 18.31 -38.09 3.95
C LYS E 41 18.08 -36.58 3.92
N GLY E 42 18.32 -35.98 2.75
CA GLY E 42 17.96 -34.59 2.49
C GLY E 42 16.45 -34.39 2.50
N VAL E 43 15.75 -35.15 1.65
CA VAL E 43 14.28 -35.19 1.62
C VAL E 43 13.69 -35.41 3.01
N ALA E 44 14.40 -36.15 3.86
CA ALA E 44 13.95 -36.39 5.22
C ALA E 44 14.04 -35.13 6.07
N THR E 45 15.11 -34.36 5.88
CA THR E 45 15.32 -33.11 6.63
C THR E 45 14.20 -32.11 6.38
N VAL E 46 13.85 -31.98 5.10
CA VAL E 46 12.73 -31.18 4.67
C VAL E 46 11.49 -31.63 5.43
N ALA E 47 11.17 -32.91 5.26
CA ALA E 47 9.98 -33.48 5.85
C ALA E 47 9.94 -33.21 7.35
N SER E 48 11.04 -33.50 8.05
CA SER E 48 11.11 -33.25 9.51
C SER E 48 10.82 -31.81 9.86
N SER E 49 11.28 -30.86 9.03
CA SER E 49 10.95 -29.46 9.19
C SER E 49 9.46 -29.23 8.95
N LEU E 50 8.99 -29.65 7.78
CA LEU E 50 7.58 -29.53 7.46
C LEU E 50 6.67 -30.07 8.57
N ASP E 51 7.12 -31.06 9.34
CA ASP E 51 6.34 -31.56 10.51
C ASP E 51 6.39 -30.58 11.67
N ARG E 52 7.53 -29.92 11.84
CA ARG E 52 7.65 -28.83 12.81
C ARG E 52 6.70 -27.65 12.46
N LEU E 53 6.36 -27.49 11.18
CA LEU E 53 5.53 -26.38 10.70
C LEU E 53 4.02 -26.66 10.73
N ILE E 54 3.62 -27.93 10.58
CA ILE E 54 2.22 -28.34 10.73
C ILE E 54 1.85 -28.32 12.21
N LYS E 55 2.80 -28.73 13.05
CA LYS E 55 2.67 -28.53 14.50
C LYS E 55 2.33 -27.07 14.79
N LYS E 56 3.20 -26.14 14.39
CA LYS E 56 2.94 -24.67 14.55
C LYS E 56 1.66 -24.13 13.87
N GLU E 57 1.04 -24.95 13.03
CA GLU E 57 -0.25 -24.69 12.38
C GLU E 57 -0.07 -23.88 11.09
N LYS E 58 1.19 -23.69 10.69
CA LYS E 58 1.52 -22.92 9.47
C LYS E 58 1.15 -23.63 8.17
N LEU E 59 0.73 -24.90 8.30
CA LEU E 59 0.56 -25.81 7.17
C LEU E 59 -0.35 -26.98 7.57
N THR E 60 -1.08 -27.54 6.59
CA THR E 60 -1.82 -28.81 6.75
C THR E 60 -0.90 -30.02 6.47
N GLU E 61 -1.45 -31.23 6.57
CA GLU E 61 -0.74 -32.45 6.15
C GLU E 61 -0.83 -32.66 4.64
N ALA E 62 -1.88 -32.12 4.01
CA ALA E 62 -2.03 -32.13 2.54
C ALA E 62 -1.04 -31.18 1.82
N ASP E 63 -0.76 -30.03 2.44
CA ASP E 63 0.26 -29.10 1.94
C ASP E 63 1.64 -29.77 1.89
N LYS E 64 1.97 -30.52 2.94
CA LYS E 64 3.24 -31.24 3.01
C LYS E 64 3.43 -32.19 1.86
N ALA E 65 2.34 -32.85 1.48
CA ALA E 65 2.33 -33.79 0.38
C ALA E 65 2.41 -33.08 -0.96
N SER E 66 1.61 -32.04 -1.16
CA SER E 66 1.76 -31.15 -2.33
C SER E 66 3.20 -30.63 -2.52
N ALA E 67 3.90 -30.40 -1.41
CA ALA E 67 5.30 -29.93 -1.42
C ALA E 67 6.27 -31.07 -1.76
N LEU E 68 6.10 -32.21 -1.10
CA LEU E 68 6.92 -33.38 -1.38
C LEU E 68 6.52 -34.00 -2.71
N ALA E 69 5.30 -33.71 -3.15
CA ALA E 69 4.87 -34.00 -4.52
C ALA E 69 5.72 -33.22 -5.50
N ARG E 70 6.09 -31.99 -5.13
CA ARG E 70 6.90 -31.10 -5.99
C ARG E 70 8.43 -31.40 -5.99
N ILE E 71 8.95 -32.20 -5.06
CA ILE E 71 10.40 -32.38 -4.99
C ILE E 71 10.90 -33.60 -5.72
N LYS E 72 11.14 -33.44 -7.02
CA LYS E 72 11.66 -34.51 -7.89
C LYS E 72 13.17 -34.76 -7.64
N GLY E 73 13.49 -35.45 -6.54
CA GLY E 73 14.86 -35.88 -6.25
C GLY E 73 15.49 -36.62 -7.42
N SER E 74 16.81 -36.87 -7.35
CA SER E 74 17.55 -37.46 -8.47
C SER E 74 19.03 -37.66 -8.12
N THR E 75 19.78 -38.07 -9.13
CA THR E 75 21.24 -38.01 -9.11
C THR E 75 21.81 -37.94 -10.53
N SER E 76 20.92 -37.70 -11.49
CA SER E 76 21.21 -37.72 -12.91
C SER E 76 21.20 -36.25 -13.38
N TYR E 77 22.39 -35.73 -13.66
CA TYR E 77 22.57 -34.33 -14.04
C TYR E 77 21.83 -33.97 -15.33
N ASP E 78 21.40 -34.97 -16.10
CA ASP E 78 20.65 -34.71 -17.33
C ASP E 78 19.16 -34.37 -17.08
N ASP E 79 18.65 -34.65 -15.87
CA ASP E 79 17.28 -34.21 -15.50
C ASP E 79 17.15 -32.67 -15.38
N LEU E 80 18.27 -32.04 -15.02
CA LEU E 80 18.34 -30.59 -15.03
C LEU E 80 17.99 -30.03 -16.40
N LYS E 81 18.02 -30.88 -17.44
CA LYS E 81 17.74 -30.46 -18.81
C LYS E 81 16.30 -29.99 -19.08
N ALA E 82 15.41 -30.01 -18.07
CA ALA E 82 14.10 -29.34 -18.24
C ALA E 82 13.74 -28.36 -17.11
N THR E 83 14.74 -27.88 -16.36
CA THR E 83 14.56 -26.83 -15.34
C THR E 83 14.69 -25.44 -15.99
N ASP E 84 14.08 -24.43 -15.40
CA ASP E 84 14.25 -23.03 -15.86
C ASP E 84 15.46 -22.36 -15.20
N ILE E 85 15.96 -22.96 -14.12
CA ILE E 85 17.11 -22.43 -13.41
C ILE E 85 17.75 -23.46 -12.48
N VAL E 86 19.08 -23.43 -12.38
CA VAL E 86 19.81 -24.28 -11.44
C VAL E 86 20.55 -23.42 -10.44
N ILE E 87 20.55 -23.86 -9.19
CA ILE E 87 21.27 -23.21 -8.13
C ILE E 87 22.28 -24.22 -7.66
N GLU E 88 23.55 -23.96 -7.88
CA GLU E 88 24.58 -24.74 -7.23
C GLU E 88 24.48 -24.45 -5.71
N ALA E 89 24.68 -25.45 -4.86
CA ALA E 89 24.78 -25.22 -3.41
C ALA E 89 25.59 -26.29 -2.70
N ALA E 90 26.47 -26.91 -3.47
CA ALA E 90 27.22 -28.09 -3.07
C ALA E 90 28.27 -27.82 -1.97
N THR E 91 29.16 -26.83 -2.17
CA THR E 91 30.41 -26.76 -1.38
C THR E 91 31.21 -25.43 -1.49
N GLU E 92 31.99 -25.10 -0.46
CA GLU E 92 33.01 -24.03 -0.53
C GLU E 92 34.36 -24.68 -0.86
N ASN E 93 34.56 -24.89 -2.15
CA ASN E 93 35.81 -25.34 -2.66
C ASN E 93 35.80 -24.87 -4.07
N TYR E 94 36.58 -23.83 -4.35
CA TYR E 94 36.57 -23.24 -5.66
C TYR E 94 36.75 -24.34 -6.72
N ASP E 95 37.89 -25.03 -6.68
CA ASP E 95 38.25 -26.05 -7.69
C ASP E 95 37.09 -27.02 -8.05
N LEU E 96 36.44 -27.58 -7.02
CA LEU E 96 35.28 -28.49 -7.19
C LEU E 96 34.04 -27.75 -7.71
N LYS E 97 33.70 -26.67 -7.01
CA LYS E 97 32.63 -25.78 -7.45
C LYS E 97 32.74 -25.50 -8.96
N VAL E 98 33.95 -25.30 -9.46
CA VAL E 98 34.13 -25.04 -10.89
C VAL E 98 33.80 -26.26 -11.75
N LYS E 99 34.16 -27.46 -11.28
CA LYS E 99 33.82 -28.68 -12.00
C LYS E 99 32.30 -28.73 -12.20
N ILE E 100 31.58 -28.74 -11.08
CA ILE E 100 30.10 -28.84 -11.07
C ILE E 100 29.43 -27.97 -12.12
N LEU E 101 29.89 -26.72 -12.21
CA LEU E 101 29.23 -25.73 -13.00
C LEU E 101 29.50 -25.95 -14.49
N LYS E 102 30.68 -26.47 -14.82
CA LYS E 102 31.00 -26.81 -16.21
C LYS E 102 30.04 -27.91 -16.73
N GLN E 103 29.84 -28.95 -15.89
CA GLN E 103 28.83 -30.03 -16.14
C GLN E 103 27.46 -29.47 -16.42
N ILE E 104 26.98 -28.72 -15.42
CA ILE E 104 25.70 -28.06 -15.47
C ILE E 104 25.60 -27.16 -16.69
N ASP E 105 26.67 -26.44 -17.00
CA ASP E 105 26.66 -25.53 -18.14
C ASP E 105 26.43 -26.23 -19.51
N GLY E 106 27.16 -27.29 -19.79
CA GLY E 106 27.00 -27.98 -21.09
C GLY E 106 25.58 -28.53 -21.24
N ILE E 107 25.15 -29.22 -20.19
CA ILE E 107 23.85 -29.89 -20.09
C ILE E 107 22.60 -29.06 -20.43
N VAL E 108 22.56 -27.82 -19.95
CA VAL E 108 21.36 -27.00 -19.97
C VAL E 108 21.45 -25.93 -21.09
N GLY E 109 20.32 -25.43 -21.55
CA GLY E 109 20.27 -24.52 -22.70
C GLY E 109 20.73 -23.10 -22.47
N GLU E 110 21.14 -22.44 -23.56
CA GLU E 110 21.65 -21.07 -23.50
C GLU E 110 20.79 -20.14 -22.63
N ASN E 111 19.48 -20.15 -22.84
CA ASN E 111 18.57 -19.20 -22.20
C ASN E 111 18.49 -19.41 -20.70
N VAL E 112 18.82 -20.63 -20.24
CA VAL E 112 18.61 -21.01 -18.85
C VAL E 112 19.64 -20.45 -17.85
N ILE E 113 19.13 -19.81 -16.80
CA ILE E 113 19.91 -19.14 -15.74
C ILE E 113 20.59 -20.13 -14.80
N ILE E 114 21.83 -19.84 -14.43
CA ILE E 114 22.59 -20.68 -13.53
C ILE E 114 22.95 -19.84 -12.33
N ALA E 115 22.89 -20.43 -11.15
CA ALA E 115 23.16 -19.68 -9.95
C ALA E 115 23.99 -20.47 -9.00
N SER E 116 24.51 -19.80 -7.98
CA SER E 116 25.32 -20.47 -6.99
C SER E 116 25.15 -19.86 -5.63
N ASN E 117 25.04 -20.71 -4.62
CA ASN E 117 25.02 -20.28 -3.23
C ASN E 117 26.45 -20.28 -2.67
N THR E 118 26.87 -19.16 -2.08
CA THR E 118 28.26 -19.00 -1.61
C THR E 118 28.42 -17.91 -0.56
N SER E 119 29.43 -18.06 0.26
CA SER E 119 29.65 -17.16 1.40
C SER E 119 30.62 -16.04 1.03
N SER E 120 31.66 -16.43 0.32
CA SER E 120 32.78 -15.56 0.05
C SER E 120 33.62 -16.05 -1.16
N ILE E 121 32.95 -16.40 -2.25
CA ILE E 121 33.65 -16.68 -3.51
C ILE E 121 33.20 -15.65 -4.55
N SER E 122 34.13 -15.24 -5.41
CA SER E 122 33.87 -14.21 -6.39
C SER E 122 32.90 -14.67 -7.49
N ILE E 123 31.64 -14.22 -7.38
CA ILE E 123 30.62 -14.39 -8.44
C ILE E 123 31.11 -14.09 -9.85
N THR E 124 31.93 -13.06 -10.00
CA THR E 124 32.50 -12.76 -11.31
C THR E 124 33.45 -13.90 -11.78
N LYS E 125 34.27 -14.47 -10.90
CA LYS E 125 35.12 -15.60 -11.32
C LYS E 125 34.27 -16.78 -11.80
N LEU E 126 33.36 -17.19 -10.91
CA LEU E 126 32.40 -18.28 -11.19
C LEU E 126 31.66 -18.12 -12.52
N ALA E 127 30.93 -17.04 -12.66
CA ALA E 127 30.27 -16.77 -13.91
C ALA E 127 31.18 -16.97 -15.12
N ALA E 128 32.48 -16.67 -14.97
CA ALA E 128 33.40 -16.68 -16.11
C ALA E 128 33.83 -18.08 -16.55
N VAL E 129 33.56 -19.10 -15.75
CA VAL E 129 33.79 -20.48 -16.16
C VAL E 129 32.56 -21.09 -16.88
N THR E 130 31.50 -20.31 -17.07
CA THR E 130 30.35 -20.75 -17.85
C THR E 130 30.33 -20.12 -19.24
N SER E 131 29.56 -20.76 -20.13
CA SER E 131 29.42 -20.37 -21.53
C SER E 131 28.62 -19.10 -21.72
N ARG E 132 27.58 -18.89 -20.91
CA ARG E 132 26.88 -17.59 -20.88
C ARG E 132 27.01 -17.03 -19.44
N ALA E 133 27.97 -16.12 -19.29
CA ALA E 133 28.28 -15.51 -18.01
C ALA E 133 27.16 -14.55 -17.60
N ASP E 134 26.62 -13.84 -18.59
CA ASP E 134 25.42 -12.99 -18.42
C ASP E 134 24.16 -13.69 -17.89
N ARG E 135 24.22 -15.01 -17.76
CA ARG E 135 23.13 -15.80 -17.21
C ARG E 135 23.53 -16.46 -15.89
N PHE E 136 24.55 -15.90 -15.25
CA PHE E 136 25.03 -16.39 -13.94
C PHE E 136 24.77 -15.30 -12.91
N ILE E 137 24.53 -15.72 -11.68
CA ILE E 137 24.24 -14.80 -10.62
C ILE E 137 24.46 -15.54 -9.33
N GLY E 138 24.80 -14.80 -8.27
CA GLY E 138 25.02 -15.37 -6.96
C GLY E 138 23.76 -15.29 -6.16
N MET E 139 23.59 -16.24 -5.27
CA MET E 139 22.47 -16.33 -4.37
C MET E 139 23.16 -16.61 -3.06
N HIS E 140 22.74 -15.94 -1.99
CA HIS E 140 23.31 -16.21 -0.66
C HIS E 140 22.13 -16.17 0.29
N PHE E 141 21.62 -17.37 0.55
CA PHE E 141 20.61 -17.67 1.53
C PHE E 141 21.24 -17.86 2.91
N PHE E 142 20.39 -17.85 3.94
CA PHE E 142 20.86 -17.94 5.31
C PHE E 142 20.22 -19.07 6.14
N ASN E 143 21.05 -19.92 6.72
CA ASN E 143 20.62 -20.92 7.70
C ASN E 143 19.90 -20.37 8.94
N PRO E 144 18.78 -21.03 9.30
CA PRO E 144 18.10 -22.05 8.51
C PRO E 144 17.26 -21.43 7.39
N VAL E 145 17.44 -21.91 6.17
CA VAL E 145 16.96 -21.20 4.98
C VAL E 145 15.44 -21.23 4.76
N PRO E 146 14.73 -22.20 5.33
CA PRO E 146 13.28 -22.02 5.32
C PRO E 146 12.81 -20.83 6.18
N VAL E 147 13.45 -20.63 7.34
CA VAL E 147 13.00 -19.61 8.28
C VAL E 147 13.58 -18.23 8.00
N MET E 148 14.76 -18.14 7.38
CA MET E 148 15.41 -16.84 7.15
C MET E 148 14.85 -16.10 5.93
N ALA E 149 14.46 -14.86 6.14
CA ALA E 149 13.76 -14.04 5.16
C ALA E 149 14.65 -13.37 4.07
N LEU E 150 15.90 -13.13 4.37
CA LEU E 150 16.79 -12.37 3.50
C LEU E 150 17.43 -13.28 2.48
N VAL E 151 17.72 -12.73 1.30
CA VAL E 151 18.62 -13.41 0.34
C VAL E 151 19.51 -12.39 -0.35
N GLU E 152 20.80 -12.64 -0.45
CA GLU E 152 21.69 -11.74 -1.18
C GLU E 152 21.81 -12.18 -2.63
N LEU E 153 21.43 -11.32 -3.56
CA LEU E 153 21.75 -11.57 -4.96
C LEU E 153 23.00 -10.84 -5.26
N ILE E 154 23.97 -11.53 -5.82
CA ILE E 154 25.23 -10.92 -6.09
C ILE E 154 25.48 -10.92 -7.57
N ARG E 155 25.50 -9.72 -8.15
CA ARG E 155 25.72 -9.53 -9.55
C ARG E 155 27.20 -9.57 -9.88
N GLY E 156 27.58 -10.55 -10.68
CA GLY E 156 28.90 -10.54 -11.26
C GLY E 156 28.96 -9.34 -12.15
N LEU E 157 30.16 -8.91 -12.49
CA LEU E 157 30.31 -7.94 -13.55
C LEU E 157 29.41 -8.31 -14.74
N GLN E 158 29.35 -9.59 -15.07
CA GLN E 158 28.76 -10.03 -16.32
C GLN E 158 27.24 -10.16 -16.26
N THR E 159 26.70 -10.48 -15.09
CA THR E 159 25.26 -10.70 -14.95
C THR E 159 24.49 -9.62 -15.67
N SER E 160 23.50 -9.98 -16.48
CA SER E 160 22.61 -8.97 -17.13
C SER E 160 21.40 -8.55 -16.25
N ASP E 161 20.73 -7.45 -16.66
CA ASP E 161 19.51 -6.99 -15.97
C ASP E 161 18.39 -8.01 -16.01
N THR E 162 18.31 -8.75 -17.12
CA THR E 162 17.30 -9.81 -17.28
C THR E 162 17.42 -10.89 -16.19
N THR E 163 18.59 -11.52 -16.13
CA THR E 163 18.85 -12.55 -15.13
C THR E 163 18.55 -12.05 -13.70
N HIS E 164 18.91 -10.79 -13.44
CA HIS E 164 18.77 -10.22 -12.10
C HIS E 164 17.30 -10.11 -11.75
N ALA E 165 16.55 -9.44 -12.65
CA ALA E 165 15.10 -9.33 -12.55
C ALA E 165 14.41 -10.69 -12.28
N ALA E 166 14.79 -11.69 -13.05
CA ALA E 166 14.15 -12.99 -12.96
C ALA E 166 14.37 -13.60 -11.59
N VAL E 167 15.62 -13.58 -11.14
CA VAL E 167 15.96 -14.10 -9.82
C VAL E 167 15.37 -13.22 -8.71
N GLU E 168 15.39 -11.91 -8.89
CA GLU E 168 14.81 -10.98 -7.91
C GLU E 168 13.36 -11.38 -7.66
N ALA E 169 12.62 -11.55 -8.75
CA ALA E 169 11.22 -11.91 -8.71
C ALA E 169 11.01 -13.31 -8.14
N LEU E 170 11.84 -14.25 -8.56
CA LEU E 170 11.79 -15.60 -7.99
C LEU E 170 12.02 -15.61 -6.49
N SER E 171 12.94 -14.76 -6.03
CA SER E 171 13.23 -14.63 -4.60
C SER E 171 11.99 -14.17 -3.83
N LYS E 172 11.29 -13.18 -4.38
CA LYS E 172 10.10 -12.66 -3.73
C LYS E 172 9.09 -13.75 -3.66
N GLN E 173 8.99 -14.50 -4.76
CA GLN E 173 8.06 -15.63 -4.89
C GLN E 173 8.16 -16.65 -3.76
N LEU E 174 9.38 -16.93 -3.31
CA LEU E 174 9.56 -17.81 -2.13
C LEU E 174 9.17 -17.16 -0.80
N GLY E 175 8.73 -15.90 -0.82
CA GLY E 175 8.50 -15.16 0.42
C GLY E 175 9.80 -14.68 1.08
N LYS E 176 10.75 -14.22 0.26
CA LYS E 176 12.03 -13.72 0.76
C LYS E 176 12.21 -12.24 0.43
N TYR E 177 13.07 -11.56 1.18
CA TYR E 177 13.46 -10.20 0.89
C TYR E 177 14.83 -10.22 0.18
N PRO E 178 14.86 -9.83 -1.11
CA PRO E 178 16.16 -9.75 -1.80
C PRO E 178 16.96 -8.45 -1.57
N ILE E 179 18.26 -8.54 -1.80
CA ILE E 179 19.21 -7.48 -1.52
C ILE E 179 20.13 -7.69 -2.68
N THR E 180 20.37 -6.65 -3.48
CA THR E 180 21.21 -6.80 -4.66
C THR E 180 22.53 -6.13 -4.38
N VAL E 181 23.62 -6.79 -4.75
CA VAL E 181 24.95 -6.39 -4.34
C VAL E 181 25.91 -6.61 -5.48
N LYS E 182 26.76 -5.63 -5.76
CA LYS E 182 27.81 -5.83 -6.73
C LYS E 182 28.82 -6.75 -6.07
N ASN E 183 29.33 -7.68 -6.86
CA ASN E 183 30.22 -8.69 -6.37
C ASN E 183 31.36 -7.99 -5.67
N SER E 184 31.70 -8.47 -4.49
CA SER E 184 32.75 -7.87 -3.69
C SER E 184 33.01 -8.78 -2.54
N PRO E 185 34.24 -8.89 -2.06
CA PRO E 185 34.48 -9.81 -0.97
C PRO E 185 33.61 -9.56 0.25
N GLY E 186 32.83 -10.58 0.61
CA GLY E 186 31.95 -10.51 1.77
C GLY E 186 30.61 -9.95 1.40
N PHE E 187 30.47 -9.52 0.16
CA PHE E 187 29.25 -8.91 -0.31
C PHE E 187 28.90 -7.80 0.71
N VAL E 188 27.76 -7.91 1.37
CA VAL E 188 27.31 -6.93 2.35
C VAL E 188 27.32 -7.50 3.74
N VAL E 189 26.64 -8.62 3.91
CA VAL E 189 26.34 -9.05 5.24
C VAL E 189 27.58 -9.45 5.96
N ASN E 190 28.32 -10.41 5.39
CA ASN E 190 29.56 -10.87 5.98
C ASN E 190 30.67 -9.82 5.97
N ARG E 191 30.73 -9.00 4.91
CA ARG E 191 31.69 -7.90 4.89
C ARG E 191 31.61 -6.99 6.14
N ILE E 192 30.40 -6.76 6.64
CA ILE E 192 30.18 -5.95 7.81
C ILE E 192 30.24 -6.76 9.13
N LEU E 193 29.61 -7.93 9.12
CA LEU E 193 29.43 -8.69 10.33
C LEU E 193 30.73 -9.30 10.85
N CYS E 194 31.52 -9.83 9.93
CA CYS E 194 32.63 -10.67 10.29
C CYS E 194 33.80 -9.86 10.87
N PRO E 195 34.17 -8.73 10.23
CA PRO E 195 35.14 -7.90 10.94
C PRO E 195 34.70 -7.44 12.35
N MET E 196 33.40 -7.32 12.62
CA MET E 196 32.94 -6.98 13.96
C MET E 196 33.27 -8.11 14.92
N ILE E 197 32.94 -9.37 14.56
CA ILE E 197 33.32 -10.55 15.39
C ILE E 197 34.85 -10.54 15.58
N ASN E 198 35.57 -10.17 14.53
CA ASN E 198 37.00 -10.22 14.59
C ASN E 198 37.54 -9.21 15.61
N GLU E 199 36.94 -8.04 15.62
CA GLU E 199 37.28 -7.00 16.59
C GLU E 199 36.96 -7.52 17.99
N ALA E 200 35.84 -8.23 18.17
CA ALA E 200 35.56 -8.83 19.47
C ALA E 200 36.71 -9.74 19.90
N PHE E 201 37.21 -10.55 18.99
CA PHE E 201 38.39 -11.40 19.23
C PHE E 201 39.65 -10.64 19.55
N CYS E 202 39.83 -9.50 18.89
CA CYS E 202 40.97 -8.62 19.16
C CYS E 202 40.93 -8.02 20.55
N VAL E 203 39.75 -7.53 20.92
CA VAL E 203 39.47 -6.98 22.26
C VAL E 203 39.75 -8.03 23.32
N LEU E 204 39.22 -9.23 23.11
CA LEU E 204 39.44 -10.33 24.04
C LEU E 204 40.93 -10.70 24.11
N GLY E 205 41.60 -10.67 22.97
CA GLY E 205 42.99 -11.02 22.96
C GLY E 205 43.83 -9.98 23.64
N GLU E 206 43.41 -8.72 23.59
CA GLU E 206 44.13 -7.67 24.36
C GLU E 206 43.77 -7.69 25.87
N GLY E 207 42.80 -8.51 26.25
CA GLY E 207 42.48 -8.66 27.65
C GLY E 207 41.73 -7.47 28.18
N LEU E 208 40.88 -6.85 27.35
CA LEU E 208 40.13 -5.69 27.86
C LEU E 208 39.07 -6.08 28.83
N ALA E 209 38.56 -7.29 28.70
CA ALA E 209 37.48 -7.81 29.49
C ALA E 209 37.39 -9.31 29.24
N SER E 210 36.56 -9.96 30.05
CA SER E 210 36.29 -11.35 29.89
C SER E 210 35.32 -11.47 28.74
N PRO E 211 35.22 -12.68 28.17
CA PRO E 211 34.35 -12.88 27.03
C PRO E 211 32.86 -12.74 27.38
N GLU E 212 32.51 -13.19 28.58
CA GLU E 212 31.17 -13.00 29.13
C GLU E 212 30.79 -11.52 29.09
N GLU E 213 31.69 -10.68 29.57
CA GLU E 213 31.50 -9.27 29.60
C GLU E 213 31.37 -8.67 28.21
N ILE E 214 32.16 -9.16 27.27
CA ILE E 214 32.11 -8.65 25.89
C ILE E 214 30.79 -9.01 25.21
N ASP E 215 30.29 -10.24 25.46
CA ASP E 215 29.03 -10.66 24.84
C ASP E 215 27.82 -9.95 25.45
N GLU E 216 27.79 -9.82 26.78
CA GLU E 216 26.74 -9.04 27.47
C GLU E 216 26.81 -7.60 27.02
N GLY E 217 28.05 -7.12 26.89
CA GLY E 217 28.28 -5.78 26.42
C GLY E 217 27.40 -5.53 25.22
N MET E 218 27.41 -6.47 24.30
CA MET E 218 26.75 -6.25 23.02
C MET E 218 25.25 -6.49 23.06
N LYS E 219 24.83 -7.44 23.88
CA LYS E 219 23.43 -7.74 24.01
C LYS E 219 22.70 -6.60 24.75
N LEU E 220 23.20 -6.30 25.95
CA LEU E 220 22.61 -5.30 26.82
C LEU E 220 22.91 -3.83 26.45
N GLY E 221 23.87 -3.62 25.55
CA GLY E 221 24.41 -2.30 25.24
C GLY E 221 23.99 -1.83 23.88
N CYS E 222 23.81 -2.78 22.95
CA CYS E 222 23.31 -2.52 21.60
C CYS E 222 22.10 -3.37 21.21
N ASN E 223 21.57 -4.22 22.12
CA ASN E 223 20.42 -5.11 21.82
C ASN E 223 20.71 -6.13 20.72
N HIS E 224 21.94 -6.60 20.70
CA HIS E 224 22.29 -7.65 19.78
C HIS E 224 21.69 -8.94 20.36
N PRO E 225 21.04 -9.76 19.52
CA PRO E 225 20.43 -11.01 19.99
C PRO E 225 21.40 -11.99 20.62
N ILE E 226 22.64 -12.01 20.11
CA ILE E 226 23.69 -12.86 20.68
C ILE E 226 25.05 -12.16 20.61
N GLY E 227 25.93 -12.46 21.55
CA GLY E 227 27.27 -11.91 21.56
C GLY E 227 28.12 -12.39 20.38
N PRO E 228 29.00 -11.52 19.85
CA PRO E 228 29.88 -11.90 18.72
C PRO E 228 30.71 -13.14 18.97
N LEU E 229 31.20 -13.27 20.21
CA LEU E 229 31.96 -14.40 20.54
C LEU E 229 31.12 -15.67 20.46
N ALA E 230 30.00 -15.73 21.15
CA ALA E 230 29.17 -16.94 21.11
C ALA E 230 28.75 -17.25 19.68
N LEU E 231 28.44 -16.18 18.95
CA LEU E 231 28.00 -16.25 17.62
C LEU E 231 29.13 -16.91 16.87
N ALA E 232 30.35 -16.45 17.16
CA ALA E 232 31.51 -17.00 16.44
C ALA E 232 31.58 -18.51 16.72
N ASP E 233 31.42 -18.91 17.98
CA ASP E 233 31.32 -20.31 18.33
C ASP E 233 30.26 -21.11 17.55
N MET E 234 29.14 -20.46 17.17
CA MET E 234 28.11 -21.12 16.40
C MET E 234 28.48 -21.23 14.94
N ILE E 235 29.01 -20.16 14.37
CA ILE E 235 29.32 -20.18 12.94
C ILE E 235 30.49 -21.15 12.67
N GLY E 236 31.42 -21.22 13.63
CA GLY E 236 32.64 -21.99 13.53
C GLY E 236 33.82 -21.03 13.46
N LEU E 237 34.77 -21.17 14.38
CA LEU E 237 35.97 -20.33 14.36
C LEU E 237 36.80 -20.56 13.11
N ASP E 238 36.87 -21.78 12.61
CA ASP E 238 37.58 -21.98 11.33
C ASP E 238 36.89 -21.25 10.17
N THR E 239 35.56 -21.30 10.14
CA THR E 239 34.81 -20.55 9.12
C THR E 239 35.06 -19.05 9.22
N MET E 240 35.01 -18.54 10.45
CA MET E 240 35.33 -17.13 10.72
C MET E 240 36.72 -16.75 10.25
N LEU E 241 37.72 -17.47 10.72
CA LEU E 241 39.10 -17.22 10.26
C LEU E 241 39.15 -17.35 8.72
N ALA E 242 38.52 -18.39 8.18
CA ALA E 242 38.48 -18.49 6.72
C ALA E 242 37.90 -17.21 6.06
N VAL E 243 36.77 -16.66 6.52
CA VAL E 243 36.22 -15.42 5.89
C VAL E 243 37.19 -14.25 6.01
N MET E 244 37.77 -14.07 7.18
CA MET E 244 38.76 -13.01 7.39
C MET E 244 39.97 -13.08 6.47
N GLU E 245 40.47 -14.31 6.21
CA GLU E 245 41.62 -14.48 5.32
C GLU E 245 41.20 -14.05 3.92
N VAL E 246 39.94 -14.28 3.56
CA VAL E 246 39.49 -13.95 2.22
C VAL E 246 39.42 -12.43 2.09
N LEU E 247 38.94 -11.76 3.14
CA LEU E 247 38.89 -10.29 3.10
C LEU E 247 40.29 -9.70 2.99
N TYR E 248 41.17 -10.13 3.88
CA TYR E 248 42.54 -9.64 3.87
C TYR E 248 43.21 -9.85 2.49
N THR E 249 43.08 -11.05 1.97
CA THR E 249 43.74 -11.48 0.74
C THR E 249 43.13 -10.82 -0.48
N GLU E 250 41.82 -10.76 -0.54
CA GLU E 250 41.14 -10.17 -1.69
C GLU E 250 41.16 -8.66 -1.72
N PHE E 251 41.13 -7.98 -0.57
CA PHE E 251 41.29 -6.52 -0.57
C PHE E 251 42.78 -6.13 -0.53
N ALA E 252 43.65 -7.07 -0.19
CA ALA E 252 45.08 -6.78 0.04
C ALA E 252 45.27 -5.65 1.04
N ASP E 253 44.57 -5.71 2.15
CA ASP E 253 44.52 -4.62 3.11
C ASP E 253 44.63 -5.11 4.55
N PRO E 254 45.73 -4.80 5.24
CA PRO E 254 45.85 -5.34 6.62
C PRO E 254 44.73 -4.93 7.60
N LYS E 255 43.96 -3.92 7.23
CA LYS E 255 42.77 -3.60 7.96
C LYS E 255 41.96 -4.82 8.38
N TYR E 256 41.84 -5.79 7.46
CA TYR E 256 41.10 -7.04 7.73
C TYR E 256 41.90 -8.22 8.28
N ARG E 257 43.14 -8.02 8.72
CA ARG E 257 43.88 -9.10 9.38
C ARG E 257 43.19 -9.84 10.52
N PRO E 258 43.26 -11.17 10.51
CA PRO E 258 42.66 -11.91 11.60
C PRO E 258 43.20 -11.58 12.97
N ALA E 259 42.34 -11.65 13.99
CA ALA E 259 42.79 -11.52 15.36
C ALA E 259 43.75 -12.64 15.68
N MET E 260 44.88 -12.31 16.30
CA MET E 260 45.82 -13.35 16.67
C MET E 260 45.21 -14.55 17.43
N LEU E 261 44.18 -14.29 18.23
CA LEU E 261 43.67 -15.29 19.15
C LEU E 261 42.72 -16.22 18.46
N MET E 262 41.99 -15.69 17.48
CA MET E 262 41.18 -16.53 16.64
C MET E 262 42.14 -17.51 15.94
N ARG E 263 43.30 -17.05 15.46
CA ARG E 263 44.27 -18.04 14.85
C ARG E 263 44.71 -19.14 15.79
N GLU E 264 45.01 -18.80 17.05
CA GLU E 264 45.42 -19.78 18.06
C GLU E 264 44.32 -20.81 18.35
N MET E 265 43.08 -20.32 18.44
CA MET E 265 41.98 -21.19 18.75
C MET E 265 41.73 -22.14 17.62
N VAL E 266 41.79 -21.66 16.39
CA VAL E 266 41.68 -22.58 15.28
C VAL E 266 42.88 -23.55 15.31
N ALA E 267 44.06 -23.06 15.63
CA ALA E 267 45.22 -23.92 15.63
C ALA E 267 45.06 -25.12 16.54
N ALA E 268 44.23 -24.96 17.57
CA ALA E 268 44.06 -25.95 18.62
C ALA E 268 42.86 -26.83 18.42
N GLY E 269 42.14 -26.62 17.34
CA GLY E 269 40.91 -27.36 17.08
C GLY E 269 39.72 -26.90 17.90
N TYR E 270 39.86 -25.79 18.65
CA TYR E 270 38.74 -25.23 19.40
C TYR E 270 37.83 -24.46 18.45
N LEU E 271 37.01 -25.16 17.69
CA LEU E 271 36.33 -24.51 16.58
C LEU E 271 34.94 -24.01 16.89
N GLY E 272 34.50 -24.11 18.14
CA GLY E 272 33.12 -23.76 18.50
C GLY E 272 32.32 -24.97 18.99
N ARG E 273 31.01 -24.86 18.85
CA ARG E 273 30.04 -25.92 19.15
C ARG E 273 30.29 -27.25 18.40
N LYS E 274 30.70 -27.17 17.14
CA LYS E 274 31.09 -28.33 16.33
C LYS E 274 32.02 -29.29 17.05
N THR E 275 32.90 -28.75 17.88
CA THR E 275 33.86 -29.60 18.57
C THR E 275 33.69 -29.52 20.07
N GLY E 276 32.59 -28.92 20.51
CA GLY E 276 32.29 -28.76 21.93
C GLY E 276 33.21 -27.80 22.64
N ARG E 277 33.92 -26.96 21.90
CA ARG E 277 34.78 -25.96 22.53
C ARG E 277 35.25 -24.88 21.53
N GLY E 278 35.04 -23.64 21.94
CA GLY E 278 35.53 -22.51 21.17
C GLY E 278 36.08 -21.51 22.16
N VAL E 279 35.52 -20.30 22.09
CA VAL E 279 35.62 -19.36 23.17
C VAL E 279 35.08 -19.94 24.50
N TYR E 280 33.98 -20.70 24.38
CA TYR E 280 33.32 -21.27 25.54
C TYR E 280 33.35 -22.78 25.44
N VAL E 281 33.29 -23.44 26.59
CA VAL E 281 33.29 -24.90 26.65
C VAL E 281 31.83 -25.35 26.60
N TYR E 282 31.44 -26.10 25.57
CA TYR E 282 30.08 -26.72 25.48
C TYR E 282 30.13 -28.21 25.88
N SER E 283 29.04 -28.76 26.44
CA SER E 283 29.01 -30.22 26.73
C SER E 283 27.59 -30.85 26.67
N LYS E 284 27.41 -32.05 26.09
CA LYS E 284 28.40 -32.76 25.24
C LYS E 284 29.72 -33.18 25.92
N SER F 2 26.92 4.44 52.12
CA SER F 2 27.56 3.78 50.94
C SER F 2 27.77 4.82 49.80
N ILE F 3 26.84 4.83 48.86
CA ILE F 3 26.64 5.92 47.93
C ILE F 3 25.14 6.14 47.96
N ARG F 4 24.70 7.17 48.67
CA ARG F 4 23.27 7.48 48.73
C ARG F 4 22.90 8.72 47.90
N THR F 5 23.89 9.52 47.51
CA THR F 5 23.64 10.76 46.77
C THR F 5 24.60 10.83 45.59
N VAL F 6 24.05 11.11 44.42
CA VAL F 6 24.83 11.14 43.24
C VAL F 6 24.87 12.56 42.64
N GLY F 7 26.08 13.07 42.40
CA GLY F 7 26.23 14.34 41.70
C GLY F 7 26.33 14.11 40.22
N ILE F 8 25.74 15.00 39.43
CA ILE F 8 25.81 14.93 37.98
C ILE F 8 26.09 16.30 37.37
N VAL F 9 27.13 16.40 36.54
CA VAL F 9 27.40 17.62 35.83
C VAL F 9 26.96 17.50 34.36
N GLY F 10 26.00 18.33 33.95
CA GLY F 10 25.28 18.13 32.68
C GLY F 10 23.82 17.74 32.93
N ALA F 11 22.88 18.48 32.36
CA ALA F 11 21.47 18.13 32.45
C ALA F 11 20.82 17.95 31.09
N GLY F 12 21.62 17.52 30.12
CA GLY F 12 21.12 17.04 28.84
C GLY F 12 20.89 15.54 28.74
N THR F 13 20.73 15.09 27.51
CA THR F 13 20.30 13.75 27.21
C THR F 13 20.90 12.73 28.18
N MET F 14 22.23 12.63 28.23
CA MET F 14 22.89 11.73 29.17
C MET F 14 22.67 12.11 30.64
N GLY F 15 22.98 13.34 31.01
CA GLY F 15 22.92 13.72 32.40
C GLY F 15 21.56 13.56 33.05
N ASN F 16 20.49 13.97 32.36
CA ASN F 16 19.12 13.78 32.94
C ASN F 16 18.64 12.34 32.87
N GLY F 17 19.23 11.59 31.93
CA GLY F 17 19.02 10.16 31.86
C GLY F 17 19.67 9.48 33.04
N ILE F 18 20.93 9.81 33.28
CA ILE F 18 21.63 9.29 34.45
C ILE F 18 20.87 9.73 35.69
N ALA F 19 20.40 10.97 35.69
CA ALA F 19 19.56 11.45 36.77
C ALA F 19 18.32 10.62 36.98
N GLN F 20 17.55 10.40 35.91
CA GLN F 20 16.26 9.67 36.05
C GLN F 20 16.50 8.30 36.67
N ALA F 21 17.47 7.57 36.13
CA ALA F 21 17.79 6.25 36.59
C ALA F 21 18.09 6.23 38.08
N CYS F 22 18.82 7.23 38.55
CA CYS F 22 19.12 7.33 39.96
C CYS F 22 17.84 7.57 40.73
N ALA F 23 17.10 8.59 40.30
CA ALA F 23 15.89 9.01 40.98
C ALA F 23 14.96 7.82 41.17
N VAL F 24 14.70 7.06 40.10
CA VAL F 24 13.65 6.01 40.15
C VAL F 24 13.96 4.83 41.06
N VAL F 25 15.16 4.73 41.60
CA VAL F 25 15.47 3.65 42.55
C VAL F 25 15.78 4.30 43.89
N GLY F 26 15.32 5.54 44.10
CA GLY F 26 15.40 6.17 45.40
C GLY F 26 16.77 6.74 45.79
N LEU F 27 17.65 6.92 44.82
CA LEU F 27 18.88 7.67 45.04
C LEU F 27 18.61 9.17 44.94
N ASN F 28 19.25 9.94 45.83
CA ASN F 28 19.29 11.36 45.72
C ASN F 28 20.25 11.73 44.64
N VAL F 29 19.88 12.79 43.93
CA VAL F 29 20.61 13.31 42.81
C VAL F 29 20.87 14.80 43.03
N VAL F 30 22.06 15.27 42.67
CA VAL F 30 22.27 16.69 42.52
C VAL F 30 22.76 16.93 41.11
N MET F 31 21.95 17.64 40.34
CA MET F 31 22.12 17.76 38.92
C MET F 31 22.45 19.20 38.55
N VAL F 32 23.68 19.45 38.11
CA VAL F 32 24.19 20.80 37.92
C VAL F 32 24.38 21.06 36.42
N ASP F 33 23.91 22.23 35.94
CA ASP F 33 24.22 22.73 34.59
C ASP F 33 24.66 24.17 34.72
N ILE F 34 24.82 24.85 33.59
CA ILE F 34 25.31 26.25 33.54
C ILE F 34 24.23 27.34 33.68
N SER F 35 22.96 26.98 33.70
CA SER F 35 21.87 27.96 33.80
C SER F 35 20.51 27.34 34.17
N ASP F 36 19.64 28.20 34.74
CA ASP F 36 18.27 27.82 35.13
C ASP F 36 17.51 27.15 33.99
N ALA F 37 17.54 27.77 32.83
CA ALA F 37 16.80 27.23 31.69
C ALA F 37 17.29 25.82 31.36
N ALA F 38 18.60 25.61 31.43
CA ALA F 38 19.22 24.32 31.09
C ALA F 38 18.94 23.23 32.14
N VAL F 39 18.87 23.63 33.40
CA VAL F 39 18.47 22.72 34.46
C VAL F 39 16.97 22.40 34.32
N GLN F 40 16.13 23.41 34.19
CA GLN F 40 14.70 23.15 34.03
C GLN F 40 14.41 22.33 32.79
N LYS F 41 15.19 22.53 31.75
CA LYS F 41 15.09 21.75 30.52
C LYS F 41 15.29 20.26 30.81
N GLY F 42 16.30 19.95 31.66
CA GLY F 42 16.58 18.56 32.04
C GLY F 42 15.54 17.91 32.94
N VAL F 43 15.16 18.60 34.00
CA VAL F 43 14.07 18.16 34.90
C VAL F 43 12.78 17.88 34.14
N ALA F 44 12.47 18.75 33.19
CA ALA F 44 11.26 18.63 32.41
C ALA F 44 11.30 17.48 31.40
N THR F 45 12.49 17.12 30.93
CA THR F 45 12.64 15.95 30.04
C THR F 45 12.40 14.66 30.85
N VAL F 46 12.89 14.68 32.09
CA VAL F 46 12.69 13.59 33.06
C VAL F 46 11.19 13.45 33.35
N ALA F 47 10.55 14.56 33.71
CA ALA F 47 9.10 14.58 33.93
C ALA F 47 8.33 14.10 32.70
N SER F 48 8.69 14.60 31.54
CA SER F 48 8.00 14.22 30.30
C SER F 48 8.12 12.71 30.03
N SER F 49 9.27 12.14 30.38
CA SER F 49 9.54 10.73 30.18
C SER F 49 8.75 9.86 31.19
N LEU F 50 8.66 10.30 32.44
CA LEU F 50 7.84 9.60 33.44
C LEU F 50 6.35 9.63 33.04
N ASP F 51 5.92 10.70 32.40
CA ASP F 51 4.57 10.75 31.84
C ASP F 51 4.33 9.71 30.77
N ARG F 52 5.19 9.60 29.78
CA ARG F 52 5.03 8.56 28.77
C ARG F 52 4.90 7.17 29.39
N LEU F 53 5.60 6.96 30.51
CA LEU F 53 5.51 5.71 31.24
C LEU F 53 4.16 5.53 31.95
N ILE F 54 3.60 6.62 32.46
CA ILE F 54 2.30 6.61 33.13
C ILE F 54 1.18 6.48 32.11
N LYS F 55 1.33 7.17 30.99
CA LYS F 55 0.42 7.04 29.85
C LYS F 55 0.32 5.58 29.47
N LYS F 56 1.48 4.90 29.41
CA LYS F 56 1.57 3.48 29.01
C LYS F 56 1.30 2.46 30.16
N GLU F 57 0.83 2.97 31.31
CA GLU F 57 0.45 2.14 32.46
C GLU F 57 1.64 1.57 33.24
N LYS F 58 2.86 1.92 32.84
CA LYS F 58 4.04 1.31 33.42
C LYS F 58 4.46 1.94 34.74
N LEU F 59 3.84 3.07 35.12
CA LEU F 59 4.21 3.77 36.33
C LEU F 59 3.02 4.48 36.86
N THR F 60 3.10 4.84 38.13
CA THR F 60 1.99 5.45 38.85
C THR F 60 2.38 6.90 39.22
N GLU F 61 1.39 7.78 39.42
CA GLU F 61 1.69 9.19 39.72
C GLU F 61 2.49 9.28 41.00
N ALA F 62 2.13 8.50 42.00
CA ALA F 62 2.95 8.38 43.19
C ALA F 62 4.44 8.23 42.82
N ASP F 63 4.72 7.35 41.84
CA ASP F 63 6.08 7.02 41.40
C ASP F 63 6.74 8.22 40.71
N LYS F 64 5.97 8.95 39.91
CA LYS F 64 6.52 10.14 39.28
C LYS F 64 6.86 11.20 40.32
N ALA F 65 5.97 11.45 41.25
CA ALA F 65 6.28 12.41 42.28
C ALA F 65 7.51 11.97 43.05
N SER F 66 7.59 10.68 43.37
CA SER F 66 8.75 10.20 44.18
C SER F 66 10.15 10.38 43.53
N ALA F 67 10.22 10.20 42.21
CA ALA F 67 11.45 10.37 41.49
C ALA F 67 11.82 11.85 41.44
N LEU F 68 10.94 12.70 40.91
CA LEU F 68 11.13 14.17 40.95
C LEU F 68 11.57 14.68 42.31
N ALA F 69 11.08 14.12 43.39
CA ALA F 69 11.49 14.67 44.69
C ALA F 69 12.90 14.28 45.05
N ARG F 70 13.53 13.43 44.24
CA ARG F 70 14.86 12.96 44.53
C ARG F 70 15.90 13.81 43.79
N ILE F 71 15.43 14.63 42.87
CA ILE F 71 16.28 15.31 41.95
C ILE F 71 16.33 16.77 42.31
N LYS F 72 17.48 17.21 42.77
CA LYS F 72 17.72 18.61 43.12
C LYS F 72 18.54 19.29 42.00
N GLY F 73 17.93 20.29 41.36
CA GLY F 73 18.56 21.10 40.31
C GLY F 73 19.38 22.27 40.85
N SER F 74 20.35 22.73 40.08
CA SER F 74 21.30 23.68 40.60
C SER F 74 22.25 24.13 39.52
N THR F 75 22.71 25.36 39.67
CA THR F 75 23.76 25.90 38.83
C THR F 75 25.04 26.08 39.64
N SER F 76 25.11 25.48 40.82
CA SER F 76 26.28 25.67 41.69
C SER F 76 27.12 24.42 41.83
N TYR F 77 28.35 24.47 41.35
CA TYR F 77 29.27 23.38 41.68
C TYR F 77 29.44 23.13 43.18
N ASP F 78 29.12 24.11 44.02
CA ASP F 78 29.23 23.94 45.48
C ASP F 78 28.25 22.91 46.02
N ASP F 79 27.10 22.79 45.35
CA ASP F 79 26.13 21.78 45.69
C ASP F 79 26.67 20.33 45.55
N LEU F 80 27.75 20.12 44.79
CA LEU F 80 28.38 18.81 44.69
C LEU F 80 29.16 18.41 45.96
N LYS F 81 29.57 19.35 46.80
CA LYS F 81 30.18 18.99 48.08
C LYS F 81 29.29 18.07 48.86
N ALA F 82 27.98 18.15 48.66
CA ALA F 82 27.07 17.27 49.37
C ALA F 82 26.72 15.98 48.59
N THR F 83 27.71 15.36 47.94
CA THR F 83 27.43 14.11 47.24
C THR F 83 28.52 13.11 47.52
N ASP F 84 28.23 11.85 47.23
CA ASP F 84 29.20 10.75 47.39
C ASP F 84 30.02 10.44 46.16
N ILE F 85 29.55 10.90 45.02
CA ILE F 85 30.24 10.67 43.76
C ILE F 85 29.73 11.72 42.81
N VAL F 86 30.62 12.27 41.97
CA VAL F 86 30.19 13.20 40.92
C VAL F 86 30.38 12.53 39.54
N ILE F 87 29.35 12.64 38.70
CA ILE F 87 29.42 12.10 37.35
C ILE F 87 29.44 13.24 36.34
N GLU F 88 30.56 13.37 35.63
CA GLU F 88 30.68 14.34 34.53
C GLU F 88 30.02 13.83 33.26
N ALA F 89 28.99 14.54 32.82
CA ALA F 89 28.26 14.13 31.61
C ALA F 89 27.77 15.31 30.81
N ALA F 90 28.73 16.15 30.43
CA ALA F 90 28.47 17.47 29.87
C ALA F 90 28.97 17.62 28.43
N THR F 91 30.18 17.11 28.17
CA THR F 91 30.85 17.39 26.89
C THR F 91 31.90 16.35 26.50
N GLU F 92 31.98 16.05 25.18
CA GLU F 92 33.09 15.27 24.59
C GLU F 92 34.16 16.17 23.99
N ASN F 93 34.01 17.48 24.08
CA ASN F 93 35.15 18.34 23.86
C ASN F 93 36.19 18.16 24.98
N TYR F 94 37.35 17.64 24.63
CA TYR F 94 38.36 17.25 25.59
C TYR F 94 38.74 18.40 26.54
N ASP F 95 39.11 19.54 25.94
CA ASP F 95 39.54 20.75 26.65
C ASP F 95 38.45 21.25 27.59
N LEU F 96 37.23 21.42 27.07
CA LEU F 96 36.14 21.81 27.91
C LEU F 96 35.97 20.80 29.05
N LYS F 97 36.07 19.51 28.72
CA LYS F 97 35.82 18.44 29.68
C LYS F 97 36.84 18.41 30.83
N VAL F 98 38.11 18.64 30.47
CA VAL F 98 39.16 18.77 31.42
C VAL F 98 38.93 19.97 32.34
N LYS F 99 38.49 21.11 31.82
CA LYS F 99 38.30 22.24 32.71
C LYS F 99 37.23 21.92 33.76
N ILE F 100 36.21 21.16 33.35
CA ILE F 100 35.14 20.76 34.24
C ILE F 100 35.59 19.75 35.31
N LEU F 101 36.39 18.76 34.90
CA LEU F 101 36.88 17.77 35.86
C LEU F 101 37.89 18.38 36.85
N LYS F 102 38.66 19.35 36.39
CA LYS F 102 39.60 20.05 37.21
C LYS F 102 38.83 20.95 38.18
N GLN F 103 37.75 21.55 37.70
CA GLN F 103 36.94 22.42 38.56
C GLN F 103 36.29 21.60 39.72
N ILE F 104 35.63 20.49 39.38
CA ILE F 104 35.12 19.52 40.35
C ILE F 104 36.16 19.01 41.37
N ASP F 105 37.31 18.61 40.85
CA ASP F 105 38.37 18.17 41.70
C ASP F 105 38.69 19.24 42.77
N GLY F 106 38.65 20.51 42.38
CA GLY F 106 38.94 21.61 43.29
C GLY F 106 37.91 21.80 44.42
N ILE F 107 36.64 21.46 44.18
CA ILE F 107 35.51 21.76 45.08
C ILE F 107 35.15 20.67 46.10
N VAL F 108 35.26 19.39 45.72
CA VAL F 108 34.63 18.29 46.46
C VAL F 108 35.65 17.72 47.39
N GLY F 109 35.19 16.99 48.41
CA GLY F 109 36.11 16.49 49.42
C GLY F 109 36.97 15.45 48.78
N GLU F 110 38.05 15.04 49.43
CA GLU F 110 38.92 14.02 48.84
C GLU F 110 38.39 12.57 48.92
N ASN F 111 37.23 12.36 49.55
CA ASN F 111 36.51 11.07 49.55
C ASN F 111 35.69 10.83 48.30
N VAL F 112 35.34 11.90 47.62
CA VAL F 112 34.37 11.80 46.58
C VAL F 112 35.05 11.32 45.31
N ILE F 113 34.33 10.47 44.63
CA ILE F 113 34.84 9.78 43.47
C ILE F 113 34.41 10.68 42.33
N ILE F 114 35.30 10.85 41.37
CA ILE F 114 34.92 11.54 40.15
C ILE F 114 34.79 10.52 39.05
N ALA F 115 33.65 10.51 38.38
CA ALA F 115 33.45 9.67 37.19
C ALA F 115 33.15 10.50 35.96
N SER F 116 33.48 9.96 34.79
CA SER F 116 33.18 10.64 33.53
C SER F 116 32.48 9.70 32.57
N ASN F 117 31.41 10.19 32.00
CA ASN F 117 30.76 9.47 30.97
C ASN F 117 31.31 10.01 29.63
N THR F 118 31.96 9.12 28.91
CA THR F 118 32.64 9.47 27.69
C THR F 118 32.46 8.30 26.74
N SER F 119 32.15 8.59 25.49
CA SER F 119 31.92 7.49 24.62
C SER F 119 33.30 6.92 24.09
N SER F 120 34.42 7.62 24.37
CA SER F 120 35.72 7.10 23.89
C SER F 120 37.06 7.67 24.41
N ILE F 121 37.06 8.87 25.01
CA ILE F 121 38.28 9.53 25.61
C ILE F 121 39.04 8.65 26.66
N SER F 122 40.38 8.77 26.74
CA SER F 122 41.22 7.99 27.67
C SER F 122 40.97 8.33 29.13
N ILE F 123 40.54 7.33 29.87
CA ILE F 123 40.25 7.44 31.29
C ILE F 123 41.52 7.67 32.08
N THR F 124 42.59 7.03 31.67
CA THR F 124 43.89 7.23 32.29
C THR F 124 44.36 8.68 32.13
N LYS F 125 44.30 9.18 30.89
CA LYS F 125 44.64 10.57 30.61
C LYS F 125 43.70 11.50 31.44
N LEU F 126 42.37 11.26 31.43
CA LEU F 126 41.43 12.13 32.21
C LEU F 126 41.77 12.12 33.70
N ALA F 127 41.98 10.92 34.23
CA ALA F 127 42.32 10.73 35.62
C ALA F 127 43.51 11.60 35.98
N ALA F 128 44.50 11.63 35.09
CA ALA F 128 45.76 12.34 35.37
C ALA F 128 45.61 13.87 35.53
N VAL F 129 44.50 14.44 35.10
CA VAL F 129 44.34 15.85 35.23
C VAL F 129 43.73 16.22 36.56
N THR F 130 43.38 15.26 37.41
CA THR F 130 42.82 15.53 38.73
C THR F 130 43.86 15.14 39.77
N SER F 131 43.63 15.57 41.00
CA SER F 131 44.54 15.32 42.13
C SER F 131 44.35 13.93 42.69
N ARG F 132 43.41 13.19 42.12
CA ARG F 132 42.85 12.01 42.75
C ARG F 132 42.66 10.84 41.77
N ALA F 133 43.67 10.60 40.95
CA ALA F 133 43.59 9.63 39.86
C ALA F 133 43.00 8.30 40.32
N ASP F 134 43.51 7.81 41.45
CA ASP F 134 42.96 6.63 42.16
C ASP F 134 41.42 6.76 42.45
N ARG F 135 40.88 7.97 42.63
CA ARG F 135 39.44 8.12 42.89
C ARG F 135 38.70 8.55 41.61
N PHE F 136 39.30 8.22 40.47
CA PHE F 136 38.74 8.49 39.19
C PHE F 136 38.40 7.19 38.43
N ILE F 137 37.29 7.23 37.69
CA ILE F 137 36.86 6.11 36.87
C ILE F 137 35.87 6.55 35.80
N GLY F 138 35.92 5.88 34.63
CA GLY F 138 34.98 6.13 33.57
C GLY F 138 33.71 5.31 33.80
N MET F 139 32.55 5.95 33.63
CA MET F 139 31.23 5.34 33.88
C MET F 139 30.37 5.70 32.67
N HIS F 140 30.41 4.79 31.71
CA HIS F 140 29.89 5.02 30.39
C HIS F 140 28.54 4.35 30.31
N PHE F 141 27.50 5.16 30.17
CA PHE F 141 26.09 4.72 30.14
C PHE F 141 25.63 4.84 28.70
N PHE F 142 24.42 4.35 28.40
CA PHE F 142 23.95 4.38 27.02
C PHE F 142 22.58 4.91 26.78
N ASN F 143 22.53 5.89 25.92
CA ASN F 143 21.31 6.36 25.20
C ASN F 143 20.31 5.28 24.82
N PRO F 144 19.07 5.28 25.38
CA PRO F 144 18.49 6.01 26.51
C PRO F 144 18.81 5.41 27.83
N VAL F 145 19.40 6.20 28.72
CA VAL F 145 19.91 5.65 29.98
C VAL F 145 18.89 4.90 30.77
N PRO F 146 17.70 5.51 31.03
CA PRO F 146 16.76 4.79 31.91
C PRO F 146 16.42 3.40 31.39
N VAL F 147 16.53 3.21 30.09
CA VAL F 147 16.15 1.96 29.48
C VAL F 147 17.30 0.98 29.33
N MET F 148 18.47 1.44 28.90
CA MET F 148 19.59 0.55 28.55
C MET F 148 20.34 -0.01 29.77
N ALA F 149 20.39 -1.34 29.87
CA ALA F 149 20.84 -2.04 31.08
C ALA F 149 22.33 -1.98 31.37
N LEU F 150 23.13 -1.62 30.37
CA LEU F 150 24.56 -1.77 30.46
C LEU F 150 25.21 -0.56 31.06
N VAL F 151 26.27 -0.82 31.83
CA VAL F 151 27.16 0.24 32.27
C VAL F 151 28.62 -0.22 32.07
N GLU F 152 29.34 0.53 31.23
CA GLU F 152 30.76 0.25 31.01
C GLU F 152 31.63 1.00 32.07
N LEU F 153 32.08 0.30 33.08
CA LEU F 153 33.05 0.89 34.01
C LEU F 153 34.47 0.76 33.45
N ILE F 154 35.14 1.88 33.21
CA ILE F 154 36.46 1.82 32.65
C ILE F 154 37.52 2.17 33.68
N ARG F 155 38.38 1.24 34.02
CA ARG F 155 39.52 1.53 34.88
C ARG F 155 40.68 2.13 34.11
N GLY F 156 41.05 3.36 34.44
CA GLY F 156 42.38 3.87 34.14
C GLY F 156 43.40 3.02 34.92
N LEU F 157 44.68 3.15 34.57
CA LEU F 157 45.74 2.48 35.30
C LEU F 157 45.84 2.94 36.77
N GLN F 158 45.40 4.15 37.07
CA GLN F 158 45.53 4.70 38.39
C GLN F 158 44.37 4.28 39.29
N THR F 159 43.21 3.91 38.71
CA THR F 159 41.97 3.61 39.44
C THR F 159 42.13 2.48 40.43
N SER F 160 41.73 2.68 41.68
CA SER F 160 41.89 1.66 42.74
C SER F 160 40.74 0.64 42.79
N ASP F 161 40.98 -0.48 43.48
CA ASP F 161 39.94 -1.49 43.56
C ASP F 161 38.75 -0.90 44.30
N THR F 162 39.04 -0.09 45.33
CA THR F 162 38.00 0.54 46.15
C THR F 162 37.03 1.42 45.37
N THR F 163 37.60 2.25 44.49
CA THR F 163 36.80 3.12 43.66
C THR F 163 35.96 2.24 42.75
N HIS F 164 36.63 1.24 42.20
CA HIS F 164 35.97 0.33 41.30
C HIS F 164 34.83 -0.42 42.00
N ALA F 165 35.08 -0.84 43.23
CA ALA F 165 34.10 -1.60 43.99
C ALA F 165 32.87 -0.72 44.26
N ALA F 166 33.15 0.54 44.55
CA ALA F 166 32.09 1.41 44.97
C ALA F 166 31.17 1.67 43.81
N VAL F 167 31.76 1.85 42.65
CA VAL F 167 31.03 2.24 41.45
C VAL F 167 30.30 1.03 40.82
N GLU F 168 30.91 -0.14 40.91
CA GLU F 168 30.22 -1.37 40.60
C GLU F 168 28.94 -1.52 41.45
N ALA F 169 29.06 -1.36 42.77
CA ALA F 169 27.90 -1.40 43.72
C ALA F 169 26.79 -0.41 43.33
N LEU F 170 27.17 0.82 43.07
CA LEU F 170 26.27 1.80 42.54
C LEU F 170 25.59 1.38 41.25
N SER F 171 26.32 0.73 40.34
CA SER F 171 25.71 0.29 39.07
C SER F 171 24.60 -0.73 39.33
N LYS F 172 24.87 -1.62 40.28
CA LYS F 172 23.88 -2.59 40.70
C LYS F 172 22.69 -1.93 41.43
N GLN F 173 22.97 -1.01 42.35
CA GLN F 173 21.91 -0.24 42.95
C GLN F 173 20.97 0.30 41.88
N LEU F 174 21.48 0.72 40.74
CA LEU F 174 20.60 1.22 39.68
C LEU F 174 19.86 0.15 38.91
N GLY F 175 20.17 -1.12 39.17
CA GLY F 175 19.62 -2.21 38.34
C GLY F 175 20.30 -2.28 36.97
N LYS F 176 21.56 -1.84 36.90
CA LYS F 176 22.31 -1.92 35.66
C LYS F 176 23.35 -3.03 35.80
N TYR F 177 23.63 -3.66 34.68
CA TYR F 177 24.63 -4.71 34.58
C TYR F 177 25.98 -4.05 34.36
N PRO F 178 26.87 -4.08 35.35
CA PRO F 178 28.20 -3.47 35.15
C PRO F 178 29.20 -4.37 34.42
N ILE F 179 29.95 -3.77 33.51
CA ILE F 179 31.00 -4.46 32.77
C ILE F 179 32.26 -3.69 33.11
N THR F 180 33.32 -4.39 33.50
CA THR F 180 34.62 -3.76 33.82
C THR F 180 35.67 -3.89 32.69
N VAL F 181 36.05 -2.76 32.10
CA VAL F 181 36.98 -2.70 30.97
C VAL F 181 38.33 -2.04 31.32
N LYS F 182 39.46 -2.68 31.01
CA LYS F 182 40.79 -2.00 30.97
C LYS F 182 40.81 -0.89 29.92
N ASN F 183 41.29 0.29 30.28
CA ASN F 183 41.20 1.48 29.45
C ASN F 183 41.89 1.26 28.10
N SER F 184 41.34 1.87 27.08
CA SER F 184 41.69 1.55 25.73
C SER F 184 40.87 2.63 25.01
N PRO F 185 41.10 2.76 23.68
CA PRO F 185 40.28 3.59 22.79
C PRO F 185 39.01 2.91 22.37
N GLY F 186 37.92 3.66 22.54
CA GLY F 186 36.55 3.13 22.38
C GLY F 186 36.13 2.05 23.35
N PHE F 187 36.99 1.73 24.31
CA PHE F 187 36.70 0.70 25.31
C PHE F 187 36.27 -0.65 24.67
N VAL F 188 35.14 -1.23 25.06
CA VAL F 188 34.68 -2.51 24.56
C VAL F 188 33.56 -2.36 23.52
N VAL F 189 32.52 -1.62 23.88
CA VAL F 189 31.33 -1.57 23.08
C VAL F 189 31.50 -0.79 21.77
N ASN F 190 31.89 0.48 21.86
CA ASN F 190 32.12 1.32 20.69
C ASN F 190 33.26 0.84 19.83
N ARG F 191 34.33 0.38 20.48
CA ARG F 191 35.45 -0.25 19.79
C ARG F 191 35.01 -1.30 18.77
N ILE F 192 34.00 -2.10 19.15
CA ILE F 192 33.45 -3.16 18.30
C ILE F 192 32.35 -2.66 17.37
N LEU F 193 31.54 -1.71 17.84
CA LEU F 193 30.34 -1.31 17.15
C LEU F 193 30.54 -0.19 16.13
N CYS F 194 31.27 0.84 16.52
CA CYS F 194 31.50 1.93 15.60
C CYS F 194 32.24 1.50 14.33
N PRO F 195 33.32 0.67 14.44
CA PRO F 195 33.95 0.29 13.17
C PRO F 195 33.03 -0.55 12.30
N MET F 196 32.15 -1.31 12.93
CA MET F 196 31.14 -1.97 12.13
C MET F 196 30.31 -0.93 11.31
N ILE F 197 29.80 0.10 11.99
CA ILE F 197 29.01 1.15 11.36
C ILE F 197 29.85 1.88 10.33
N ASN F 198 31.08 2.19 10.70
CA ASN F 198 32.04 2.69 9.71
C ASN F 198 32.11 1.85 8.42
N GLU F 199 32.05 0.53 8.57
CA GLU F 199 32.15 -0.36 7.45
C GLU F 199 30.93 -0.32 6.60
N ALA F 200 29.75 -0.16 7.24
CA ALA F 200 28.51 0.02 6.48
C ALA F 200 28.64 1.21 5.60
N PHE F 201 29.21 2.30 6.12
CA PHE F 201 29.45 3.47 5.27
C PHE F 201 30.47 3.21 4.13
N CYS F 202 31.45 2.31 4.33
CA CYS F 202 32.44 2.08 3.26
C CYS F 202 31.71 1.33 2.15
N VAL F 203 30.93 0.33 2.55
CA VAL F 203 30.14 -0.41 1.59
C VAL F 203 29.26 0.52 0.74
N LEU F 204 28.69 1.53 1.39
CA LEU F 204 27.70 2.42 0.79
C LEU F 204 28.36 3.36 -0.14
N GLY F 205 29.47 3.91 0.35
CA GLY F 205 30.36 4.75 -0.45
C GLY F 205 30.98 3.98 -1.60
N GLU F 206 31.13 2.65 -1.45
CA GLU F 206 31.70 1.81 -2.52
C GLU F 206 30.68 1.46 -3.63
N GLY F 207 29.42 1.91 -3.48
CA GLY F 207 28.37 1.65 -4.47
C GLY F 207 27.89 0.21 -4.58
N LEU F 208 28.18 -0.63 -3.57
CA LEU F 208 27.82 -2.07 -3.64
C LEU F 208 26.33 -2.31 -3.54
N ALA F 209 25.62 -1.43 -2.83
CA ALA F 209 24.20 -1.63 -2.52
C ALA F 209 23.60 -0.35 -1.96
N SER F 210 22.29 -0.28 -1.87
CA SER F 210 21.60 0.90 -1.34
C SER F 210 21.52 0.92 0.21
N PRO F 211 21.31 2.10 0.82
CA PRO F 211 21.25 2.15 2.29
C PRO F 211 20.21 1.22 2.88
N GLU F 212 19.04 1.23 2.26
CA GLU F 212 17.89 0.43 2.67
C GLU F 212 18.32 -1.03 2.66
N GLU F 213 18.99 -1.39 1.59
CA GLU F 213 19.51 -2.73 1.43
C GLU F 213 20.67 -3.06 2.42
N ILE F 214 21.63 -2.15 2.65
CA ILE F 214 22.58 -2.41 3.74
C ILE F 214 21.86 -2.70 5.07
N ASP F 215 20.89 -1.86 5.44
CA ASP F 215 20.21 -2.00 6.75
C ASP F 215 19.37 -3.28 6.89
N GLU F 216 18.59 -3.60 5.86
CA GLU F 216 17.78 -4.84 5.85
C GLU F 216 18.66 -6.09 5.88
N GLY F 217 19.73 -6.07 5.11
CA GLY F 217 20.78 -7.06 5.25
C GLY F 217 21.16 -7.36 6.70
N MET F 218 21.45 -6.34 7.46
CA MET F 218 21.83 -6.52 8.86
C MET F 218 20.69 -6.91 9.81
N LYS F 219 19.48 -6.41 9.55
CA LYS F 219 18.30 -6.80 10.36
C LYS F 219 17.90 -8.22 10.12
N LEU F 220 17.63 -8.53 8.86
CA LEU F 220 17.15 -9.83 8.51
C LEU F 220 18.29 -10.85 8.64
N GLY F 221 19.40 -10.60 7.97
CA GLY F 221 20.55 -11.47 8.07
C GLY F 221 21.06 -11.72 9.47
N CYS F 222 21.16 -10.71 10.32
CA CYS F 222 21.83 -10.90 11.60
C CYS F 222 20.96 -10.66 12.77
N ASN F 223 19.68 -10.39 12.50
CA ASN F 223 18.70 -10.22 13.55
C ASN F 223 19.07 -9.03 14.39
N HIS F 224 19.68 -8.04 13.74
CA HIS F 224 19.99 -6.79 14.39
C HIS F 224 18.69 -6.02 14.51
N PRO F 225 18.47 -5.38 15.68
CA PRO F 225 17.24 -4.62 15.96
C PRO F 225 17.08 -3.42 15.04
N ILE F 226 18.21 -2.78 14.69
CA ILE F 226 18.20 -1.69 13.71
C ILE F 226 19.46 -1.75 12.83
N GLY F 227 19.34 -1.33 11.57
CA GLY F 227 20.44 -1.35 10.62
C GLY F 227 21.50 -0.27 10.86
N PRO F 228 22.77 -0.58 10.55
CA PRO F 228 23.86 0.25 10.99
C PRO F 228 23.73 1.70 10.60
N LEU F 229 23.30 1.94 9.37
CA LEU F 229 23.22 3.29 8.81
C LEU F 229 22.12 4.09 9.52
N ALA F 230 21.00 3.44 9.82
CA ALA F 230 19.92 4.08 10.59
C ALA F 230 20.36 4.31 12.04
N LEU F 231 21.13 3.37 12.57
CA LEU F 231 21.72 3.54 13.89
C LEU F 231 22.61 4.78 13.82
N ALA F 232 23.44 4.91 12.81
CA ALA F 232 24.35 6.07 12.77
C ALA F 232 23.57 7.39 12.85
N ASP F 233 22.58 7.56 11.97
CA ASP F 233 21.71 8.78 11.97
C ASP F 233 21.11 9.04 13.38
N MET F 234 20.76 7.97 14.12
CA MET F 234 20.27 8.13 15.50
C MET F 234 21.35 8.57 16.48
N ILE F 235 22.52 7.92 16.45
CA ILE F 235 23.59 8.24 17.37
C ILE F 235 24.12 9.63 17.09
N GLY F 236 24.08 10.02 15.80
CA GLY F 236 24.68 11.25 15.30
C GLY F 236 25.97 11.00 14.49
N LEU F 237 25.99 11.44 13.24
CA LEU F 237 27.14 11.20 12.39
C LEU F 237 28.36 12.02 12.82
N ASP F 238 28.13 13.15 13.44
CA ASP F 238 29.24 13.92 14.03
C ASP F 238 29.90 13.10 15.14
N THR F 239 29.12 12.35 15.87
CA THR F 239 29.60 11.62 17.02
C THR F 239 30.27 10.31 16.61
N MET F 240 29.85 9.78 15.47
CA MET F 240 30.41 8.58 14.91
C MET F 240 31.79 8.87 14.38
N LEU F 241 31.91 9.97 13.66
CA LEU F 241 33.19 10.47 13.16
C LEU F 241 34.13 10.77 14.29
N ALA F 242 33.64 11.41 15.31
CA ALA F 242 34.51 11.71 16.41
C ALA F 242 35.06 10.41 17.06
N VAL F 243 34.25 9.35 17.13
CA VAL F 243 34.79 8.08 17.70
C VAL F 243 35.84 7.43 16.79
N MET F 244 35.53 7.38 15.49
CA MET F 244 36.48 6.82 14.56
C MET F 244 37.77 7.60 14.59
N GLU F 245 37.69 8.93 14.67
CA GLU F 245 38.88 9.75 14.77
C GLU F 245 39.73 9.44 15.98
N VAL F 246 39.12 9.14 17.11
CA VAL F 246 39.88 8.88 18.34
C VAL F 246 40.56 7.55 18.16
N LEU F 247 39.86 6.60 17.57
CA LEU F 247 40.44 5.30 17.35
C LEU F 247 41.70 5.37 16.45
N TYR F 248 41.56 6.09 15.32
CA TYR F 248 42.64 6.22 14.31
C TYR F 248 43.84 6.92 14.90
N THR F 249 43.54 7.95 15.66
CA THR F 249 44.52 8.80 16.31
C THR F 249 45.18 8.15 17.50
N GLU F 250 44.41 7.48 18.36
CA GLU F 250 44.97 6.88 19.54
C GLU F 250 45.68 5.61 19.20
N PHE F 251 45.08 4.76 18.35
CA PHE F 251 45.82 3.59 17.83
C PHE F 251 46.87 3.98 16.78
N ALA F 252 46.66 5.07 16.05
CA ALA F 252 47.65 5.45 15.04
C ALA F 252 47.69 4.38 13.95
N ASP F 253 46.52 3.91 13.59
CA ASP F 253 46.40 2.80 12.72
C ASP F 253 45.26 3.02 11.72
N PRO F 254 45.62 3.19 10.42
CA PRO F 254 44.65 3.39 9.29
C PRO F 254 43.62 2.27 9.13
N LYS F 255 43.76 1.17 9.85
CA LYS F 255 42.66 0.25 9.95
C LYS F 255 41.33 0.96 10.37
N TYR F 256 41.43 1.89 11.30
CA TYR F 256 40.28 2.60 11.83
C TYR F 256 40.05 3.91 11.11
N ARG F 257 40.62 4.05 9.92
CA ARG F 257 40.43 5.26 9.12
C ARG F 257 38.91 5.49 8.88
N PRO F 258 38.42 6.70 8.99
CA PRO F 258 36.99 6.90 8.68
C PRO F 258 36.61 6.81 7.20
N ALA F 259 35.41 6.28 6.95
CA ALA F 259 34.83 6.28 5.61
C ALA F 259 34.71 7.67 5.04
N MET F 260 35.14 7.84 3.80
CA MET F 260 35.07 9.14 3.18
C MET F 260 33.64 9.71 3.16
N LEU F 261 32.65 8.83 2.98
CA LEU F 261 31.28 9.30 2.89
C LEU F 261 30.78 9.86 4.22
N MET F 262 31.23 9.28 5.33
CA MET F 262 30.85 9.77 6.64
C MET F 262 31.47 11.15 6.86
N ARG F 263 32.68 11.36 6.35
CA ARG F 263 33.30 12.68 6.48
C ARG F 263 32.52 13.73 5.72
N GLU F 264 32.02 13.35 4.55
CA GLU F 264 31.24 14.23 3.67
C GLU F 264 29.95 14.69 4.27
N MET F 265 29.18 13.77 4.80
CA MET F 265 27.90 14.13 5.36
C MET F 265 28.10 15.03 6.58
N VAL F 266 29.07 14.73 7.42
CA VAL F 266 29.35 15.58 8.60
C VAL F 266 29.77 17.00 8.17
N ALA F 267 30.57 17.09 7.13
CA ALA F 267 30.92 18.40 6.54
C ALA F 267 29.69 19.19 6.00
N ALA F 268 28.70 18.46 5.55
CA ALA F 268 27.54 19.06 5.00
C ALA F 268 26.58 19.54 6.12
N GLY F 269 26.82 19.12 7.36
CA GLY F 269 25.85 19.31 8.42
C GLY F 269 24.75 18.24 8.47
N TYR F 270 24.83 17.23 7.60
CA TYR F 270 23.89 16.15 7.64
C TYR F 270 24.27 15.23 8.76
N LEU F 271 23.91 15.61 9.99
CA LEU F 271 24.39 14.92 11.19
C LEU F 271 23.46 13.82 11.73
N GLY F 272 22.49 13.38 10.92
CA GLY F 272 21.49 12.44 11.37
C GLY F 272 20.12 13.07 11.72
N ARG F 273 19.46 12.52 12.75
CA ARG F 273 18.09 12.92 13.12
C ARG F 273 18.05 14.33 13.66
N LYS F 274 18.83 14.58 14.72
CA LYS F 274 19.04 15.93 15.29
C LYS F 274 19.18 17.10 14.31
N THR F 275 19.45 16.87 13.02
CA THR F 275 19.39 17.95 12.01
C THR F 275 18.38 17.67 10.90
N GLY F 276 17.67 16.55 11.02
CA GLY F 276 16.72 16.19 9.99
C GLY F 276 17.35 15.60 8.73
N ARG F 277 18.65 15.34 8.75
CA ARG F 277 19.27 14.71 7.62
C ARG F 277 20.51 13.97 8.03
N GLY F 278 20.59 12.74 7.54
CA GLY F 278 21.80 11.91 7.65
C GLY F 278 21.98 11.06 6.40
N VAL F 279 21.91 9.76 6.56
CA VAL F 279 21.88 8.88 5.42
C VAL F 279 20.47 8.98 4.85
N TYR F 280 19.49 9.02 5.73
CA TYR F 280 18.09 9.24 5.34
C TYR F 280 17.65 10.65 5.74
N VAL F 281 16.47 11.04 5.24
CA VAL F 281 15.83 12.33 5.50
C VAL F 281 14.76 12.20 6.60
N TYR F 282 14.58 13.27 7.40
CA TYR F 282 13.61 13.23 8.49
C TYR F 282 12.77 14.51 8.51
N SER F 283 11.61 14.45 9.17
CA SER F 283 10.68 15.59 9.24
C SER F 283 11.37 16.83 9.82
N LYS F 284 11.26 17.96 9.09
CA LYS F 284 11.99 19.22 9.32
C LYS F 284 13.25 19.23 8.46
N SER G 2 -29.70 -43.10 13.59
CA SER G 2 -30.22 -43.41 12.23
C SER G 2 -31.48 -42.57 11.95
N ILE G 3 -31.29 -41.29 11.61
CA ILE G 3 -32.41 -40.36 11.48
C ILE G 3 -32.99 -40.31 10.06
N ARG G 4 -34.10 -41.00 9.84
CA ARG G 4 -34.80 -40.94 8.55
C ARG G 4 -36.23 -40.36 8.66
N THR G 5 -36.74 -40.12 9.88
CA THR G 5 -38.06 -39.49 10.07
C THR G 5 -38.06 -38.35 11.10
N VAL G 6 -38.33 -37.12 10.64
CA VAL G 6 -38.30 -35.89 11.45
C VAL G 6 -39.68 -35.37 11.86
N GLY G 7 -39.91 -35.34 13.16
CA GLY G 7 -41.09 -34.65 13.73
C GLY G 7 -40.94 -33.14 13.68
N ILE G 8 -42.02 -32.47 13.28
CA ILE G 8 -42.11 -31.02 13.32
C ILE G 8 -43.42 -30.62 13.97
N VAL G 9 -43.35 -29.67 14.91
CA VAL G 9 -44.54 -29.12 15.51
C VAL G 9 -44.61 -27.66 15.10
N GLY G 10 -45.74 -27.32 14.49
CA GLY G 10 -45.99 -25.97 13.98
C GLY G 10 -45.78 -26.04 12.49
N ALA G 11 -46.78 -25.59 11.73
CA ALA G 11 -46.73 -25.63 10.26
C ALA G 11 -46.74 -24.24 9.63
N GLY G 12 -46.20 -23.25 10.34
CA GLY G 12 -46.08 -21.87 9.81
C GLY G 12 -44.78 -21.66 9.05
N THR G 13 -44.40 -20.39 8.90
CA THR G 13 -43.21 -20.02 8.17
C THR G 13 -42.05 -21.00 8.40
N MET G 14 -41.66 -21.16 9.67
CA MET G 14 -40.50 -21.98 10.03
C MET G 14 -40.78 -23.45 9.88
N GLY G 15 -41.87 -23.91 10.48
CA GLY G 15 -42.36 -25.29 10.28
C GLY G 15 -42.23 -25.88 8.88
N ASN G 16 -42.92 -25.32 7.88
CA ASN G 16 -42.82 -25.82 6.50
C ASN G 16 -41.40 -25.68 6.05
N GLY G 17 -40.77 -24.56 6.44
CA GLY G 17 -39.37 -24.31 6.14
C GLY G 17 -38.62 -25.59 6.41
N ILE G 18 -38.68 -26.04 7.64
CA ILE G 18 -37.86 -27.15 8.06
C ILE G 18 -38.32 -28.38 7.30
N ALA G 19 -39.62 -28.51 7.13
CA ALA G 19 -40.21 -29.67 6.45
C ALA G 19 -39.69 -29.76 5.03
N GLN G 20 -39.80 -28.65 4.32
CA GLN G 20 -39.34 -28.59 2.96
C GLN G 20 -37.90 -29.02 2.89
N ALA G 21 -37.08 -28.39 3.72
CA ALA G 21 -35.64 -28.57 3.72
C ALA G 21 -35.25 -29.99 4.04
N CYS G 22 -36.08 -30.66 4.82
CA CYS G 22 -35.90 -32.08 5.07
C CYS G 22 -36.38 -32.89 3.86
N ALA G 23 -37.58 -32.58 3.39
CA ALA G 23 -38.24 -33.35 2.34
C ALA G 23 -37.44 -33.41 1.03
N VAL G 24 -36.92 -32.27 0.57
CA VAL G 24 -36.14 -32.24 -0.67
C VAL G 24 -34.80 -33.00 -0.58
N VAL G 25 -34.42 -33.39 0.63
CA VAL G 25 -33.23 -34.20 0.86
C VAL G 25 -33.70 -35.64 1.09
N GLY G 26 -34.98 -35.88 0.78
CA GLY G 26 -35.57 -37.18 1.02
C GLY G 26 -35.48 -37.53 2.49
N LEU G 27 -36.34 -36.93 3.29
CA LEU G 27 -36.51 -37.32 4.68
C LEU G 27 -37.99 -37.33 4.95
N ASN G 28 -38.45 -38.28 5.76
CA ASN G 28 -39.87 -38.41 6.08
C ASN G 28 -40.23 -37.40 7.14
N VAL G 29 -40.97 -36.36 6.76
CA VAL G 29 -41.41 -35.35 7.71
C VAL G 29 -42.82 -35.65 8.19
N VAL G 30 -43.03 -35.46 9.48
CA VAL G 30 -44.35 -35.58 10.11
C VAL G 30 -44.69 -34.22 10.70
N MET G 31 -45.44 -33.42 9.94
CA MET G 31 -45.72 -32.05 10.35
C MET G 31 -47.06 -31.99 11.04
N VAL G 32 -47.10 -31.28 12.15
CA VAL G 32 -48.22 -31.33 13.08
C VAL G 32 -48.61 -29.91 13.53
N ASP G 33 -49.85 -29.50 13.29
CA ASP G 33 -50.36 -28.21 13.80
C ASP G 33 -51.69 -28.44 14.53
N ILE G 34 -52.42 -27.38 14.85
CA ILE G 34 -53.67 -27.49 15.64
C ILE G 34 -54.96 -27.61 14.83
N SER G 35 -55.02 -26.95 13.69
CA SER G 35 -56.17 -27.09 12.79
C SER G 35 -55.81 -28.05 11.66
N ASP G 36 -56.78 -28.35 10.80
CA ASP G 36 -56.50 -28.97 9.51
C ASP G 36 -56.24 -27.85 8.49
N ALA G 37 -56.72 -26.65 8.80
CA ALA G 37 -56.40 -25.41 8.08
C ALA G 37 -54.89 -25.09 8.06
N ALA G 38 -54.31 -24.98 9.26
CA ALA G 38 -52.90 -24.58 9.41
C ALA G 38 -51.95 -25.59 8.74
N VAL G 39 -52.33 -26.87 8.79
CA VAL G 39 -51.52 -27.93 8.19
C VAL G 39 -51.36 -27.74 6.66
N GLN G 40 -52.47 -27.66 5.93
CA GLN G 40 -52.44 -27.53 4.46
C GLN G 40 -51.95 -26.16 3.98
N LYS G 41 -52.28 -25.11 4.74
CA LYS G 41 -51.69 -23.80 4.49
C LYS G 41 -50.16 -23.90 4.56
N GLY G 42 -49.67 -24.76 5.45
CA GLY G 42 -48.25 -25.10 5.50
C GLY G 42 -47.80 -25.84 4.24
N VAL G 43 -48.58 -26.84 3.81
CA VAL G 43 -48.37 -27.54 2.52
C VAL G 43 -48.58 -26.65 1.27
N ALA G 44 -49.33 -25.57 1.41
CA ALA G 44 -49.51 -24.59 0.35
C ALA G 44 -48.22 -23.83 0.05
N THR G 45 -47.61 -23.25 1.09
CA THR G 45 -46.37 -22.47 0.88
C THR G 45 -45.26 -23.38 0.33
N VAL G 46 -45.25 -24.65 0.74
CA VAL G 46 -44.24 -25.59 0.22
C VAL G 46 -44.51 -25.91 -1.26
N ALA G 47 -45.79 -26.03 -1.62
CA ALA G 47 -46.18 -26.13 -3.02
C ALA G 47 -45.77 -24.84 -3.77
N SER G 48 -46.25 -23.68 -3.31
CA SER G 48 -45.94 -22.39 -3.92
C SER G 48 -44.43 -22.17 -4.18
N SER G 49 -43.58 -22.52 -3.20
CA SER G 49 -42.13 -22.30 -3.30
C SER G 49 -41.41 -23.31 -4.17
N LEU G 50 -41.88 -24.56 -4.15
CA LEU G 50 -41.39 -25.59 -5.08
C LEU G 50 -41.65 -25.21 -6.55
N ASP G 51 -42.82 -24.62 -6.82
CA ASP G 51 -43.16 -24.12 -8.16
C ASP G 51 -42.14 -23.06 -8.63
N ARG G 52 -41.73 -22.17 -7.74
CA ARG G 52 -40.69 -21.18 -8.06
C ARG G 52 -39.37 -21.83 -8.41
N LEU G 53 -39.01 -22.91 -7.72
CA LEU G 53 -37.74 -23.59 -7.96
C LEU G 53 -37.76 -24.30 -9.31
N ILE G 54 -38.86 -25.00 -9.59
CA ILE G 54 -39.11 -25.55 -10.92
C ILE G 54 -39.02 -24.43 -11.98
N LYS G 55 -39.67 -23.29 -11.73
CA LYS G 55 -39.64 -22.16 -12.68
C LYS G 55 -38.27 -21.45 -12.82
N LYS G 56 -37.35 -21.67 -11.87
CA LYS G 56 -35.98 -21.15 -11.99
C LYS G 56 -35.03 -22.25 -12.49
N GLU G 57 -35.62 -23.30 -13.06
CA GLU G 57 -34.87 -24.43 -13.63
C GLU G 57 -33.97 -25.11 -12.60
N LYS G 58 -34.42 -25.10 -11.34
CA LYS G 58 -33.84 -25.90 -10.27
C LYS G 58 -34.68 -27.16 -10.25
N LEU G 59 -34.01 -28.29 -10.07
CA LEU G 59 -34.63 -29.61 -10.28
C LEU G 59 -35.85 -29.80 -9.36
N THR G 60 -36.94 -30.42 -9.81
CA THR G 60 -37.38 -30.62 -11.20
C THR G 60 -38.89 -30.82 -11.03
N GLU G 61 -39.59 -31.08 -12.13
CA GLU G 61 -41.00 -31.48 -12.04
C GLU G 61 -41.17 -32.68 -11.11
N ALA G 62 -40.40 -33.72 -11.34
CA ALA G 62 -40.58 -35.01 -10.67
C ALA G 62 -40.29 -35.00 -9.16
N ASP G 63 -39.31 -34.21 -8.74
CA ASP G 63 -38.94 -34.12 -7.32
C ASP G 63 -39.98 -33.40 -6.47
N LYS G 64 -40.56 -32.30 -7.00
CA LYS G 64 -41.65 -31.61 -6.30
C LYS G 64 -42.60 -32.62 -5.70
N ALA G 65 -43.24 -33.40 -6.56
CA ALA G 65 -44.16 -34.43 -6.11
C ALA G 65 -43.47 -35.47 -5.22
N SER G 66 -42.18 -35.72 -5.45
CA SER G 66 -41.46 -36.77 -4.71
C SER G 66 -41.24 -36.34 -3.26
N ALA G 67 -40.70 -35.14 -3.09
CA ALA G 67 -40.58 -34.47 -1.80
C ALA G 67 -41.90 -34.54 -0.99
N LEU G 68 -42.98 -34.01 -1.57
CA LEU G 68 -44.30 -33.92 -0.91
C LEU G 68 -44.81 -35.25 -0.36
N ALA G 69 -44.54 -36.34 -1.08
CA ALA G 69 -44.93 -37.67 -0.62
C ALA G 69 -44.36 -37.97 0.77
N ARG G 70 -43.09 -37.61 0.97
CA ARG G 70 -42.43 -37.81 2.25
C ARG G 70 -43.02 -36.99 3.45
N ILE G 71 -43.77 -35.93 3.15
CA ILE G 71 -44.42 -35.16 4.21
C ILE G 71 -45.79 -35.74 4.59
N LYS G 72 -45.96 -36.08 5.87
CA LYS G 72 -47.21 -36.63 6.38
C LYS G 72 -47.91 -35.62 7.30
N GLY G 73 -48.66 -34.69 6.71
CA GLY G 73 -49.32 -33.60 7.48
C GLY G 73 -50.49 -34.08 8.34
N SER G 74 -50.40 -33.86 9.66
CA SER G 74 -51.35 -34.39 10.66
C SER G 74 -51.69 -33.40 11.81
N THR G 75 -52.72 -33.74 12.60
CA THR G 75 -53.09 -32.97 13.80
C THR G 75 -53.14 -33.81 15.09
N SER G 76 -52.81 -35.09 14.97
CA SER G 76 -52.69 -35.94 16.15
C SER G 76 -51.24 -35.90 16.57
N TYR G 77 -50.99 -35.54 17.83
CA TYR G 77 -49.61 -35.48 18.33
C TYR G 77 -48.99 -36.88 18.50
N ASP G 78 -49.81 -37.92 18.40
CA ASP G 78 -49.33 -39.32 18.48
C ASP G 78 -48.60 -39.79 17.22
N ASP G 79 -48.74 -39.06 16.12
CA ASP G 79 -48.03 -39.42 14.89
C ASP G 79 -46.52 -39.29 15.06
N LEU G 80 -46.12 -38.57 16.10
CA LEU G 80 -44.72 -38.36 16.43
C LEU G 80 -44.04 -39.56 17.11
N LYS G 81 -44.76 -40.65 17.38
CA LYS G 81 -44.08 -41.92 17.66
C LYS G 81 -43.35 -42.43 16.40
N ALA G 82 -43.85 -42.09 15.21
CA ALA G 82 -43.20 -42.44 13.96
C ALA G 82 -41.78 -41.86 13.84
N THR G 83 -41.49 -40.81 14.60
CA THR G 83 -40.32 -39.96 14.34
C THR G 83 -39.05 -40.36 15.07
N ASP G 84 -37.91 -40.06 14.44
CA ASP G 84 -36.58 -40.25 15.00
C ASP G 84 -36.15 -39.03 15.87
N ILE G 85 -36.89 -37.93 15.75
CA ILE G 85 -36.61 -36.67 16.44
C ILE G 85 -37.75 -35.70 16.19
N VAL G 86 -38.07 -34.86 17.17
CA VAL G 86 -39.07 -33.83 17.00
C VAL G 86 -38.46 -32.45 17.17
N ILE G 87 -38.82 -31.54 16.29
CA ILE G 87 -38.43 -30.14 16.37
C ILE G 87 -39.65 -29.27 16.61
N GLU G 88 -39.66 -28.54 17.73
CA GLU G 88 -40.72 -27.58 18.02
C GLU G 88 -40.44 -26.30 17.27
N ALA G 89 -41.48 -25.71 16.71
CA ALA G 89 -41.36 -24.51 15.92
C ALA G 89 -42.71 -23.83 15.82
N ALA G 90 -43.42 -23.82 16.95
CA ALA G 90 -44.74 -23.25 16.98
C ALA G 90 -44.67 -21.80 17.40
N THR G 91 -43.84 -21.49 18.39
CA THR G 91 -44.02 -20.26 19.17
C THR G 91 -42.81 -19.77 19.98
N GLU G 92 -42.69 -18.45 20.09
CA GLU G 92 -41.74 -17.80 21.02
C GLU G 92 -42.42 -17.37 22.35
N ASN G 93 -43.54 -18.01 22.71
CA ASN G 93 -44.15 -17.77 24.02
C ASN G 93 -43.60 -18.80 24.99
N TYR G 94 -43.02 -18.35 26.11
CA TYR G 94 -42.35 -19.27 27.00
C TYR G 94 -43.29 -20.32 27.59
N ASP G 95 -44.37 -19.86 28.20
CA ASP G 95 -45.28 -20.81 28.87
C ASP G 95 -45.87 -21.77 27.86
N LEU G 96 -46.22 -21.29 26.67
CA LEU G 96 -46.73 -22.18 25.64
C LEU G 96 -45.66 -23.16 25.16
N LYS G 97 -44.45 -22.65 24.98
CA LYS G 97 -43.35 -23.49 24.55
C LYS G 97 -43.21 -24.66 25.49
N VAL G 98 -43.21 -24.37 26.78
CA VAL G 98 -43.05 -25.39 27.82
C VAL G 98 -44.09 -26.48 27.64
N LYS G 99 -45.36 -26.08 27.66
CA LYS G 99 -46.49 -27.00 27.45
C LYS G 99 -46.32 -27.88 26.24
N ILE G 100 -45.99 -27.27 25.10
CA ILE G 100 -45.75 -28.05 23.87
C ILE G 100 -44.64 -29.08 24.04
N LEU G 101 -43.54 -28.71 24.69
CA LEU G 101 -42.43 -29.65 24.91
C LEU G 101 -42.76 -30.77 25.90
N LYS G 102 -43.55 -30.44 26.91
CA LYS G 102 -44.01 -31.45 27.87
C LYS G 102 -44.92 -32.42 27.15
N GLN G 103 -45.85 -31.86 26.40
CA GLN G 103 -46.73 -32.66 25.54
C GLN G 103 -45.88 -33.62 24.71
N ILE G 104 -44.95 -33.06 23.93
CA ILE G 104 -44.08 -33.87 23.10
C ILE G 104 -43.34 -34.90 23.95
N ASP G 105 -42.75 -34.45 25.06
CA ASP G 105 -41.98 -35.34 25.91
C ASP G 105 -42.76 -36.60 26.28
N GLY G 106 -44.03 -36.42 26.67
CA GLY G 106 -44.96 -37.51 26.96
C GLY G 106 -45.21 -38.52 25.83
N ILE G 107 -45.29 -38.06 24.59
CA ILE G 107 -45.57 -38.97 23.47
C ILE G 107 -44.32 -39.81 23.09
N VAL G 108 -43.26 -39.15 22.67
CA VAL G 108 -42.09 -39.85 22.10
C VAL G 108 -41.32 -40.64 23.15
N GLY G 109 -40.54 -41.59 22.65
CA GLY G 109 -39.73 -42.47 23.50
C GLY G 109 -38.47 -41.79 24.03
N GLU G 110 -38.00 -42.26 25.18
CA GLU G 110 -36.89 -41.67 25.94
C GLU G 110 -35.60 -41.39 25.18
N ASN G 111 -35.33 -42.17 24.13
CA ASN G 111 -34.11 -42.00 23.35
C ASN G 111 -34.30 -41.12 22.11
N VAL G 112 -35.51 -40.61 21.90
CA VAL G 112 -35.78 -39.68 20.80
C VAL G 112 -35.34 -38.27 21.21
N ILE G 113 -34.69 -37.56 20.30
CA ILE G 113 -34.23 -36.20 20.55
C ILE G 113 -35.39 -35.24 20.34
N ILE G 114 -35.42 -34.21 21.19
CA ILE G 114 -36.38 -33.13 21.13
C ILE G 114 -35.60 -31.81 20.99
N ALA G 115 -35.88 -31.06 19.92
CA ALA G 115 -35.24 -29.79 19.68
C ALA G 115 -36.27 -28.67 19.66
N SER G 116 -35.78 -27.44 19.79
CA SER G 116 -36.63 -26.25 19.81
C SER G 116 -35.94 -25.16 19.03
N ASN G 117 -36.63 -24.66 18.03
CA ASN G 117 -36.19 -23.48 17.31
C ASN G 117 -36.58 -22.27 18.19
N THR G 118 -35.72 -21.26 18.20
CA THR G 118 -35.89 -20.09 19.05
C THR G 118 -34.70 -19.18 18.79
N SER G 119 -34.94 -17.87 18.85
CA SER G 119 -33.91 -16.84 18.70
C SER G 119 -33.40 -16.37 20.06
N SER G 120 -34.23 -16.48 21.10
CA SER G 120 -33.90 -15.84 22.37
C SER G 120 -34.20 -16.61 23.65
N ILE G 121 -34.95 -17.69 23.58
CA ILE G 121 -35.30 -18.43 24.78
C ILE G 121 -34.16 -19.33 25.19
N SER G 122 -33.86 -19.30 26.49
CA SER G 122 -32.81 -20.12 27.09
C SER G 122 -33.05 -21.61 26.88
N ILE G 123 -32.16 -22.23 26.13
CA ILE G 123 -32.22 -23.68 25.85
C ILE G 123 -32.01 -24.55 27.08
N THR G 124 -31.16 -24.11 27.99
CA THR G 124 -31.00 -24.82 29.27
C THR G 124 -32.26 -24.79 30.08
N LYS G 125 -32.96 -23.67 30.12
CA LYS G 125 -34.23 -23.61 30.91
C LYS G 125 -35.31 -24.55 30.32
N LEU G 126 -35.43 -24.59 28.98
CA LEU G 126 -36.33 -25.53 28.29
C LEU G 126 -35.95 -27.00 28.49
N ALA G 127 -34.74 -27.36 28.11
CA ALA G 127 -34.27 -28.72 28.34
C ALA G 127 -34.68 -29.22 29.74
N ALA G 128 -34.57 -28.38 30.76
CA ALA G 128 -34.88 -28.84 32.12
C ALA G 128 -36.34 -29.24 32.34
N VAL G 129 -37.28 -28.75 31.50
CA VAL G 129 -38.70 -29.13 31.63
C VAL G 129 -39.06 -30.49 31.02
N THR G 130 -38.16 -31.07 30.23
CA THR G 130 -38.35 -32.40 29.66
C THR G 130 -37.65 -33.46 30.52
N SER G 131 -38.09 -34.72 30.41
CA SER G 131 -37.62 -35.80 31.29
C SER G 131 -36.22 -36.37 30.95
N ARG G 132 -35.73 -36.11 29.73
CA ARG G 132 -34.35 -36.44 29.36
C ARG G 132 -33.75 -35.20 28.75
N ALA G 133 -33.25 -34.30 29.61
CA ALA G 133 -32.64 -33.05 29.17
C ALA G 133 -31.36 -33.29 28.34
N ASP G 134 -30.66 -34.40 28.58
CA ASP G 134 -29.54 -34.76 27.70
C ASP G 134 -29.95 -35.03 26.25
N ARG G 135 -31.21 -35.38 26.06
CA ARG G 135 -31.74 -35.57 24.69
C ARG G 135 -32.28 -34.28 24.07
N PHE G 136 -32.16 -33.15 24.78
CA PHE G 136 -32.66 -31.87 24.31
C PHE G 136 -31.58 -31.00 23.68
N ILE G 137 -31.92 -30.27 22.63
CA ILE G 137 -30.99 -29.31 22.03
C ILE G 137 -31.69 -28.20 21.21
N GLY G 138 -31.09 -27.02 21.20
CA GLY G 138 -31.64 -25.89 20.48
C GLY G 138 -31.22 -25.88 19.03
N MET G 139 -32.16 -25.50 18.17
CA MET G 139 -31.82 -25.08 16.84
C MET G 139 -32.26 -23.64 16.63
N HIS G 140 -31.62 -22.98 15.68
CA HIS G 140 -32.03 -21.67 15.19
C HIS G 140 -31.84 -21.69 13.67
N PHE G 141 -32.96 -21.70 12.94
CA PHE G 141 -32.93 -21.62 11.47
C PHE G 141 -33.15 -20.17 11.06
N PHE G 142 -32.80 -19.83 9.82
CA PHE G 142 -32.94 -18.43 9.31
C PHE G 142 -34.02 -18.18 8.23
N ASN G 143 -34.52 -16.95 8.19
CA ASN G 143 -35.94 -16.63 7.95
C ASN G 143 -36.63 -17.13 6.70
N PRO G 144 -35.89 -17.18 5.57
CA PRO G 144 -36.26 -18.04 4.42
C PRO G 144 -35.48 -19.37 4.53
N VAL G 145 -36.10 -20.35 5.18
CA VAL G 145 -35.37 -21.52 5.66
C VAL G 145 -34.81 -22.47 4.60
N PRO G 146 -35.43 -22.53 3.40
CA PRO G 146 -34.83 -23.46 2.42
C PRO G 146 -33.54 -22.92 1.77
N VAL G 147 -33.46 -21.63 1.42
CA VAL G 147 -32.23 -21.10 0.79
C VAL G 147 -31.11 -20.79 1.79
N MET G 148 -31.48 -20.26 2.96
CA MET G 148 -30.49 -19.94 4.01
C MET G 148 -29.72 -21.20 4.44
N ALA G 149 -28.40 -21.11 4.35
CA ALA G 149 -27.55 -22.27 4.44
C ALA G 149 -26.87 -22.39 5.79
N LEU G 150 -27.50 -21.90 6.85
CA LEU G 150 -26.96 -22.18 8.18
C LEU G 150 -28.00 -22.33 9.27
N VAL G 151 -27.58 -23.03 10.31
CA VAL G 151 -28.35 -23.29 11.49
C VAL G 151 -27.43 -23.11 12.70
N GLU G 152 -27.97 -22.49 13.76
CA GLU G 152 -27.23 -22.41 15.01
C GLU G 152 -27.66 -23.61 15.79
N LEU G 153 -26.66 -24.35 16.30
CA LEU G 153 -26.88 -25.50 17.12
C LEU G 153 -26.47 -25.10 18.50
N ILE G 154 -27.45 -25.05 19.39
CA ILE G 154 -27.22 -24.50 20.70
C ILE G 154 -27.33 -25.55 21.80
N ARG G 155 -26.20 -25.85 22.45
CA ARG G 155 -26.24 -26.85 23.50
C ARG G 155 -26.79 -26.19 24.74
N GLY G 156 -27.76 -26.82 25.35
CA GLY G 156 -28.09 -26.49 26.72
C GLY G 156 -26.94 -27.06 27.53
N LEU G 157 -26.83 -26.63 28.77
CA LEU G 157 -25.88 -27.23 29.67
C LEU G 157 -25.95 -28.76 29.68
N GLN G 158 -27.11 -29.34 29.38
CA GLN G 158 -27.35 -30.78 29.54
C GLN G 158 -27.17 -31.58 28.25
N THR G 159 -27.24 -30.92 27.09
CA THR G 159 -27.20 -31.63 25.84
C THR G 159 -25.99 -32.56 25.78
N SER G 160 -26.22 -33.85 25.57
CA SER G 160 -25.11 -34.82 25.49
C SER G 160 -24.37 -34.68 24.21
N ASP G 161 -23.16 -35.24 24.20
CA ASP G 161 -22.35 -35.23 22.99
C ASP G 161 -22.96 -36.05 21.84
N THR G 162 -23.68 -37.12 22.17
CA THR G 162 -24.34 -37.94 21.12
C THR G 162 -25.59 -37.25 20.56
N THR G 163 -26.34 -36.56 21.43
CA THR G 163 -27.44 -35.72 20.99
C THR G 163 -26.88 -34.68 20.04
N HIS G 164 -25.68 -34.17 20.34
CA HIS G 164 -25.09 -33.11 19.53
C HIS G 164 -24.66 -33.59 18.15
N ALA G 165 -23.98 -34.72 18.06
CA ALA G 165 -23.49 -35.21 16.74
C ALA G 165 -24.66 -35.61 15.80
N ALA G 166 -25.67 -36.28 16.34
CA ALA G 166 -26.90 -36.63 15.61
C ALA G 166 -27.51 -35.46 14.92
N VAL G 167 -27.65 -34.36 15.67
CA VAL G 167 -28.27 -33.15 15.15
C VAL G 167 -27.31 -32.36 14.26
N GLU G 168 -26.03 -32.38 14.59
CA GLU G 168 -24.98 -31.85 13.70
C GLU G 168 -25.04 -32.48 12.30
N ALA G 169 -25.12 -33.81 12.29
CA ALA G 169 -25.20 -34.61 11.06
C ALA G 169 -26.51 -34.37 10.30
N LEU G 170 -27.61 -34.32 11.04
CA LEU G 170 -28.91 -34.04 10.48
C LEU G 170 -28.87 -32.73 9.73
N SER G 171 -28.14 -31.77 10.28
CA SER G 171 -28.04 -30.47 9.64
C SER G 171 -27.28 -30.59 8.35
N LYS G 172 -26.09 -31.19 8.42
CA LYS G 172 -25.23 -31.31 7.24
C LYS G 172 -26.02 -31.95 6.11
N GLN G 173 -26.84 -32.94 6.43
CA GLN G 173 -27.70 -33.60 5.44
C GLN G 173 -28.61 -32.61 4.71
N LEU G 174 -29.29 -31.78 5.50
CA LEU G 174 -30.13 -30.72 4.95
C LEU G 174 -29.32 -29.69 4.12
N GLY G 175 -28.01 -29.92 3.98
CA GLY G 175 -27.15 -29.04 3.19
C GLY G 175 -26.97 -27.70 3.87
N LYS G 176 -27.00 -27.75 5.19
CA LYS G 176 -26.90 -26.56 6.01
C LYS G 176 -25.53 -26.56 6.64
N TYR G 177 -25.03 -25.38 6.93
CA TYR G 177 -23.81 -25.24 7.71
C TYR G 177 -24.18 -25.04 9.19
N PRO G 178 -23.94 -26.03 10.03
CA PRO G 178 -24.22 -25.86 11.44
C PRO G 178 -23.09 -25.17 12.18
N ILE G 179 -23.47 -24.48 13.24
CA ILE G 179 -22.63 -23.59 14.00
C ILE G 179 -22.95 -23.93 15.45
N THR G 180 -22.03 -24.54 16.19
CA THR G 180 -22.31 -24.93 17.57
C THR G 180 -22.09 -23.79 18.58
N VAL G 181 -23.03 -23.63 19.51
CA VAL G 181 -22.99 -22.44 20.39
C VAL G 181 -23.41 -22.88 21.73
N LYS G 182 -22.63 -22.55 22.77
CA LYS G 182 -23.10 -22.79 24.13
C LYS G 182 -24.28 -21.84 24.42
N ASN G 183 -25.37 -22.35 25.00
CA ASN G 183 -26.50 -21.51 25.37
C ASN G 183 -26.07 -20.19 26.03
N SER G 184 -26.46 -19.07 25.40
CA SER G 184 -26.03 -17.71 25.81
C SER G 184 -26.95 -16.69 25.13
N PRO G 185 -27.28 -15.61 25.83
CA PRO G 185 -28.23 -14.70 25.25
C PRO G 185 -27.75 -14.22 23.86
N GLY G 186 -28.62 -14.34 22.84
CA GLY G 186 -28.27 -13.98 21.46
C GLY G 186 -27.40 -15.01 20.74
N PHE G 187 -27.04 -16.06 21.43
CA PHE G 187 -26.15 -17.06 20.89
C PHE G 187 -24.94 -16.37 20.21
N VAL G 188 -24.73 -16.61 18.93
CA VAL G 188 -23.60 -16.03 18.25
C VAL G 188 -24.09 -14.94 17.31
N VAL G 189 -25.06 -15.23 16.47
CA VAL G 189 -25.40 -14.28 15.42
C VAL G 189 -26.02 -13.01 15.92
N ASN G 190 -27.18 -13.15 16.55
CA ASN G 190 -27.87 -11.97 17.03
C ASN G 190 -27.02 -11.26 18.06
N ARG G 191 -26.27 -12.04 18.82
CA ARG G 191 -25.37 -11.48 19.80
C ARG G 191 -24.38 -10.49 19.26
N ILE G 192 -23.87 -10.69 18.06
CA ILE G 192 -22.98 -9.67 17.53
C ILE G 192 -23.62 -8.74 16.52
N LEU G 193 -24.49 -9.24 15.67
CA LEU G 193 -25.17 -8.37 14.74
C LEU G 193 -26.00 -7.34 15.50
N CYS G 194 -26.85 -7.77 16.41
CA CYS G 194 -27.86 -6.83 16.86
C CYS G 194 -27.31 -5.63 17.57
N PRO G 195 -26.28 -5.80 18.44
CA PRO G 195 -25.73 -4.59 19.11
C PRO G 195 -25.08 -3.60 18.14
N MET G 196 -24.64 -4.11 17.01
CA MET G 196 -24.17 -3.26 15.94
C MET G 196 -25.33 -2.40 15.46
N ILE G 197 -26.46 -3.02 15.15
CA ILE G 197 -27.60 -2.28 14.68
C ILE G 197 -27.91 -1.18 15.72
N ASN G 198 -28.04 -1.59 16.97
CA ASN G 198 -28.17 -0.63 18.06
C ASN G 198 -27.17 0.54 18.05
N GLU G 199 -25.91 0.28 17.71
CA GLU G 199 -24.96 1.40 17.64
C GLU G 199 -25.30 2.40 16.55
N ALA G 200 -25.77 1.93 15.38
CA ALA G 200 -26.30 2.82 14.33
C ALA G 200 -27.42 3.72 14.87
N PHE G 201 -28.34 3.16 15.64
CA PHE G 201 -29.36 4.01 16.24
C PHE G 201 -28.75 4.98 17.23
N CYS G 202 -27.70 4.56 17.95
CA CYS G 202 -27.03 5.50 18.81
C CYS G 202 -26.42 6.67 17.99
N VAL G 203 -25.72 6.33 16.92
CA VAL G 203 -25.12 7.35 16.03
C VAL G 203 -26.18 8.28 15.46
N LEU G 204 -27.25 7.73 14.92
CA LEU G 204 -28.38 8.50 14.42
C LEU G 204 -29.08 9.28 15.57
N GLY G 205 -29.22 8.61 16.70
CA GLY G 205 -29.82 9.23 17.88
C GLY G 205 -29.09 10.48 18.27
N GLU G 206 -27.76 10.48 18.13
CA GLU G 206 -26.93 11.63 18.53
C GLU G 206 -26.79 12.75 17.50
N GLY G 207 -27.40 12.63 16.34
CA GLY G 207 -27.26 13.66 15.33
C GLY G 207 -25.97 13.67 14.50
N LEU G 208 -25.16 12.63 14.56
CA LEU G 208 -23.85 12.72 13.91
C LEU G 208 -23.95 12.69 12.40
N ALA G 209 -24.95 12.01 11.89
CA ALA G 209 -25.07 11.80 10.49
C ALA G 209 -26.50 11.46 10.14
N SER G 210 -26.84 11.59 8.87
CA SER G 210 -28.14 11.18 8.40
C SER G 210 -28.16 9.67 8.26
N PRO G 211 -29.38 9.09 8.33
CA PRO G 211 -29.53 7.65 8.22
C PRO G 211 -29.00 7.11 6.90
N GLU G 212 -29.47 7.68 5.78
CA GLU G 212 -29.09 7.22 4.43
C GLU G 212 -27.59 7.19 4.37
N GLU G 213 -26.96 8.23 4.90
CA GLU G 213 -25.47 8.24 4.90
C GLU G 213 -24.87 7.28 5.90
N ILE G 214 -25.56 6.99 7.00
CA ILE G 214 -25.04 6.05 7.96
C ILE G 214 -24.97 4.73 7.25
N ASP G 215 -26.07 4.47 6.54
CA ASP G 215 -26.25 3.21 5.84
C ASP G 215 -25.26 3.11 4.67
N GLU G 216 -24.99 4.21 3.99
CA GLU G 216 -24.07 4.07 2.89
C GLU G 216 -22.63 3.94 3.35
N GLY G 217 -22.27 4.64 4.42
CA GLY G 217 -21.04 4.35 5.19
C GLY G 217 -20.71 2.85 5.39
N MET G 218 -21.70 2.09 5.88
CA MET G 218 -21.54 0.68 6.15
C MET G 218 -21.52 -0.20 4.90
N LYS G 219 -22.34 0.16 3.88
CA LYS G 219 -22.41 -0.56 2.58
C LYS G 219 -21.06 -0.48 1.87
N LEU G 220 -20.65 0.73 1.59
CA LEU G 220 -19.51 0.98 0.75
C LEU G 220 -18.18 0.83 1.46
N GLY G 221 -18.19 1.15 2.75
CA GLY G 221 -17.00 1.10 3.58
C GLY G 221 -16.67 -0.30 4.03
N CYS G 222 -17.71 -1.06 4.38
CA CYS G 222 -17.53 -2.40 4.93
C CYS G 222 -18.16 -3.42 4.04
N ASN G 223 -18.75 -2.98 2.94
CA ASN G 223 -19.17 -3.89 1.92
C ASN G 223 -20.25 -4.78 2.48
N HIS G 224 -21.14 -4.20 3.26
CA HIS G 224 -22.24 -4.96 3.84
C HIS G 224 -23.36 -4.86 2.83
N PRO G 225 -24.16 -5.91 2.68
CA PRO G 225 -25.25 -5.89 1.69
C PRO G 225 -26.32 -4.81 1.95
N ILE G 226 -26.88 -4.82 3.16
CA ILE G 226 -27.85 -3.82 3.55
C ILE G 226 -27.22 -2.99 4.65
N GLY G 227 -27.66 -1.75 4.75
CA GLY G 227 -27.25 -0.89 5.84
C GLY G 227 -27.97 -1.26 7.12
N PRO G 228 -27.31 -1.07 8.28
CA PRO G 228 -27.92 -1.40 9.57
C PRO G 228 -29.27 -0.75 9.80
N LEU G 229 -29.49 0.49 9.41
CA LEU G 229 -30.82 1.04 9.72
C LEU G 229 -31.91 0.43 8.82
N ALA G 230 -31.67 0.40 7.53
CA ALA G 230 -32.54 -0.33 6.58
C ALA G 230 -32.79 -1.77 7.05
N LEU G 231 -31.72 -2.41 7.51
CA LEU G 231 -31.81 -3.77 8.02
C LEU G 231 -32.77 -3.83 9.19
N ALA G 232 -32.67 -2.86 10.09
CA ALA G 232 -33.54 -2.86 11.25
C ALA G 232 -34.97 -2.73 10.79
N ASP G 233 -35.20 -1.90 9.78
CA ASP G 233 -36.56 -1.71 9.26
C ASP G 233 -37.14 -3.01 8.68
N MET G 234 -36.30 -3.87 8.09
CA MET G 234 -36.73 -5.24 7.70
C MET G 234 -36.96 -6.24 8.83
N ILE G 235 -36.16 -6.19 9.88
CA ILE G 235 -36.32 -7.11 11.02
C ILE G 235 -37.54 -6.73 11.86
N GLY G 236 -37.79 -5.44 12.00
CA GLY G 236 -38.80 -4.96 12.95
C GLY G 236 -38.08 -4.29 14.09
N LEU G 237 -38.42 -3.04 14.38
CA LEU G 237 -37.81 -2.35 15.51
C LEU G 237 -38.30 -2.88 16.83
N ASP G 238 -39.50 -3.45 16.85
CA ASP G 238 -40.01 -4.11 18.06
C ASP G 238 -39.27 -5.43 18.33
N THR G 239 -38.92 -6.13 17.26
CA THR G 239 -38.04 -7.30 17.30
C THR G 239 -36.60 -6.96 17.72
N MET G 240 -36.03 -5.91 17.14
CA MET G 240 -34.74 -5.34 17.54
C MET G 240 -34.60 -4.94 19.02
N LEU G 241 -35.53 -4.11 19.49
CA LEU G 241 -35.59 -3.66 20.87
C LEU G 241 -35.66 -4.83 21.83
N ALA G 242 -36.51 -5.78 21.49
CA ALA G 242 -36.71 -6.93 22.32
C ALA G 242 -35.41 -7.75 22.44
N VAL G 243 -34.67 -7.90 21.33
CA VAL G 243 -33.39 -8.60 21.42
C VAL G 243 -32.46 -7.85 22.38
N MET G 244 -32.42 -6.53 22.24
CA MET G 244 -31.58 -5.75 23.11
C MET G 244 -31.98 -5.84 24.55
N GLU G 245 -33.27 -5.89 24.83
CA GLU G 245 -33.74 -5.92 26.19
C GLU G 245 -33.35 -7.26 26.78
N VAL G 246 -33.33 -8.27 25.92
CA VAL G 246 -32.93 -9.60 26.36
C VAL G 246 -31.43 -9.61 26.69
N LEU G 247 -30.65 -8.94 25.87
CA LEU G 247 -29.21 -8.87 26.07
C LEU G 247 -28.93 -8.11 27.34
N TYR G 248 -29.58 -6.96 27.50
CA TYR G 248 -29.42 -6.14 28.70
C TYR G 248 -29.88 -6.87 29.96
N THR G 249 -30.94 -7.64 29.84
CA THR G 249 -31.56 -8.23 30.98
C THR G 249 -30.93 -9.52 31.37
N GLU G 250 -30.64 -10.39 30.39
CA GLU G 250 -29.97 -11.67 30.69
C GLU G 250 -28.52 -11.48 31.17
N PHE G 251 -27.76 -10.55 30.57
CA PHE G 251 -26.41 -10.19 31.05
C PHE G 251 -26.40 -9.30 32.27
N ALA G 252 -27.48 -8.53 32.44
CA ALA G 252 -27.57 -7.54 33.52
C ALA G 252 -26.39 -6.60 33.44
N ASP G 253 -26.20 -6.03 32.23
CA ASP G 253 -25.05 -5.16 31.90
C ASP G 253 -25.48 -4.08 30.87
N PRO G 254 -25.41 -2.77 31.29
CA PRO G 254 -25.78 -1.66 30.44
C PRO G 254 -24.94 -1.46 29.24
N LYS G 255 -23.83 -2.18 29.11
CA LYS G 255 -23.13 -2.22 27.83
C LYS G 255 -24.15 -2.43 26.69
N TYR G 256 -25.18 -3.22 26.98
CA TYR G 256 -26.24 -3.57 26.03
C TYR G 256 -27.53 -2.71 26.16
N ARG G 257 -27.47 -1.52 26.76
CA ARG G 257 -28.61 -0.57 26.70
C ARG G 257 -29.28 -0.54 25.32
N PRO G 258 -30.57 -0.73 25.23
CA PRO G 258 -31.15 -0.23 23.97
C PRO G 258 -30.93 1.28 23.73
N ALA G 259 -30.60 1.65 22.49
CA ALA G 259 -30.57 3.07 22.03
C ALA G 259 -31.89 3.78 22.25
N MET G 260 -31.83 5.05 22.57
CA MET G 260 -33.01 5.75 23.01
C MET G 260 -33.96 6.04 21.86
N LEU G 261 -33.40 6.41 20.72
CA LEU G 261 -34.17 6.57 19.49
C LEU G 261 -34.88 5.29 19.10
N MET G 262 -34.32 4.15 19.44
CA MET G 262 -34.97 2.87 19.13
C MET G 262 -36.19 2.70 19.99
N ARG G 263 -36.09 3.13 21.24
CA ARG G 263 -37.22 3.00 22.15
C ARG G 263 -38.34 3.89 21.72
N GLU G 264 -37.98 5.06 21.22
CA GLU G 264 -38.93 6.07 20.85
C GLU G 264 -39.73 5.62 19.64
N MET G 265 -39.03 5.11 18.64
CA MET G 265 -39.74 4.67 17.45
C MET G 265 -40.65 3.50 17.78
N VAL G 266 -40.21 2.58 18.64
CA VAL G 266 -41.10 1.51 19.10
C VAL G 266 -42.27 2.04 19.95
N ALA G 267 -42.09 3.12 20.69
CA ALA G 267 -43.19 3.65 21.47
C ALA G 267 -44.23 4.25 20.55
N ALA G 268 -43.77 4.88 19.48
CA ALA G 268 -44.67 5.52 18.52
C ALA G 268 -45.34 4.54 17.58
N GLY G 269 -44.85 3.31 17.49
CA GLY G 269 -45.47 2.35 16.60
C GLY G 269 -44.85 2.41 15.22
N TYR G 270 -43.71 3.09 15.12
CA TYR G 270 -42.95 3.12 13.89
C TYR G 270 -42.02 1.92 13.95
N LEU G 271 -42.55 0.76 13.53
CA LEU G 271 -41.89 -0.54 13.67
C LEU G 271 -41.04 -0.99 12.44
N GLY G 272 -41.06 -0.22 11.36
CA GLY G 272 -40.35 -0.62 10.13
C GLY G 272 -41.27 -0.81 8.93
N ARG G 273 -40.78 -1.60 7.96
CA ARG G 273 -41.54 -2.04 6.81
C ARG G 273 -42.94 -2.62 7.14
N LYS G 274 -43.04 -3.31 8.28
CA LYS G 274 -44.29 -3.89 8.68
C LYS G 274 -45.41 -2.97 9.14
N THR G 275 -45.13 -1.70 9.41
CA THR G 275 -46.15 -0.69 9.68
C THR G 275 -45.94 0.49 8.75
N GLY G 276 -45.16 0.31 7.67
CA GLY G 276 -44.88 1.38 6.69
C GLY G 276 -43.93 2.49 7.12
N ARG G 277 -43.48 2.43 8.37
CA ARG G 277 -42.67 3.48 8.93
C ARG G 277 -41.84 3.01 10.11
N GLY G 278 -40.55 3.28 9.99
CA GLY G 278 -39.59 3.00 11.03
C GLY G 278 -38.58 4.09 10.94
N VAL G 279 -37.38 3.74 10.50
CA VAL G 279 -36.33 4.75 10.35
C VAL G 279 -36.64 5.56 9.11
N TYR G 280 -36.98 4.84 8.05
CA TYR G 280 -37.38 5.45 6.82
C TYR G 280 -38.88 5.18 6.62
N VAL G 281 -39.43 5.84 5.61
CA VAL G 281 -40.85 5.72 5.29
C VAL G 281 -41.02 4.81 4.06
N TYR G 282 -41.95 3.87 4.14
CA TYR G 282 -42.24 2.92 3.05
C TYR G 282 -43.71 3.02 2.67
N SER G 283 -44.05 2.54 1.47
CA SER G 283 -45.36 2.86 0.85
C SER G 283 -46.59 2.07 1.36
N LYS G 284 -46.68 0.79 0.99
CA LYS G 284 -47.88 -0.07 1.22
C LYS G 284 -48.71 -0.19 -0.06
N SER H 2 -51.56 -9.88 -19.22
CA SER H 2 -52.84 -10.08 -18.49
C SER H 2 -53.61 -8.75 -18.36
N ILE H 3 -53.23 -7.91 -17.39
CA ILE H 3 -53.93 -6.64 -17.14
C ILE H 3 -52.97 -5.45 -17.04
N ARG H 4 -52.75 -4.81 -18.19
CA ARG H 4 -51.90 -3.64 -18.23
C ARG H 4 -52.73 -2.34 -18.02
N THR H 5 -53.98 -2.31 -18.50
CA THR H 5 -54.83 -1.07 -18.50
C THR H 5 -56.26 -1.22 -17.90
N VAL H 6 -56.66 -0.21 -17.15
CA VAL H 6 -57.88 -0.27 -16.34
C VAL H 6 -58.77 0.93 -16.59
N GLY H 7 -59.95 0.68 -17.17
CA GLY H 7 -60.96 1.72 -17.38
C GLY H 7 -61.86 1.91 -16.17
N ILE H 8 -62.31 3.14 -15.93
CA ILE H 8 -63.03 3.49 -14.71
C ILE H 8 -64.21 4.44 -14.97
N VAL H 9 -65.21 4.00 -15.74
CA VAL H 9 -66.37 4.84 -16.07
C VAL H 9 -67.15 5.31 -14.82
N GLY H 10 -66.93 6.55 -14.43
CA GLY H 10 -67.40 7.08 -13.14
C GLY H 10 -66.17 7.70 -12.49
N ALA H 11 -66.29 8.95 -12.03
CA ALA H 11 -65.09 9.77 -11.70
C ALA H 11 -65.21 10.75 -10.52
N GLY H 12 -66.18 10.54 -9.63
CA GLY H 12 -66.33 11.39 -8.44
C GLY H 12 -65.55 10.79 -7.28
N THR H 13 -65.88 11.19 -6.05
CA THR H 13 -65.18 10.71 -4.84
C THR H 13 -64.56 9.31 -5.00
N MET H 14 -65.39 8.35 -5.42
CA MET H 14 -64.96 6.94 -5.56
C MET H 14 -64.06 6.71 -6.77
N GLY H 15 -64.60 6.90 -7.97
CA GLY H 15 -63.93 6.54 -9.23
C GLY H 15 -62.50 7.08 -9.41
N ASN H 16 -62.26 8.29 -8.87
CA ASN H 16 -60.91 8.89 -8.89
C ASN H 16 -60.02 8.35 -7.76
N GLY H 17 -60.66 7.94 -6.67
CA GLY H 17 -60.03 7.11 -5.64
C GLY H 17 -59.49 5.83 -6.28
N ILE H 18 -60.32 5.14 -7.06
CA ILE H 18 -59.88 3.89 -7.71
C ILE H 18 -58.73 4.15 -8.69
N ALA H 19 -58.84 5.28 -9.40
CA ALA H 19 -57.88 5.63 -10.43
C ALA H 19 -56.57 5.92 -9.77
N GLN H 20 -56.63 6.69 -8.69
CA GLN H 20 -55.48 6.96 -7.87
C GLN H 20 -54.76 5.68 -7.45
N ALA H 21 -55.52 4.78 -6.82
CA ALA H 21 -55.03 3.52 -6.32
C ALA H 21 -54.44 2.64 -7.40
N CYS H 22 -55.05 2.69 -8.59
CA CYS H 22 -54.52 2.02 -9.81
C CYS H 22 -53.20 2.64 -10.31
N ALA H 23 -53.19 3.96 -10.40
CA ALA H 23 -52.07 4.70 -10.98
C ALA H 23 -50.82 4.53 -10.13
N VAL H 24 -50.98 4.73 -8.83
CA VAL H 24 -49.85 4.75 -7.90
C VAL H 24 -48.99 3.51 -8.03
N VAL H 25 -49.55 2.40 -8.51
CA VAL H 25 -48.77 1.17 -8.71
C VAL H 25 -48.42 0.88 -10.19
N GLY H 26 -48.58 1.87 -11.08
CA GLY H 26 -48.20 1.73 -12.51
C GLY H 26 -49.17 0.99 -13.44
N LEU H 27 -50.46 1.24 -13.25
CA LEU H 27 -51.46 0.72 -14.17
C LEU H 27 -52.06 1.87 -14.95
N ASN H 28 -52.38 1.57 -16.20
CA ASN H 28 -52.89 2.56 -17.12
C ASN H 28 -54.33 2.77 -16.79
N VAL H 29 -54.69 4.02 -16.54
CA VAL H 29 -56.03 4.39 -16.12
C VAL H 29 -56.70 5.29 -17.15
N VAL H 30 -57.79 4.80 -17.74
CA VAL H 30 -58.61 5.57 -18.70
C VAL H 30 -59.86 6.11 -18.00
N MET H 31 -59.72 7.12 -17.15
CA MET H 31 -60.83 7.57 -16.32
C MET H 31 -61.90 8.37 -17.09
N VAL H 32 -62.82 7.65 -17.74
CA VAL H 32 -63.97 8.25 -18.46
C VAL H 32 -64.93 9.02 -17.52
N ASP H 33 -65.81 9.81 -18.12
CA ASP H 33 -66.96 10.46 -17.45
C ASP H 33 -67.75 11.11 -18.64
N ILE H 34 -68.85 11.83 -18.38
CA ILE H 34 -69.61 12.43 -19.49
C ILE H 34 -68.98 13.72 -19.99
N SER H 35 -68.55 14.58 -19.05
CA SER H 35 -68.08 15.93 -19.39
C SER H 35 -66.53 16.01 -19.49
N ASP H 36 -66.02 17.20 -19.84
CA ASP H 36 -64.59 17.54 -19.69
C ASP H 36 -64.38 18.21 -18.33
N ALA H 37 -65.45 18.77 -17.79
CA ALA H 37 -65.41 19.50 -16.54
C ALA H 37 -65.17 18.54 -15.39
N ALA H 38 -66.04 17.54 -15.28
CA ALA H 38 -65.98 16.52 -14.23
C ALA H 38 -64.61 15.86 -14.16
N VAL H 39 -64.17 15.34 -15.30
CA VAL H 39 -62.85 14.68 -15.46
C VAL H 39 -61.73 15.41 -14.70
N GLN H 40 -61.76 16.75 -14.66
CA GLN H 40 -60.64 17.54 -14.11
C GLN H 40 -60.74 17.78 -12.60
N LYS H 41 -61.93 18.14 -12.11
CA LYS H 41 -62.10 18.25 -10.65
C LYS H 41 -61.81 16.91 -9.97
N GLY H 42 -62.03 15.83 -10.73
CA GLY H 42 -61.60 14.49 -10.33
C GLY H 42 -60.09 14.29 -10.29
N VAL H 43 -59.42 14.68 -11.38
CA VAL H 43 -57.95 14.61 -11.46
C VAL H 43 -57.34 15.52 -10.39
N ALA H 44 -58.07 16.56 -10.02
CA ALA H 44 -57.58 17.48 -9.01
C ALA H 44 -57.65 16.87 -7.59
N THR H 45 -58.57 15.95 -7.38
CA THR H 45 -58.69 15.25 -6.10
C THR H 45 -57.54 14.27 -5.93
N VAL H 46 -57.35 13.44 -6.96
CA VAL H 46 -56.19 12.55 -7.02
C VAL H 46 -54.94 13.34 -6.61
N ALA H 47 -54.74 14.47 -7.29
CA ALA H 47 -53.56 15.31 -7.12
C ALA H 47 -53.45 15.89 -5.70
N SER H 48 -54.52 16.54 -5.23
CA SER H 48 -54.57 17.05 -3.86
C SER H 48 -54.30 15.95 -2.85
N SER H 49 -54.72 14.71 -3.16
CA SER H 49 -54.44 13.58 -2.28
C SER H 49 -52.95 13.30 -2.33
N LEU H 50 -52.50 12.91 -3.50
CA LEU H 50 -51.13 12.59 -3.74
C LEU H 50 -50.20 13.63 -3.10
N ASP H 51 -50.58 14.91 -3.09
CA ASP H 51 -49.81 15.96 -2.38
C ASP H 51 -49.78 15.72 -0.85
N ARG H 52 -50.90 15.28 -0.29
CA ARG H 52 -50.96 14.95 1.13
C ARG H 52 -50.04 13.73 1.47
N LEU H 53 -49.79 12.89 0.46
CA LEU H 53 -48.89 11.73 0.58
C LEU H 53 -47.40 12.02 0.38
N ILE H 54 -47.09 13.09 -0.36
CA ILE H 54 -45.71 13.56 -0.54
C ILE H 54 -45.28 14.29 0.74
N LYS H 55 -46.20 15.10 1.30
CA LYS H 55 -46.00 15.73 2.60
C LYS H 55 -45.54 14.66 3.57
N LYS H 56 -46.40 13.66 3.79
CA LYS H 56 -46.13 12.51 4.70
C LYS H 56 -44.92 11.63 4.35
N GLU H 57 -44.32 11.86 3.17
CA GLU H 57 -43.09 11.22 2.69
C GLU H 57 -43.35 9.81 2.15
N LYS H 58 -44.62 9.53 1.83
CA LYS H 58 -45.03 8.22 1.33
C LYS H 58 -44.72 8.09 -0.16
N LEU H 59 -44.30 9.20 -0.78
CA LEU H 59 -44.02 9.28 -2.21
C LEU H 59 -43.17 10.55 -2.51
N THR H 60 -42.43 10.51 -3.63
CA THR H 60 -41.69 11.68 -4.20
C THR H 60 -42.53 12.43 -5.25
N GLU H 61 -42.06 13.62 -5.64
CA GLU H 61 -42.77 14.46 -6.62
C GLU H 61 -42.67 13.85 -8.04
N ALA H 62 -41.59 13.11 -8.30
CA ALA H 62 -41.42 12.37 -9.57
C ALA H 62 -42.44 11.22 -9.69
N ASP H 63 -42.57 10.44 -8.61
CA ASP H 63 -43.60 9.41 -8.51
C ASP H 63 -44.99 9.96 -8.90
N LYS H 64 -45.38 11.07 -8.28
CA LYS H 64 -46.69 11.69 -8.50
C LYS H 64 -47.02 11.92 -9.97
N ALA H 65 -46.02 12.39 -10.71
CA ALA H 65 -46.11 12.56 -12.14
C ALA H 65 -46.23 11.23 -12.88
N SER H 66 -45.39 10.25 -12.55
CA SER H 66 -45.53 8.88 -13.12
C SER H 66 -46.95 8.26 -13.00
N ALA H 67 -47.73 8.71 -12.00
CA ALA H 67 -49.09 8.24 -11.78
C ALA H 67 -50.06 9.11 -12.57
N LEU H 68 -49.88 10.42 -12.44
CA LEU H 68 -50.65 11.38 -13.24
C LEU H 68 -50.39 11.20 -14.72
N ALA H 69 -49.15 10.83 -15.06
CA ALA H 69 -48.79 10.34 -16.39
C ALA H 69 -49.74 9.23 -16.78
N ARG H 70 -49.76 8.16 -15.98
CA ARG H 70 -50.56 6.94 -16.26
C ARG H 70 -52.09 7.14 -16.37
N ILE H 71 -52.63 8.30 -15.99
CA ILE H 71 -54.08 8.50 -16.01
C ILE H 71 -54.59 9.29 -17.22
N LYS H 72 -54.99 8.58 -18.28
CA LYS H 72 -55.71 9.22 -19.39
C LYS H 72 -57.13 9.61 -18.94
N GLY H 73 -57.29 10.83 -18.43
CA GLY H 73 -58.65 11.42 -18.31
C GLY H 73 -59.33 11.36 -19.68
N SER H 74 -60.66 11.48 -19.72
CA SER H 74 -61.40 11.33 -21.00
C SER H 74 -62.89 11.63 -20.88
N THR H 75 -63.60 11.45 -21.99
CA THR H 75 -65.06 11.37 -22.02
C THR H 75 -65.60 10.47 -23.14
N SER H 76 -64.72 9.90 -23.95
CA SER H 76 -65.11 9.04 -25.06
C SER H 76 -65.12 7.59 -24.59
N TYR H 77 -66.30 7.00 -24.58
CA TYR H 77 -66.47 5.62 -24.14
C TYR H 77 -65.74 4.60 -25.03
N ASP H 78 -65.39 4.99 -26.27
CA ASP H 78 -64.67 4.08 -27.18
C ASP H 78 -63.21 3.85 -26.78
N ASP H 79 -62.65 4.80 -26.02
CA ASP H 79 -61.30 4.67 -25.43
C ASP H 79 -61.14 3.38 -24.59
N LEU H 80 -62.23 2.96 -23.97
CA LEU H 80 -62.23 1.73 -23.22
C LEU H 80 -61.84 0.55 -24.10
N LYS H 81 -62.02 0.68 -25.41
CA LYS H 81 -61.84 -0.45 -26.32
C LYS H 81 -60.47 -1.14 -26.28
N ALA H 82 -59.46 -0.53 -25.66
CA ALA H 82 -58.20 -1.24 -25.40
C ALA H 82 -57.83 -1.32 -23.91
N THR H 83 -58.78 -1.07 -23.01
CA THR H 83 -58.62 -1.36 -21.57
C THR H 83 -58.71 -2.88 -21.40
N ASP H 84 -58.04 -3.40 -20.38
CA ASP H 84 -58.13 -4.83 -20.04
C ASP H 84 -59.37 -5.09 -19.17
N ILE H 85 -59.85 -4.05 -18.50
CA ILE H 85 -60.97 -4.17 -17.59
C ILE H 85 -61.56 -2.80 -17.22
N VAL H 86 -62.88 -2.77 -17.10
CA VAL H 86 -63.62 -1.55 -16.75
C VAL H 86 -64.34 -1.72 -15.43
N ILE H 87 -64.31 -0.68 -14.60
CA ILE H 87 -64.98 -0.64 -13.32
C ILE H 87 -65.96 0.50 -13.30
N GLU H 88 -67.25 0.19 -13.41
CA GLU H 88 -68.25 1.25 -13.24
C GLU H 88 -68.20 1.77 -11.80
N ALA H 89 -68.39 3.07 -11.59
CA ALA H 89 -68.47 3.58 -10.22
C ALA H 89 -69.21 4.91 -10.17
N ALA H 90 -70.13 5.06 -11.09
CA ALA H 90 -70.87 6.30 -11.25
C ALA H 90 -71.93 6.53 -10.14
N THR H 91 -72.80 5.55 -9.89
CA THR H 91 -74.12 5.85 -9.26
C THR H 91 -74.80 4.65 -8.56
N GLU H 92 -75.67 4.94 -7.57
CA GLU H 92 -76.53 3.92 -6.90
C GLU H 92 -77.98 4.19 -7.20
N ASN H 93 -78.26 4.37 -8.49
CA ASN H 93 -79.59 4.36 -9.02
C ASN H 93 -79.55 3.26 -10.05
N TYR H 94 -80.48 2.33 -9.93
CA TYR H 94 -80.43 1.10 -10.70
C TYR H 94 -80.64 1.32 -12.21
N ASP H 95 -81.82 1.78 -12.61
CA ASP H 95 -82.17 1.92 -14.04
C ASP H 95 -81.02 2.53 -14.86
N LEU H 96 -80.45 3.60 -14.31
CA LEU H 96 -79.30 4.29 -14.90
C LEU H 96 -78.08 3.40 -14.91
N LYS H 97 -77.68 2.97 -13.72
CA LYS H 97 -76.55 2.09 -13.58
C LYS H 97 -76.54 1.04 -14.69
N VAL H 98 -77.73 0.58 -15.10
CA VAL H 98 -77.83 -0.41 -16.18
C VAL H 98 -77.55 0.18 -17.56
N LYS H 99 -77.92 1.44 -17.79
CA LYS H 99 -77.60 2.15 -19.05
C LYS H 99 -76.10 2.08 -19.34
N ILE H 100 -75.33 2.63 -18.39
CA ILE H 100 -73.87 2.67 -18.46
C ILE H 100 -73.25 1.34 -18.88
N LEU H 101 -73.82 0.25 -18.37
CA LEU H 101 -73.26 -1.06 -18.54
C LEU H 101 -73.56 -1.70 -19.91
N LYS H 102 -74.75 -1.43 -20.47
CA LYS H 102 -75.04 -1.87 -21.85
C LYS H 102 -74.11 -1.14 -22.85
N GLN H 103 -73.87 0.16 -22.61
CA GLN H 103 -72.93 0.97 -23.41
C GLN H 103 -71.59 0.28 -23.51
N ILE H 104 -71.06 0.01 -22.32
CA ILE H 104 -69.76 -0.60 -22.19
C ILE H 104 -69.76 -2.00 -22.78
N ASP H 105 -70.90 -2.68 -22.74
CA ASP H 105 -70.96 -4.08 -23.20
C ASP H 105 -70.67 -4.24 -24.70
N GLY H 106 -71.40 -3.52 -25.56
CA GLY H 106 -71.13 -3.58 -27.01
C GLY H 106 -69.74 -3.04 -27.38
N ILE H 107 -69.38 -1.94 -26.72
CA ILE H 107 -68.10 -1.22 -26.94
C ILE H 107 -66.82 -2.05 -26.76
N VAL H 108 -66.66 -2.66 -25.58
CA VAL H 108 -65.47 -3.42 -25.24
C VAL H 108 -65.66 -4.87 -25.73
N GLY H 109 -64.55 -5.60 -25.88
CA GLY H 109 -64.57 -6.98 -26.40
C GLY H 109 -64.91 -8.10 -25.43
N GLU H 110 -65.36 -9.22 -26.01
CA GLU H 110 -65.85 -10.37 -25.23
C GLU H 110 -64.99 -10.76 -24.01
N ASN H 111 -63.67 -10.80 -24.17
CA ASN H 111 -62.76 -11.27 -23.12
C ASN H 111 -62.71 -10.30 -21.95
N VAL H 112 -62.86 -9.02 -22.23
CA VAL H 112 -62.59 -7.99 -21.23
C VAL H 112 -63.60 -8.00 -20.06
N ILE H 113 -63.06 -8.07 -18.85
CA ILE H 113 -63.83 -8.13 -17.61
C ILE H 113 -64.56 -6.84 -17.36
N ILE H 114 -65.76 -6.92 -16.82
CA ILE H 114 -66.53 -5.75 -16.52
C ILE H 114 -66.92 -5.78 -15.06
N ALA H 115 -66.63 -4.70 -14.35
CA ALA H 115 -66.83 -4.68 -12.92
C ALA H 115 -67.76 -3.58 -12.53
N SER H 116 -68.11 -3.55 -11.26
CA SER H 116 -68.99 -2.50 -10.80
C SER H 116 -68.89 -2.34 -9.33
N ASN H 117 -68.80 -1.09 -8.93
CA ASN H 117 -68.81 -0.70 -7.54
C ASN H 117 -70.24 -0.39 -7.10
N THR H 118 -70.63 -0.93 -5.95
CA THR H 118 -71.98 -0.76 -5.45
C THR H 118 -72.05 -1.26 -4.02
N SER H 119 -72.87 -0.64 -3.21
CA SER H 119 -72.96 -0.99 -1.81
C SER H 119 -74.06 -2.02 -1.56
N SER H 120 -75.15 -1.91 -2.32
CA SER H 120 -76.35 -2.68 -2.04
C SER H 120 -77.06 -3.37 -3.25
N ILE H 121 -76.69 -3.08 -4.49
CA ILE H 121 -77.39 -3.65 -5.65
C ILE H 121 -76.94 -5.10 -5.99
N SER H 122 -77.87 -5.88 -6.53
CA SER H 122 -77.64 -7.29 -6.82
C SER H 122 -76.70 -7.52 -8.00
N ILE H 123 -75.49 -7.95 -7.71
CA ILE H 123 -74.47 -8.31 -8.71
C ILE H 123 -74.97 -9.32 -9.76
N THR H 124 -75.76 -10.29 -9.34
CA THR H 124 -76.42 -11.17 -10.31
C THR H 124 -77.36 -10.37 -11.26
N LYS H 125 -78.13 -9.41 -10.73
CA LYS H 125 -79.04 -8.66 -11.61
C LYS H 125 -78.24 -7.95 -12.70
N LEU H 126 -77.21 -7.23 -12.26
CA LEU H 126 -76.37 -6.42 -13.14
C LEU H 126 -75.61 -7.24 -14.17
N ALA H 127 -75.03 -8.36 -13.77
CA ALA H 127 -74.37 -9.20 -14.74
C ALA H 127 -75.35 -9.64 -15.82
N ALA H 128 -76.62 -9.83 -15.45
CA ALA H 128 -77.62 -10.30 -16.40
C ALA H 128 -77.93 -9.30 -17.53
N VAL H 129 -77.65 -8.03 -17.32
CA VAL H 129 -77.83 -7.02 -18.36
C VAL H 129 -76.64 -6.99 -19.37
N THR H 130 -75.59 -7.77 -19.14
CA THR H 130 -74.45 -7.83 -20.07
C THR H 130 -74.44 -9.13 -20.87
N SER H 131 -73.68 -9.12 -21.96
CA SER H 131 -73.63 -10.19 -22.96
C SER H 131 -72.85 -11.41 -22.48
N ARG H 132 -71.70 -11.17 -21.87
CA ARG H 132 -70.99 -12.22 -21.11
C ARG H 132 -71.09 -11.88 -19.60
N ALA H 133 -72.13 -12.43 -18.98
CA ALA H 133 -72.34 -12.31 -17.55
C ALA H 133 -71.12 -12.83 -16.83
N ASP H 134 -70.63 -14.00 -17.26
CA ASP H 134 -69.46 -14.67 -16.66
C ASP H 134 -68.17 -13.83 -16.60
N ARG H 135 -68.17 -12.68 -17.29
CA ARG H 135 -67.08 -11.73 -17.20
C ARG H 135 -67.51 -10.48 -16.42
N PHE H 136 -68.55 -10.61 -15.58
CA PHE H 136 -69.01 -9.52 -14.70
C PHE H 136 -68.68 -9.91 -13.27
N ILE H 137 -68.46 -8.89 -12.44
CA ILE H 137 -68.15 -9.10 -11.03
C ILE H 137 -68.29 -7.79 -10.26
N GLY H 138 -68.65 -7.89 -8.98
CA GLY H 138 -68.79 -6.74 -8.14
C GLY H 138 -67.46 -6.41 -7.52
N MET H 139 -67.27 -5.13 -7.30
CA MET H 139 -66.19 -4.62 -6.48
C MET H 139 -66.92 -3.72 -5.52
N HIS H 140 -66.44 -3.65 -4.28
CA HIS H 140 -66.95 -2.69 -3.32
C HIS H 140 -65.73 -2.21 -2.57
N PHE H 141 -65.27 -1.00 -2.89
CA PHE H 141 -64.16 -0.32 -2.21
C PHE H 141 -64.73 0.53 -1.09
N PHE H 142 -63.88 1.05 -0.22
CA PHE H 142 -64.34 1.80 0.93
C PHE H 142 -63.70 3.19 1.05
N ASN H 143 -64.48 4.16 1.48
CA ASN H 143 -64.04 5.55 1.60
C ASN H 143 -63.22 5.86 2.83
N PRO H 144 -62.07 6.53 2.62
CA PRO H 144 -61.52 6.93 1.34
C PRO H 144 -60.65 5.82 0.73
N VAL H 145 -60.93 5.48 -0.52
CA VAL H 145 -60.37 4.27 -1.11
C VAL H 145 -58.82 4.24 -1.16
N PRO H 146 -58.17 5.36 -1.52
CA PRO H 146 -56.72 5.24 -1.37
C PRO H 146 -56.30 4.72 0.02
N VAL H 147 -56.93 5.23 1.08
CA VAL H 147 -56.55 4.85 2.46
C VAL H 147 -57.05 3.44 2.82
N MET H 148 -58.31 3.13 2.52
CA MET H 148 -58.95 1.89 2.98
C MET H 148 -58.41 0.67 2.24
N ALA H 149 -58.05 -0.33 3.03
CA ALA H 149 -57.28 -1.48 2.54
C ALA H 149 -58.15 -2.63 2.00
N LEU H 150 -59.45 -2.58 2.28
CA LEU H 150 -60.35 -3.68 1.96
C LEU H 150 -60.99 -3.53 0.60
N VAL H 151 -61.29 -4.65 -0.04
CA VAL H 151 -62.23 -4.63 -1.16
C VAL H 151 -63.08 -5.88 -1.07
N GLU H 152 -64.40 -5.72 -1.10
CA GLU H 152 -65.30 -6.86 -1.22
C GLU H 152 -65.45 -7.21 -2.71
N LEU H 153 -65.17 -8.43 -3.06
CA LEU H 153 -65.47 -8.90 -4.40
C LEU H 153 -66.70 -9.73 -4.28
N ILE H 154 -67.64 -9.47 -5.15
CA ILE H 154 -68.90 -10.11 -5.05
C ILE H 154 -69.21 -10.86 -6.32
N ARG H 155 -69.24 -12.19 -6.22
CA ARG H 155 -69.56 -13.05 -7.35
C ARG H 155 -71.05 -13.25 -7.55
N GLY H 156 -71.51 -12.82 -8.71
CA GLY H 156 -72.86 -13.12 -9.13
C GLY H 156 -72.88 -14.60 -9.33
N LEU H 157 -74.08 -15.17 -9.40
CA LEU H 157 -74.19 -16.55 -9.82
C LEU H 157 -73.30 -16.81 -11.05
N GLN H 158 -73.31 -15.88 -12.00
CA GLN H 158 -72.73 -16.11 -13.33
C GLN H 158 -71.21 -15.95 -13.38
N THR H 159 -70.66 -15.17 -12.46
CA THR H 159 -69.22 -14.87 -12.45
C THR H 159 -68.41 -16.15 -12.56
N SER H 160 -67.49 -16.22 -13.52
CA SER H 160 -66.58 -17.40 -13.62
C SER H 160 -65.39 -17.31 -12.65
N ASP H 161 -64.73 -18.46 -12.44
CA ASP H 161 -63.54 -18.57 -11.59
C ASP H 161 -62.44 -17.64 -12.06
N THR H 162 -62.27 -17.57 -13.38
CA THR H 162 -61.14 -16.83 -13.97
C THR H 162 -61.30 -15.34 -13.78
N THR H 163 -62.50 -14.84 -14.08
CA THR H 163 -62.87 -13.45 -13.77
C THR H 163 -62.63 -13.09 -12.30
N HIS H 164 -63.05 -13.98 -11.41
CA HIS H 164 -62.84 -13.78 -9.98
C HIS H 164 -61.36 -13.69 -9.71
N ALA H 165 -60.64 -14.74 -10.14
CA ALA H 165 -59.18 -14.81 -9.97
C ALA H 165 -58.45 -13.56 -10.51
N ALA H 166 -58.83 -13.15 -11.71
CA ALA H 166 -58.19 -12.00 -12.35
C ALA H 166 -58.30 -10.75 -11.48
N VAL H 167 -59.51 -10.50 -11.01
CA VAL H 167 -59.78 -9.31 -10.20
C VAL H 167 -59.20 -9.48 -8.79
N GLU H 168 -59.26 -10.71 -8.25
CA GLU H 168 -58.67 -11.01 -6.95
C GLU H 168 -57.21 -10.55 -6.94
N ALA H 169 -56.47 -11.00 -7.96
CA ALA H 169 -55.04 -10.71 -8.05
C ALA H 169 -54.78 -9.26 -8.44
N LEU H 170 -55.70 -8.66 -9.20
CA LEU H 170 -55.62 -7.23 -9.48
C LEU H 170 -55.77 -6.41 -8.21
N SER H 171 -56.72 -6.81 -7.36
CA SER H 171 -56.97 -6.17 -6.07
C SER H 171 -55.74 -6.15 -5.18
N LYS H 172 -54.91 -7.19 -5.27
CA LYS H 172 -53.69 -7.25 -4.47
C LYS H 172 -52.64 -6.34 -5.06
N GLN H 173 -52.60 -6.25 -6.39
CA GLN H 173 -51.67 -5.35 -7.08
C GLN H 173 -51.83 -3.92 -6.61
N LEU H 174 -53.08 -3.48 -6.49
CA LEU H 174 -53.36 -2.18 -5.89
C LEU H 174 -52.90 -2.07 -4.43
N GLY H 175 -52.60 -3.20 -3.80
CA GLY H 175 -52.26 -3.22 -2.38
C GLY H 175 -53.49 -3.27 -1.50
N LYS H 176 -54.52 -3.98 -1.96
CA LYS H 176 -55.75 -4.18 -1.18
C LYS H 176 -55.82 -5.62 -0.69
N TYR H 177 -56.59 -5.82 0.37
CA TYR H 177 -56.94 -7.16 0.83
C TYR H 177 -58.33 -7.46 0.25
N PRO H 178 -58.42 -8.37 -0.74
CA PRO H 178 -59.75 -8.72 -1.24
C PRO H 178 -60.48 -9.68 -0.29
N ILE H 179 -61.80 -9.76 -0.45
CA ILE H 179 -62.66 -10.55 0.44
C ILE H 179 -63.64 -11.00 -0.57
N THR H 180 -63.97 -12.29 -0.58
CA THR H 180 -64.81 -12.84 -1.64
C THR H 180 -66.13 -13.27 -1.05
N VAL H 181 -67.23 -12.87 -1.71
CA VAL H 181 -68.57 -12.97 -1.14
C VAL H 181 -69.57 -13.33 -2.21
N LYS H 182 -70.45 -14.30 -1.94
CA LYS H 182 -71.54 -14.59 -2.87
C LYS H 182 -72.56 -13.48 -2.81
N ASN H 183 -73.00 -13.05 -3.97
CA ASN H 183 -73.97 -11.99 -4.05
C ASN H 183 -75.07 -12.26 -3.02
N SER H 184 -75.44 -11.24 -2.26
CA SER H 184 -76.44 -11.33 -1.20
C SER H 184 -76.68 -9.92 -0.73
N PRO H 185 -77.92 -9.58 -0.33
CA PRO H 185 -78.15 -8.21 0.15
C PRO H 185 -77.27 -7.80 1.31
N GLY H 186 -76.47 -6.75 1.06
CA GLY H 186 -75.53 -6.21 2.05
C GLY H 186 -74.16 -6.86 1.97
N PHE H 187 -74.08 -7.93 1.21
CA PHE H 187 -72.82 -8.66 1.02
C PHE H 187 -72.51 -8.77 2.52
N VAL H 188 -71.28 -8.52 2.93
CA VAL H 188 -70.82 -8.87 4.27
C VAL H 188 -70.82 -7.66 5.14
N VAL H 189 -70.04 -6.66 4.76
CA VAL H 189 -69.74 -5.60 5.68
C VAL H 189 -71.02 -4.91 6.11
N ASN H 190 -71.76 -4.39 5.13
CA ASN H 190 -72.99 -3.66 5.44
C ASN H 190 -74.09 -4.56 5.99
N ARG H 191 -74.20 -5.79 5.48
CA ARG H 191 -75.14 -6.75 6.05
C ARG H 191 -75.01 -6.89 7.58
N ILE H 192 -73.79 -6.84 8.09
CA ILE H 192 -73.53 -6.94 9.51
C ILE H 192 -73.59 -5.59 10.26
N LEU H 193 -73.02 -4.55 9.68
CA LEU H 193 -72.87 -3.28 10.35
C LEU H 193 -74.16 -2.48 10.51
N CYS H 194 -74.94 -2.48 9.44
CA CYS H 194 -76.05 -1.58 9.32
C CYS H 194 -77.18 -2.02 10.23
N PRO H 195 -77.51 -3.32 10.21
CA PRO H 195 -78.48 -3.67 11.23
C PRO H 195 -78.02 -3.39 12.65
N MET H 196 -76.71 -3.28 12.89
CA MET H 196 -76.27 -2.88 14.22
C MET H 196 -76.57 -1.44 14.49
N ILE H 197 -76.24 -0.59 13.52
CA ILE H 197 -76.56 0.84 13.62
C ILE H 197 -78.08 0.96 13.81
N ASN H 198 -78.84 0.23 13.03
CA ASN H 198 -80.27 0.30 13.13
C ASN H 198 -80.78 0.00 14.55
N GLU H 199 -80.15 -0.97 15.18
CA GLU H 199 -80.47 -1.35 16.56
C GLU H 199 -80.20 -0.19 17.54
N ALA H 200 -79.10 0.53 17.32
CA ALA H 200 -78.80 1.68 18.16
C ALA H 200 -79.92 2.68 18.05
N PHE H 201 -80.42 2.87 16.84
CA PHE H 201 -81.60 3.71 16.61
C PHE H 201 -82.85 3.22 17.30
N CYS H 202 -83.01 1.89 17.38
CA CYS H 202 -84.14 1.31 18.12
C CYS H 202 -84.05 1.57 19.60
N VAL H 203 -82.87 1.32 20.16
CA VAL H 203 -82.57 1.58 21.56
C VAL H 203 -82.81 3.02 21.94
N LEU H 204 -82.27 3.92 21.12
CA LEU H 204 -82.50 5.36 21.30
C LEU H 204 -83.96 5.70 21.17
N GLY H 205 -84.63 5.14 20.17
CA GLY H 205 -86.03 5.47 20.00
C GLY H 205 -86.87 5.01 21.18
N GLU H 206 -86.50 3.89 21.82
CA GLU H 206 -87.16 3.41 23.06
C GLU H 206 -86.74 4.15 24.37
N GLY H 207 -85.83 5.10 24.26
CA GLY H 207 -85.47 5.90 25.39
C GLY H 207 -84.65 5.16 26.43
N LEU H 208 -83.85 4.20 26.01
CA LEU H 208 -83.08 3.47 27.00
C LEU H 208 -81.97 4.30 27.61
N ALA H 209 -81.50 5.30 26.87
CA ALA H 209 -80.37 6.13 27.25
C ALA H 209 -80.21 7.24 26.22
N SER H 210 -79.29 8.15 26.50
CA SER H 210 -79.08 9.27 25.63
C SER H 210 -78.22 8.78 24.49
N PRO H 211 -78.22 9.51 23.36
CA PRO H 211 -77.38 9.17 22.21
C PRO H 211 -75.90 9.14 22.57
N GLU H 212 -75.51 10.12 23.38
CA GLU H 212 -74.14 10.24 23.87
C GLU H 212 -73.75 8.96 24.60
N GLU H 213 -74.63 8.53 25.51
CA GLU H 213 -74.41 7.33 26.30
C GLU H 213 -74.35 6.10 25.44
N ILE H 214 -75.25 5.97 24.47
CA ILE H 214 -75.18 4.82 23.53
C ILE H 214 -73.86 4.80 22.77
N ASP H 215 -73.42 5.95 22.27
CA ASP H 215 -72.16 6.00 21.53
C ASP H 215 -70.93 5.72 22.37
N GLU H 216 -70.86 6.29 23.59
CA GLU H 216 -69.76 5.98 24.51
C GLU H 216 -69.88 4.52 24.90
N GLY H 217 -71.12 4.09 25.03
CA GLY H 217 -71.38 2.70 25.28
C GLY H 217 -70.45 1.90 24.39
N MET H 218 -70.51 2.17 23.11
CA MET H 218 -69.84 1.29 22.17
C MET H 218 -68.35 1.50 22.09
N LYS H 219 -67.90 2.74 22.24
CA LYS H 219 -66.48 3.02 22.14
C LYS H 219 -65.76 2.39 23.35
N LEU H 220 -66.23 2.72 24.55
CA LEU H 220 -65.57 2.33 25.81
C LEU H 220 -65.92 0.92 26.28
N GLY H 221 -66.91 0.29 25.64
CA GLY H 221 -67.43 -1.00 26.05
C GLY H 221 -66.96 -2.09 25.13
N CYS H 222 -66.84 -1.77 23.84
CA CYS H 222 -66.42 -2.73 22.84
C CYS H 222 -65.24 -2.23 22.03
N ASN H 223 -64.71 -1.05 22.36
CA ASN H 223 -63.56 -0.47 21.66
C ASN H 223 -63.85 -0.23 20.21
N HIS H 224 -65.07 0.20 19.93
CA HIS H 224 -65.40 0.67 18.61
C HIS H 224 -64.76 2.05 18.42
N PRO H 225 -64.17 2.30 17.25
CA PRO H 225 -63.51 3.59 17.03
C PRO H 225 -64.48 4.76 17.05
N ILE H 226 -65.74 4.53 16.70
CA ILE H 226 -66.75 5.59 16.76
C ILE H 226 -68.14 5.03 17.04
N GLY H 227 -68.97 5.76 17.79
CA GLY H 227 -70.33 5.31 18.06
C GLY H 227 -71.20 5.09 16.80
N PRO H 228 -72.13 4.11 16.82
CA PRO H 228 -73.07 3.84 15.69
C PRO H 228 -73.91 5.02 15.25
N LEU H 229 -74.38 5.80 16.21
CA LEU H 229 -75.13 6.96 15.89
C LEU H 229 -74.34 8.05 15.16
N ALA H 230 -73.18 8.39 15.70
CA ALA H 230 -72.34 9.39 15.06
C ALA H 230 -71.95 8.93 13.65
N LEU H 231 -71.79 7.62 13.55
CA LEU H 231 -71.26 7.04 12.35
C LEU H 231 -72.43 7.14 11.40
N ALA H 232 -73.63 6.81 11.89
CA ALA H 232 -74.83 6.96 11.06
C ALA H 232 -74.89 8.39 10.52
N ASP H 233 -74.65 9.36 11.40
CA ASP H 233 -74.56 10.75 10.99
C ASP H 233 -73.51 11.02 9.91
N MET H 234 -72.44 10.22 9.80
CA MET H 234 -71.42 10.43 8.79
C MET H 234 -71.85 9.80 7.49
N ILE H 235 -72.33 8.57 7.56
CA ILE H 235 -72.73 7.85 6.38
C ILE H 235 -73.95 8.51 5.73
N GLY H 236 -74.77 9.17 6.56
CA GLY H 236 -76.00 9.82 6.15
C GLY H 236 -77.18 8.95 6.58
N LEU H 237 -78.16 9.52 7.26
CA LEU H 237 -79.32 8.72 7.67
C LEU H 237 -80.15 8.26 6.46
N ASP H 238 -80.27 9.07 5.43
CA ASP H 238 -81.05 8.64 4.24
C ASP H 238 -80.41 7.42 3.59
N THR H 239 -79.09 7.41 3.58
CA THR H 239 -78.31 6.28 3.10
C THR H 239 -78.53 5.05 3.97
N MET H 240 -78.49 5.28 5.30
CA MET H 240 -78.71 4.23 6.26
C MET H 240 -80.07 3.60 6.08
N LEU H 241 -81.08 4.45 6.08
CA LEU H 241 -82.48 3.97 5.91
C LEU H 241 -82.57 3.23 4.58
N ALA H 242 -82.02 3.84 3.54
CA ALA H 242 -82.06 3.20 2.22
C ALA H 242 -81.50 1.77 2.27
N VAL H 243 -80.34 1.53 2.88
CA VAL H 243 -79.79 0.14 3.00
C VAL H 243 -80.71 -0.78 3.82
N MET H 244 -81.25 -0.29 4.94
CA MET H 244 -82.20 -1.09 5.73
C MET H 244 -83.47 -1.53 4.97
N GLU H 245 -83.98 -0.67 4.08
CA GLU H 245 -85.13 -0.97 3.23
C GLU H 245 -84.75 -2.05 2.24
N VAL H 246 -83.52 -2.01 1.77
CA VAL H 246 -83.06 -3.02 0.82
C VAL H 246 -82.98 -4.36 1.51
N LEU H 247 -82.58 -4.37 2.77
CA LEU H 247 -82.50 -5.64 3.47
C LEU H 247 -83.88 -6.18 3.70
N TYR H 248 -84.76 -5.34 4.21
CA TYR H 248 -86.13 -5.76 4.48
C TYR H 248 -86.79 -6.33 3.22
N THR H 249 -86.68 -5.57 2.13
CA THR H 249 -87.31 -5.86 0.87
C THR H 249 -86.70 -7.08 0.19
N GLU H 250 -85.38 -7.19 0.20
CA GLU H 250 -84.74 -8.32 -0.45
C GLU H 250 -84.79 -9.63 0.34
N PHE H 251 -84.72 -9.60 1.69
CA PHE H 251 -84.90 -10.84 2.43
C PHE H 251 -86.38 -11.16 2.65
N ALA H 252 -87.21 -10.15 2.44
CA ALA H 252 -88.64 -10.22 2.77
C ALA H 252 -88.85 -10.64 4.21
N ASP H 253 -88.15 -10.00 5.13
CA ASP H 253 -88.06 -10.46 6.50
C ASP H 253 -88.11 -9.30 7.48
N PRO H 254 -89.17 -9.18 8.26
CA PRO H 254 -89.22 -8.00 9.15
C PRO H 254 -88.08 -7.85 10.12
N LYS H 255 -87.25 -8.85 10.28
CA LYS H 255 -86.09 -8.74 11.11
C LYS H 255 -85.32 -7.45 10.87
N TYR H 256 -85.18 -7.09 9.60
CA TYR H 256 -84.41 -5.90 9.13
C TYR H 256 -85.22 -4.62 8.99
N ARG H 257 -86.42 -4.56 9.52
CA ARG H 257 -87.19 -3.33 9.53
C ARG H 257 -86.54 -2.10 10.13
N PRO H 258 -86.50 -1.01 9.37
CA PRO H 258 -85.86 0.18 9.92
C PRO H 258 -86.48 0.66 11.20
N ALA H 259 -85.63 1.17 12.08
CA ALA H 259 -86.03 1.80 13.30
C ALA H 259 -87.00 2.90 13.00
N MET H 260 -88.12 2.99 13.74
CA MET H 260 -89.02 4.14 13.57
C MET H 260 -88.39 5.56 13.62
N LEU H 261 -87.33 5.73 14.40
CA LEU H 261 -86.83 7.08 14.69
C LEU H 261 -85.95 7.49 13.55
N MET H 262 -85.28 6.50 12.97
CA MET H 262 -84.51 6.75 11.77
C MET H 262 -85.43 7.26 10.67
N ARG H 263 -86.61 6.68 10.57
CA ARG H 263 -87.61 7.16 9.60
C ARG H 263 -88.04 8.59 9.84
N GLU H 264 -88.30 8.94 11.11
CA GLU H 264 -88.69 10.31 11.46
C GLU H 264 -87.61 11.34 11.11
N MET H 265 -86.34 10.96 11.34
CA MET H 265 -85.25 11.87 11.12
C MET H 265 -85.00 12.07 9.67
N VAL H 266 -85.08 11.01 8.87
CA VAL H 266 -85.04 11.19 7.43
C VAL H 266 -86.23 12.02 6.94
N ALA H 267 -87.42 11.77 7.47
CA ALA H 267 -88.58 12.51 7.00
C ALA H 267 -88.40 14.03 7.15
N ALA H 268 -87.57 14.42 8.11
CA ALA H 268 -87.42 15.82 8.48
C ALA H 268 -86.15 16.38 7.91
N GLY H 269 -85.46 15.61 7.09
CA GLY H 269 -84.21 16.08 6.47
C GLY H 269 -83.01 16.23 7.40
N TYR H 270 -83.11 15.74 8.64
CA TYR H 270 -81.94 15.66 9.50
C TYR H 270 -81.07 14.50 9.04
N LEU H 271 -80.29 14.68 7.98
CA LEU H 271 -79.63 13.54 7.37
C LEU H 271 -78.24 13.27 7.86
N GLY H 272 -77.75 14.04 8.82
CA GLY H 272 -76.36 13.87 9.25
C GLY H 272 -75.55 15.15 9.11
N ARG H 273 -74.24 14.96 8.99
CA ARG H 273 -73.29 16.04 8.75
C ARG H 273 -73.56 16.70 7.39
N LYS H 274 -73.95 15.91 6.41
CA LYS H 274 -74.37 16.39 5.10
C LYS H 274 -75.29 17.56 5.21
N THR H 275 -76.15 17.59 6.21
CA THR H 275 -77.06 18.73 6.33
C THR H 275 -76.88 19.51 7.60
N GLY H 276 -75.79 19.28 8.32
CA GLY H 276 -75.54 19.98 9.60
C GLY H 276 -76.37 19.48 10.75
N ARG H 277 -77.10 18.39 10.55
CA ARG H 277 -77.81 17.75 11.66
C ARG H 277 -78.41 16.36 11.38
N GLY H 278 -78.26 15.49 12.36
CA GLY H 278 -78.89 14.19 12.35
C GLY H 278 -79.30 13.86 13.77
N VAL H 279 -78.70 12.80 14.30
CA VAL H 279 -78.74 12.57 15.73
C VAL H 279 -78.13 13.75 16.54
N TYR H 280 -77.03 14.30 16.08
CA TYR H 280 -76.38 15.43 16.73
C TYR H 280 -76.48 16.65 15.81
N VAL H 281 -76.25 17.83 16.39
CA VAL H 281 -76.22 19.11 15.65
C VAL H 281 -74.76 19.47 15.38
N TYR H 282 -74.34 19.55 14.11
CA TYR H 282 -72.99 20.05 13.70
C TYR H 282 -73.08 21.51 13.27
N SER H 283 -71.97 22.25 13.24
CA SER H 283 -71.97 23.63 12.68
C SER H 283 -70.65 24.08 12.02
N LYS H 284 -70.71 24.85 10.91
CA LYS H 284 -71.90 25.07 10.06
C LYS H 284 -73.26 25.48 10.72
N SER I 2 -69.11 7.45 52.18
CA SER I 2 -70.25 7.28 51.23
C SER I 2 -70.32 5.80 50.81
N ILE I 3 -69.24 5.36 50.16
CA ILE I 3 -69.00 3.97 49.84
C ILE I 3 -67.49 3.77 49.89
N ARG I 4 -67.00 3.16 50.98
CA ARG I 4 -65.57 2.95 51.16
C ARG I 4 -65.22 1.46 51.10
N THR I 5 -66.23 0.57 51.15
CA THR I 5 -66.00 -0.88 51.18
C THR I 5 -66.97 -1.55 50.26
N VAL I 6 -66.45 -2.44 49.42
CA VAL I 6 -67.28 -3.13 48.47
C VAL I 6 -67.31 -4.64 48.74
N GLY I 7 -68.51 -5.18 48.81
CA GLY I 7 -68.67 -6.62 48.92
C GLY I 7 -68.78 -7.16 47.53
N ILE I 8 -68.25 -8.34 47.29
CA ILE I 8 -68.35 -8.97 46.00
C ILE I 8 -68.59 -10.46 46.16
N VAL I 9 -69.71 -10.94 45.63
CA VAL I 9 -69.99 -12.35 45.65
C VAL I 9 -69.56 -13.00 44.34
N GLY I 10 -68.60 -13.93 44.43
CA GLY I 10 -67.93 -14.51 43.23
C GLY I 10 -66.50 -14.04 43.06
N ALA I 11 -65.54 -14.96 43.02
CA ALA I 11 -64.13 -14.63 42.86
C ALA I 11 -63.52 -15.15 41.56
N GLY I 12 -64.36 -15.32 40.54
CA GLY I 12 -63.90 -15.60 39.20
C GLY I 12 -63.64 -14.38 38.35
N THR I 13 -63.51 -14.64 37.05
CA THR I 13 -63.08 -13.66 36.09
C THR I 13 -63.67 -12.30 36.40
N MET I 14 -64.99 -12.21 36.50
CA MET I 14 -65.66 -10.94 36.81
C MET I 14 -65.43 -10.45 38.25
N GLY I 15 -65.83 -11.27 39.19
CA GLY I 15 -65.69 -10.91 40.59
C GLY I 15 -64.30 -10.42 40.98
N ASN I 16 -63.23 -11.16 40.58
CA ASN I 16 -61.84 -10.64 40.90
C ASN I 16 -61.42 -9.50 40.00
N GLY I 17 -62.02 -9.43 38.81
CA GLY I 17 -61.92 -8.25 37.97
C GLY I 17 -62.42 -7.07 38.75
N ILE I 18 -63.61 -7.20 39.33
CA ILE I 18 -64.20 -6.06 40.02
C ILE I 18 -63.39 -5.73 41.24
N ALA I 19 -62.90 -6.76 41.90
CA ALA I 19 -62.07 -6.59 43.07
C ALA I 19 -60.84 -5.79 42.75
N GLN I 20 -60.12 -6.17 41.70
CA GLN I 20 -58.84 -5.50 41.36
C GLN I 20 -59.08 -4.02 41.14
N ALA I 21 -60.05 -3.74 40.31
CA ALA I 21 -60.39 -2.39 39.96
C ALA I 21 -60.74 -1.56 41.17
N CYS I 22 -61.44 -2.17 42.13
CA CYS I 22 -61.68 -1.50 43.43
C CYS I 22 -60.40 -1.31 44.20
N ALA I 23 -59.60 -2.36 44.27
CA ALA I 23 -58.44 -2.36 45.12
C ALA I 23 -57.46 -1.30 44.64
N VAL I 24 -57.19 -1.26 43.34
CA VAL I 24 -56.15 -0.34 42.81
C VAL I 24 -56.40 1.17 43.00
N VAL I 25 -57.60 1.57 43.40
CA VAL I 25 -57.89 3.00 43.65
C VAL I 25 -58.20 3.15 45.13
N GLY I 26 -57.82 2.15 45.93
CA GLY I 26 -57.83 2.28 47.38
C GLY I 26 -59.16 2.02 48.07
N LEU I 27 -60.12 1.45 47.36
CA LEU I 27 -61.32 0.91 47.99
C LEU I 27 -61.01 -0.44 48.67
N ASN I 28 -61.59 -0.63 49.86
CA ASN I 28 -61.64 -1.91 50.53
C ASN I 28 -62.66 -2.83 49.87
N VAL I 29 -62.26 -4.10 49.78
CA VAL I 29 -63.04 -5.13 49.14
C VAL I 29 -63.24 -6.29 50.10
N VAL I 30 -64.45 -6.83 50.15
CA VAL I 30 -64.65 -8.15 50.73
C VAL I 30 -65.19 -9.08 49.64
N MET I 31 -64.41 -10.10 49.35
CA MET I 31 -64.63 -10.93 48.19
C MET I 31 -64.93 -12.35 48.61
N VAL I 32 -66.21 -12.74 48.49
CA VAL I 32 -66.69 -14.03 48.96
C VAL I 32 -66.84 -15.04 47.79
N ASP I 33 -66.44 -16.29 48.02
CA ASP I 33 -66.76 -17.38 47.14
C ASP I 33 -67.17 -18.58 47.97
N ILE I 34 -67.20 -19.78 47.38
CA ILE I 34 -67.75 -21.01 48.04
C ILE I 34 -66.68 -21.91 48.65
N SER I 35 -65.41 -21.60 48.42
CA SER I 35 -64.33 -22.34 49.04
C SER I 35 -63.02 -21.56 49.07
N ASP I 36 -62.13 -21.95 50.00
CA ASP I 36 -60.77 -21.43 50.06
C ASP I 36 -60.04 -21.51 48.73
N ALA I 37 -60.12 -22.67 48.09
CA ALA I 37 -59.40 -22.89 46.86
C ALA I 37 -59.83 -21.84 45.83
N ALA I 38 -61.13 -21.53 45.84
CA ALA I 38 -61.77 -20.57 44.90
C ALA I 38 -61.44 -19.10 45.22
N VAL I 39 -61.44 -18.77 46.50
CA VAL I 39 -61.01 -17.46 46.96
C VAL I 39 -59.49 -17.29 46.68
N GLN I 40 -58.69 -18.28 47.04
CA GLN I 40 -57.26 -18.17 46.77
C GLN I 40 -56.96 -18.12 45.26
N LYS I 41 -57.78 -18.80 44.46
CA LYS I 41 -57.60 -18.81 43.01
C LYS I 41 -57.86 -17.41 42.44
N GLY I 42 -58.86 -16.72 43.02
CA GLY I 42 -59.25 -15.35 42.59
C GLY I 42 -58.24 -14.27 42.97
N VAL I 43 -57.76 -14.34 44.19
CA VAL I 43 -56.64 -13.50 44.68
C VAL I 43 -55.36 -13.76 43.90
N ALA I 44 -55.12 -15.01 43.51
CA ALA I 44 -53.90 -15.33 42.77
C ALA I 44 -53.96 -14.75 41.35
N THR I 45 -55.13 -14.73 40.73
CA THR I 45 -55.33 -14.12 39.41
C THR I 45 -55.08 -12.60 39.45
N VAL I 46 -55.53 -11.98 40.54
CA VAL I 46 -55.31 -10.56 40.82
C VAL I 46 -53.83 -10.32 41.03
N ALA I 47 -53.21 -11.09 41.92
CA ALA I 47 -51.75 -11.01 42.13
C ALA I 47 -51.00 -11.18 40.83
N SER I 48 -51.39 -12.18 40.07
CA SER I 48 -50.69 -12.53 38.83
C SER I 48 -50.85 -11.43 37.76
N SER I 49 -52.01 -10.78 37.74
CA SER I 49 -52.31 -9.70 36.80
C SER I 49 -51.56 -8.42 37.18
N LEU I 50 -51.42 -8.12 38.47
CA LEU I 50 -50.57 -7.02 38.90
C LEU I 50 -49.07 -7.31 38.55
N ASP I 51 -48.65 -8.57 38.57
CA ASP I 51 -47.29 -8.90 38.12
C ASP I 51 -46.97 -8.47 36.68
N ARG I 52 -47.85 -8.84 35.73
CA ARG I 52 -47.63 -8.50 34.33
C ARG I 52 -47.51 -6.98 34.13
N LEU I 53 -48.27 -6.22 34.90
CA LEU I 53 -48.21 -4.78 34.87
C LEU I 53 -46.83 -4.29 35.35
N ILE I 54 -46.30 -4.90 36.40
CA ILE I 54 -44.98 -4.54 36.92
C ILE I 54 -43.85 -4.94 35.96
N LYS I 55 -44.00 -6.10 35.33
CA LYS I 55 -43.13 -6.52 34.23
C LYS I 55 -43.12 -5.50 33.10
N LYS I 56 -44.29 -5.01 32.68
CA LYS I 56 -44.38 -3.99 31.62
C LYS I 56 -44.05 -2.57 32.16
N GLU I 57 -43.58 -2.52 33.42
CA GLU I 57 -43.07 -1.31 34.09
C GLU I 57 -44.13 -0.24 34.30
N LYS I 58 -45.39 -0.71 34.36
CA LYS I 58 -46.55 0.12 34.59
C LYS I 58 -46.99 0.25 36.06
N LEU I 59 -46.34 -0.47 36.98
CA LEU I 59 -46.70 -0.46 38.40
C LEU I 59 -45.52 -0.88 39.23
N THR I 60 -45.47 -0.36 40.45
CA THR I 60 -44.44 -0.75 41.41
C THR I 60 -44.91 -1.91 42.27
N GLU I 61 -43.98 -2.56 42.96
CA GLU I 61 -44.33 -3.58 43.93
C GLU I 61 -45.11 -2.94 45.07
N ALA I 62 -44.77 -1.71 45.43
CA ALA I 62 -45.54 -0.98 46.43
C ALA I 62 -47.03 -0.93 46.02
N ASP I 63 -47.28 -0.71 44.72
CA ASP I 63 -48.63 -0.63 44.17
C ASP I 63 -49.29 -1.99 44.31
N LYS I 64 -48.55 -3.03 43.94
CA LYS I 64 -49.06 -4.37 44.11
C LYS I 64 -49.39 -4.63 45.56
N ALA I 65 -48.54 -4.22 46.46
CA ALA I 65 -48.78 -4.59 47.84
C ALA I 65 -50.00 -3.83 48.33
N SER I 66 -50.07 -2.54 48.04
CA SER I 66 -51.20 -1.71 48.53
C SER I 66 -52.57 -2.20 48.07
N ALA I 67 -52.64 -2.76 46.86
CA ALA I 67 -53.86 -3.28 46.30
C ALA I 67 -54.22 -4.60 46.94
N LEU I 68 -53.28 -5.54 47.03
CA LEU I 68 -53.57 -6.81 47.71
C LEU I 68 -53.99 -6.59 49.16
N ALA I 69 -53.40 -5.64 49.85
CA ALA I 69 -53.80 -5.39 51.23
C ALA I 69 -55.23 -4.89 51.35
N ARG I 70 -55.86 -4.55 50.23
CA ARG I 70 -57.21 -4.02 50.22
C ARG I 70 -58.28 -5.11 50.11
N ILE I 71 -57.85 -6.29 49.68
CA ILE I 71 -58.75 -7.36 49.36
C ILE I 71 -58.81 -8.36 50.49
N LYS I 72 -59.97 -8.46 51.13
CA LYS I 72 -60.22 -9.46 52.15
C LYS I 72 -61.02 -10.62 51.55
N GLY I 73 -60.40 -11.78 51.42
CA GLY I 73 -61.06 -13.03 51.00
C GLY I 73 -61.81 -13.79 52.09
N SER I 74 -62.83 -14.54 51.69
CA SER I 74 -63.80 -15.03 52.63
C SER I 74 -64.72 -15.99 51.97
N THR I 75 -65.19 -16.93 52.77
CA THR I 75 -66.27 -17.81 52.38
C THR I 75 -67.47 -17.62 53.28
N SER I 76 -67.47 -16.57 54.10
CA SER I 76 -68.68 -16.24 54.87
C SER I 76 -69.45 -15.08 54.28
N TYR I 77 -70.68 -15.35 53.93
CA TYR I 77 -71.60 -14.26 53.66
C TYR I 77 -71.77 -13.29 54.82
N ASP I 78 -71.39 -13.63 56.06
CA ASP I 78 -71.51 -12.66 57.18
C ASP I 78 -70.50 -11.52 57.06
N ASP I 79 -69.38 -11.78 56.41
CA ASP I 79 -68.41 -10.73 56.12
C ASP I 79 -68.99 -9.58 55.26
N LEU I 80 -70.06 -9.81 54.51
CA LEU I 80 -70.70 -8.76 53.74
C LEU I 80 -71.40 -7.70 54.61
N LYS I 81 -71.82 -8.05 55.83
CA LYS I 81 -72.42 -7.05 56.74
C LYS I 81 -71.49 -5.86 56.98
N ALA I 82 -70.19 -6.05 56.83
CA ALA I 82 -69.26 -4.93 56.97
C ALA I 82 -68.93 -4.25 55.63
N THR I 83 -69.93 -4.08 54.76
CA THR I 83 -69.67 -3.39 53.51
C THR I 83 -70.81 -2.44 53.24
N ASP I 84 -70.57 -1.50 52.35
CA ASP I 84 -71.57 -0.51 51.94
C ASP I 84 -72.41 -0.91 50.74
N ILE I 85 -71.98 -1.94 50.04
CA ILE I 85 -72.68 -2.38 48.84
C ILE I 85 -72.16 -3.77 48.54
N VAL I 86 -73.07 -4.64 48.10
CA VAL I 86 -72.68 -5.97 47.69
C VAL I 86 -72.94 -6.09 46.20
N ILE I 87 -71.94 -6.62 45.51
CA ILE I 87 -72.03 -6.81 44.08
C ILE I 87 -72.03 -8.30 43.85
N GLU I 88 -73.18 -8.81 43.40
CA GLU I 88 -73.30 -10.19 42.98
C GLU I 88 -72.66 -10.40 41.63
N ALA I 89 -71.66 -11.27 41.57
CA ALA I 89 -70.91 -11.50 40.34
C ALA I 89 -70.46 -12.92 40.17
N ALA I 90 -71.42 -13.83 40.34
CA ALA I 90 -71.14 -15.24 40.52
C ALA I 90 -71.64 -16.13 39.39
N THR I 91 -72.87 -15.87 38.95
CA THR I 91 -73.54 -16.75 38.02
C THR I 91 -74.67 -16.11 37.21
N GLU I 92 -74.86 -16.63 35.98
CA GLU I 92 -75.96 -16.22 35.11
C GLU I 92 -77.05 -17.26 35.05
N ASN I 93 -76.84 -18.42 35.68
CA ASN I 93 -77.97 -19.30 36.02
C ASN I 93 -78.99 -18.53 36.87
N TYR I 94 -80.11 -18.14 36.26
CA TYR I 94 -81.16 -17.36 36.91
C TYR I 94 -81.51 -17.84 38.33
N ASP I 95 -81.84 -19.13 38.46
CA ASP I 95 -82.24 -19.78 39.72
C ASP I 95 -81.14 -19.70 40.81
N LEU I 96 -79.90 -20.05 40.48
CA LEU I 96 -78.86 -19.92 41.48
C LEU I 96 -78.65 -18.45 41.83
N LYS I 97 -78.79 -17.57 40.85
CA LYS I 97 -78.48 -16.15 41.03
C LYS I 97 -79.51 -15.54 42.00
N VAL I 98 -80.77 -15.88 41.78
CA VAL I 98 -81.82 -15.50 42.67
C VAL I 98 -81.56 -16.03 44.10
N LYS I 99 -81.17 -17.29 44.26
CA LYS I 99 -80.94 -17.81 45.61
C LYS I 99 -79.82 -17.02 46.32
N ILE I 100 -78.80 -16.62 45.56
CA ILE I 100 -77.74 -15.81 46.12
C ILE I 100 -78.21 -14.41 46.52
N LEU I 101 -79.03 -13.80 45.68
CA LEU I 101 -79.52 -12.45 45.98
C LEU I 101 -80.45 -12.45 47.22
N LYS I 102 -81.34 -13.40 47.28
CA LYS I 102 -82.16 -13.63 48.46
C LYS I 102 -81.30 -13.84 49.72
N GLN I 103 -80.27 -14.66 49.61
CA GLN I 103 -79.37 -14.88 50.73
C GLN I 103 -78.74 -13.57 51.21
N ILE I 104 -78.14 -12.82 50.29
CA ILE I 104 -77.57 -11.50 50.58
C ILE I 104 -78.61 -10.58 51.26
N ASP I 105 -79.79 -10.50 50.68
CA ASP I 105 -80.86 -9.71 51.22
C ASP I 105 -81.14 -10.13 52.68
N GLY I 106 -81.06 -11.43 52.98
CA GLY I 106 -81.17 -11.90 54.37
C GLY I 106 -80.17 -11.25 55.33
N ILE I 107 -78.88 -11.37 55.02
CA ILE I 107 -77.75 -11.01 55.91
C ILE I 107 -77.53 -9.51 56.15
N VAL I 108 -77.63 -8.67 55.12
CA VAL I 108 -77.07 -7.29 55.18
C VAL I 108 -78.09 -6.36 55.72
N GLY I 109 -77.65 -5.15 56.10
CA GLY I 109 -78.56 -4.18 56.70
C GLY I 109 -79.49 -3.54 55.70
N GLU I 110 -80.53 -2.86 56.19
CA GLU I 110 -81.47 -2.08 55.35
C GLU I 110 -80.80 -1.01 54.47
N ASN I 111 -79.64 -0.48 54.89
CA ASN I 111 -78.87 0.55 54.15
C ASN I 111 -78.19 0.08 52.86
N VAL I 112 -77.77 -1.17 52.87
CA VAL I 112 -76.83 -1.64 51.88
C VAL I 112 -77.49 -1.91 50.55
N ILE I 113 -76.76 -1.59 49.51
CA ILE I 113 -77.30 -1.62 48.18
C ILE I 113 -76.91 -2.98 47.68
N ILE I 114 -77.84 -3.64 47.00
CA ILE I 114 -77.48 -4.86 46.31
C ILE I 114 -77.39 -4.58 44.82
N ALA I 115 -76.26 -4.97 44.21
CA ALA I 115 -76.10 -4.85 42.76
C ALA I 115 -75.74 -6.18 42.12
N SER I 116 -76.18 -6.37 40.89
CA SER I 116 -75.87 -7.57 40.15
C SER I 116 -75.21 -7.24 38.83
N ASN I 117 -74.08 -7.88 38.62
CA ASN I 117 -73.47 -7.84 37.33
C ASN I 117 -74.08 -8.98 36.52
N THR I 118 -74.64 -8.61 35.39
CA THR I 118 -75.33 -9.56 34.55
C THR I 118 -75.24 -9.07 33.15
N SER I 119 -75.17 -9.98 32.22
CA SER I 119 -74.94 -9.61 30.89
C SER I 119 -76.32 -9.44 30.15
N SER I 120 -77.43 -9.88 30.76
CA SER I 120 -78.76 -9.66 30.13
C SER I 120 -80.06 -9.79 30.97
N ILE I 121 -80.02 -10.47 32.14
CA ILE I 121 -81.23 -10.73 32.97
C ILE I 121 -81.99 -9.45 33.43
N SER I 122 -83.32 -9.50 33.49
CA SER I 122 -84.16 -8.36 33.95
C SER I 122 -83.78 -7.90 35.36
N ILE I 123 -83.40 -6.63 35.47
CA ILE I 123 -83.04 -6.03 36.74
C ILE I 123 -84.27 -5.77 37.58
N THR I 124 -85.36 -5.36 36.93
CA THR I 124 -86.64 -5.20 37.60
C THR I 124 -87.06 -6.56 38.20
N LYS I 125 -86.95 -7.65 37.43
CA LYS I 125 -87.36 -8.95 37.91
C LYS I 125 -86.47 -9.36 39.11
N LEU I 126 -85.14 -9.16 38.97
CA LEU I 126 -84.18 -9.52 40.04
C LEU I 126 -84.42 -8.68 41.27
N ALA I 127 -84.64 -7.39 41.08
CA ALA I 127 -84.96 -6.47 42.16
C ALA I 127 -86.13 -6.97 43.01
N ALA I 128 -87.14 -7.54 42.35
CA ALA I 128 -88.40 -7.92 43.00
C ALA I 128 -88.28 -9.13 43.93
N VAL I 129 -87.22 -9.91 43.75
CA VAL I 129 -87.00 -11.07 44.58
C VAL I 129 -86.31 -10.70 45.92
N THR I 130 -85.98 -9.43 46.15
CA THR I 130 -85.39 -8.95 47.40
C THR I 130 -86.45 -8.14 48.14
N SER I 131 -86.14 -7.80 49.39
CA SER I 131 -87.06 -7.03 50.25
C SER I 131 -86.84 -5.55 50.00
N ARG I 132 -85.98 -5.21 49.05
CA ARG I 132 -85.44 -3.87 48.93
C ARG I 132 -85.32 -3.39 47.47
N ALA I 133 -86.39 -3.49 46.69
CA ALA I 133 -86.29 -3.33 45.25
C ALA I 133 -85.66 -1.98 44.90
N ASP I 134 -86.07 -0.94 45.65
CA ASP I 134 -85.44 0.41 45.55
C ASP I 134 -83.92 0.46 45.87
N ARG I 135 -83.39 -0.48 46.65
CA ARG I 135 -81.94 -0.49 46.90
C ARG I 135 -81.26 -1.56 46.02
N PHE I 136 -81.94 -1.92 44.93
CA PHE I 136 -81.39 -2.83 43.96
C PHE I 136 -81.09 -2.12 42.63
N ILE I 137 -79.94 -2.47 42.05
CA ILE I 137 -79.50 -1.92 40.75
C ILE I 137 -78.55 -2.88 40.02
N GLY I 138 -78.54 -2.80 38.69
CA GLY I 138 -77.65 -3.60 37.85
C GLY I 138 -76.36 -2.83 37.57
N MET I 139 -75.22 -3.50 37.78
CA MET I 139 -73.91 -2.88 37.60
C MET I 139 -73.11 -3.83 36.70
N HIS I 140 -73.32 -3.67 35.40
CA HIS I 140 -72.73 -4.50 34.40
C HIS I 140 -71.38 -3.94 34.06
N PHE I 141 -70.34 -4.70 34.36
CA PHE I 141 -68.94 -4.37 34.04
C PHE I 141 -68.50 -5.22 32.84
N PHE I 142 -67.28 -5.01 32.33
CA PHE I 142 -66.84 -5.69 31.11
C PHE I 142 -65.48 -6.30 31.14
N ASN I 143 -65.46 -7.59 30.85
CA ASN I 143 -64.27 -8.37 30.54
C ASN I 143 -63.31 -7.65 29.61
N PRO I 144 -62.06 -7.39 30.03
CA PRO I 144 -61.42 -7.45 31.35
C PRO I 144 -61.64 -6.23 32.19
N VAL I 145 -62.22 -6.40 33.36
CA VAL I 145 -62.66 -5.27 34.17
C VAL I 145 -61.61 -4.22 34.47
N PRO I 146 -60.38 -4.60 34.89
CA PRO I 146 -59.37 -3.57 35.20
C PRO I 146 -59.08 -2.64 34.04
N VAL I 147 -59.22 -3.15 32.82
CA VAL I 147 -58.91 -2.40 31.63
C VAL I 147 -60.12 -1.62 31.12
N MET I 148 -61.28 -2.28 31.04
CA MET I 148 -62.46 -1.68 30.35
C MET I 148 -63.19 -0.58 31.15
N ALA I 149 -63.30 0.60 30.55
CA ALA I 149 -63.72 1.80 31.29
C ALA I 149 -65.21 1.97 31.56
N LEU I 150 -66.05 1.20 30.88
CA LEU I 150 -67.46 1.38 30.92
C LEU I 150 -68.05 0.58 32.07
N VAL I 151 -69.07 1.17 32.68
CA VAL I 151 -69.95 0.47 33.60
C VAL I 151 -71.38 0.81 33.13
N GLU I 152 -72.18 -0.24 32.90
CA GLU I 152 -73.60 -0.06 32.63
C GLU I 152 -74.46 -0.14 33.92
N LEU I 153 -74.87 1.01 34.41
CA LEU I 153 -75.83 1.08 35.50
C LEU I 153 -77.26 0.90 34.96
N ILE I 154 -77.96 -0.15 35.40
CA ILE I 154 -79.27 -0.45 34.88
C ILE I 154 -80.31 -0.23 35.95
N ARG I 155 -81.17 0.73 35.76
CA ARG I 155 -82.30 0.94 36.67
C ARG I 155 -83.47 0.04 36.35
N GLY I 156 -83.81 -0.85 37.28
CA GLY I 156 -85.16 -1.38 37.35
C GLY I 156 -86.14 -0.24 37.63
N LEU I 157 -87.42 -0.50 37.46
CA LEU I 157 -88.48 0.48 37.78
C LEU I 157 -88.52 0.85 39.26
N GLN I 158 -88.05 -0.03 40.13
CA GLN I 158 -88.09 0.16 41.57
C GLN I 158 -86.91 0.98 42.05
N THR I 159 -85.77 0.93 41.36
CA THR I 159 -84.53 1.63 41.76
C THR I 159 -84.68 3.12 42.06
N SER I 160 -84.27 3.57 43.23
CA SER I 160 -84.49 5.00 43.60
C SER I 160 -83.42 5.85 42.97
N ASP I 161 -83.62 7.17 42.93
CA ASP I 161 -82.55 8.08 42.51
C ASP I 161 -81.32 7.99 43.44
N THR I 162 -81.54 7.82 44.75
CA THR I 162 -80.43 7.74 45.71
C THR I 162 -79.52 6.56 45.48
N THR I 163 -80.12 5.40 45.18
CA THR I 163 -79.36 4.21 44.90
C THR I 163 -78.56 4.44 43.66
N HIS I 164 -79.23 4.99 42.66
CA HIS I 164 -78.58 5.30 41.40
C HIS I 164 -77.39 6.27 41.59
N ALA I 165 -77.58 7.25 42.44
CA ALA I 165 -76.58 8.27 42.64
C ALA I 165 -75.35 7.67 43.28
N ALA I 166 -75.61 6.76 44.21
CA ALA I 166 -74.53 6.22 45.00
C ALA I 166 -73.64 5.42 44.13
N VAL I 167 -74.27 4.69 43.23
CA VAL I 167 -73.56 3.70 42.40
C VAL I 167 -72.89 4.41 41.20
N GLU I 168 -73.53 5.47 40.75
CA GLU I 168 -72.84 6.38 39.84
C GLU I 168 -71.55 6.94 40.46
N ALA I 169 -71.61 7.44 41.69
CA ALA I 169 -70.42 7.94 42.42
C ALA I 169 -69.32 6.86 42.54
N LEU I 170 -69.72 5.64 42.88
CA LEU I 170 -68.76 4.56 43.00
C LEU I 170 -68.12 4.23 41.66
N SER I 171 -68.87 4.37 40.56
CA SER I 171 -68.32 4.07 39.24
C SER I 171 -67.20 5.05 38.90
N LYS I 172 -67.40 6.31 39.29
CA LYS I 172 -66.37 7.33 39.06
C LYS I 172 -65.14 7.13 39.98
N GLN I 173 -65.39 6.90 41.27
CA GLN I 173 -64.34 6.48 42.19
C GLN I 173 -63.42 5.47 41.50
N LEU I 174 -63.98 4.50 40.79
CA LEU I 174 -63.15 3.51 40.11
C LEU I 174 -62.48 4.03 38.85
N GLY I 175 -62.85 5.25 38.44
CA GLY I 175 -62.29 5.82 37.21
C GLY I 175 -62.94 5.14 36.01
N LYS I 176 -64.24 4.88 36.13
CA LYS I 176 -64.98 4.28 35.07
C LYS I 176 -66.02 5.29 34.62
N TYR I 177 -66.37 5.22 33.35
CA TYR I 177 -67.43 6.05 32.77
C TYR I 177 -68.75 5.31 32.98
N PRO I 178 -69.61 5.83 33.84
CA PRO I 178 -70.94 5.22 34.04
C PRO I 178 -71.96 5.61 32.98
N ILE I 179 -72.74 4.64 32.55
CA ILE I 179 -73.76 4.85 31.54
C ILE I 179 -75.07 4.44 32.22
N THR I 180 -76.10 5.26 32.16
CA THR I 180 -77.39 4.90 32.82
C THR I 180 -78.50 4.41 31.88
N VAL I 181 -78.84 3.14 32.05
CA VAL I 181 -79.80 2.45 31.20
C VAL I 181 -81.13 2.12 31.90
N LYS I 182 -82.26 2.51 31.30
CA LYS I 182 -83.59 1.96 31.61
C LYS I 182 -83.66 0.46 31.24
N ASN I 183 -84.07 -0.37 32.20
CA ASN I 183 -83.96 -1.81 32.10
C ASN I 183 -84.71 -2.40 30.93
N SER I 184 -84.10 -3.40 30.31
CA SER I 184 -84.58 -3.90 29.07
C SER I 184 -83.60 -5.00 28.66
N PRO I 185 -84.09 -5.96 27.82
CA PRO I 185 -83.29 -7.13 27.48
C PRO I 185 -82.04 -6.77 26.74
N GLY I 186 -80.91 -7.19 27.31
CA GLY I 186 -79.59 -6.82 26.81
C GLY I 186 -79.14 -5.43 27.13
N PHE I 187 -79.98 -4.66 27.80
CA PHE I 187 -79.68 -3.25 28.12
C PHE I 187 -79.25 -2.45 26.85
N VAL I 188 -78.06 -1.87 26.83
CA VAL I 188 -77.58 -1.12 25.67
C VAL I 188 -76.50 -1.84 24.89
N VAL I 189 -75.43 -2.25 25.55
CA VAL I 189 -74.26 -2.72 24.84
C VAL I 189 -74.51 -4.05 24.13
N ASN I 190 -74.80 -5.09 24.90
CA ASN I 190 -75.07 -6.40 24.32
C ASN I 190 -76.28 -6.37 23.41
N ARG I 191 -77.27 -5.53 23.74
CA ARG I 191 -78.48 -5.39 22.89
C ARG I 191 -78.10 -5.05 21.45
N ILE I 192 -77.17 -4.10 21.29
CA ILE I 192 -76.64 -3.70 19.98
C ILE I 192 -75.62 -4.74 19.44
N LEU I 193 -74.72 -5.22 20.29
CA LEU I 193 -73.54 -5.95 19.84
C LEU I 193 -73.78 -7.43 19.60
N CYS I 194 -74.51 -8.04 20.52
CA CYS I 194 -74.77 -9.45 20.37
C CYS I 194 -75.47 -9.79 19.07
N PRO I 195 -76.54 -9.05 18.71
CA PRO I 195 -77.17 -9.41 17.44
C PRO I 195 -76.25 -9.19 16.26
N MET I 196 -75.39 -8.17 16.36
CA MET I 196 -74.38 -8.06 15.33
C MET I 196 -73.55 -9.36 15.23
N ILE I 197 -73.08 -9.89 16.36
CA ILE I 197 -72.27 -11.11 16.33
C ILE I 197 -73.12 -12.24 15.79
N ASN I 198 -74.37 -12.28 16.23
CA ASN I 198 -75.34 -13.26 15.67
C ASN I 198 -75.44 -13.21 14.11
N GLU I 199 -75.39 -12.00 13.57
CA GLU I 199 -75.54 -11.82 12.15
C GLU I 199 -74.32 -12.35 11.41
N ALA I 200 -73.12 -12.21 12.03
CA ALA I 200 -71.90 -12.76 11.42
C ALA I 200 -72.00 -14.25 11.31
N PHE I 201 -72.66 -14.86 12.29
CA PHE I 201 -72.89 -16.28 12.22
C PHE I 201 -73.92 -16.63 11.17
N CYS I 202 -74.91 -15.76 10.93
CA CYS I 202 -75.96 -16.06 9.95
C CYS I 202 -75.25 -16.05 8.60
N VAL I 203 -74.47 -14.99 8.38
CA VAL I 203 -73.67 -14.89 7.18
C VAL I 203 -72.85 -16.16 6.93
N LEU I 204 -72.25 -16.68 7.99
CA LEU I 204 -71.27 -17.76 7.90
C LEU I 204 -71.96 -19.04 7.63
N GLY I 205 -73.01 -19.26 8.41
CA GLY I 205 -73.91 -20.40 8.19
C GLY I 205 -74.55 -20.35 6.79
N GLU I 206 -74.72 -19.16 6.22
CA GLU I 206 -75.21 -19.03 4.86
C GLU I 206 -74.16 -19.29 3.75
N GLY I 207 -72.92 -19.61 4.14
CA GLY I 207 -71.84 -19.86 3.18
C GLY I 207 -71.45 -18.67 2.29
N LEU I 208 -71.70 -17.44 2.74
CA LEU I 208 -71.42 -16.28 1.90
C LEU I 208 -69.93 -15.99 1.81
N ALA I 209 -69.19 -16.31 2.86
CA ALA I 209 -67.73 -16.10 2.86
C ALA I 209 -67.09 -16.95 3.95
N SER I 210 -65.77 -17.07 3.95
CA SER I 210 -65.06 -17.76 5.05
C SER I 210 -65.01 -16.92 6.36
N PRO I 211 -64.78 -17.56 7.52
CA PRO I 211 -64.69 -16.79 8.78
C PRO I 211 -63.62 -15.71 8.80
N GLU I 212 -62.48 -16.02 8.21
CA GLU I 212 -61.35 -15.09 8.16
C GLU I 212 -61.78 -13.87 7.35
N GLU I 213 -62.40 -14.16 6.22
CA GLU I 213 -62.96 -13.11 5.39
C GLU I 213 -64.05 -12.29 6.11
N ILE I 214 -64.93 -12.93 6.88
CA ILE I 214 -65.92 -12.18 7.66
C ILE I 214 -65.28 -11.25 8.69
N ASP I 215 -64.29 -11.75 9.44
CA ASP I 215 -63.57 -10.95 10.42
C ASP I 215 -62.72 -9.82 9.80
N GLU I 216 -61.96 -10.10 8.74
CA GLU I 216 -61.14 -9.08 8.08
C GLU I 216 -62.00 -7.95 7.55
N GLY I 217 -63.09 -8.30 6.87
CA GLY I 217 -64.13 -7.32 6.53
C GLY I 217 -64.52 -6.32 7.62
N MET I 218 -64.77 -6.83 8.81
CA MET I 218 -65.19 -5.98 9.90
C MET I 218 -64.08 -5.13 10.46
N LYS I 219 -62.86 -5.69 10.48
CA LYS I 219 -61.69 -4.97 10.96
C LYS I 219 -61.29 -3.85 10.01
N LEU I 220 -61.03 -4.24 8.75
CA LEU I 220 -60.56 -3.31 7.74
C LEU I 220 -61.71 -2.42 7.35
N GLY I 221 -62.87 -3.02 7.12
CA GLY I 221 -64.02 -2.25 6.70
C GLY I 221 -64.54 -1.26 7.71
N CYS I 222 -64.60 -1.60 8.99
CA CYS I 222 -65.22 -0.68 9.95
C CYS I 222 -64.29 -0.36 11.05
N ASN I 223 -63.03 -0.77 10.86
CA ASN I 223 -61.98 -0.52 11.82
C ASN I 223 -62.38 -1.03 13.18
N HIS I 224 -62.95 -2.23 13.20
CA HIS I 224 -63.26 -2.91 14.43
C HIS I 224 -61.95 -3.49 14.97
N PRO I 225 -61.70 -3.33 16.28
CA PRO I 225 -60.45 -3.83 16.87
C PRO I 225 -60.31 -5.32 16.71
N ILE I 226 -61.44 -6.05 16.58
CA ILE I 226 -61.44 -7.51 16.38
C ILE I 226 -62.72 -7.95 15.66
N GLY I 227 -62.62 -8.95 14.78
CA GLY I 227 -63.76 -9.46 14.04
C GLY I 227 -64.76 -10.22 14.89
N PRO I 228 -66.06 -10.15 14.52
CA PRO I 228 -67.14 -10.65 15.36
C PRO I 228 -67.06 -12.13 15.75
N LEU I 229 -66.65 -12.98 14.84
CA LEU I 229 -66.50 -14.41 15.12
C LEU I 229 -65.36 -14.62 16.11
N ALA I 230 -64.20 -14.07 15.86
CA ALA I 230 -63.12 -14.09 16.83
C ALA I 230 -63.63 -13.55 18.19
N LEU I 231 -64.40 -12.48 18.16
CA LEU I 231 -64.88 -11.94 19.40
C LEU I 231 -65.81 -12.98 20.09
N ALA I 232 -66.62 -13.69 19.33
CA ALA I 232 -67.51 -14.68 19.95
C ALA I 232 -66.73 -15.76 20.68
N ASP I 233 -65.75 -16.34 19.99
CA ASP I 233 -64.85 -17.33 20.60
C ASP I 233 -64.21 -16.80 21.91
N MET I 234 -63.93 -15.50 21.99
CA MET I 234 -63.43 -14.87 23.23
C MET I 234 -64.47 -14.67 24.34
N ILE I 235 -65.68 -14.25 23.99
CA ILE I 235 -66.74 -14.09 24.97
C ILE I 235 -67.28 -15.46 25.38
N GLY I 236 -67.21 -16.42 24.45
CA GLY I 236 -67.76 -17.76 24.63
C GLY I 236 -69.12 -17.91 23.93
N LEU I 237 -69.24 -18.95 23.11
CA LEU I 237 -70.44 -19.18 22.31
C LEU I 237 -71.64 -19.57 23.16
N ASP I 238 -71.41 -20.37 24.20
CA ASP I 238 -72.44 -20.65 25.22
C ASP I 238 -73.00 -19.34 25.74
N THR I 239 -72.14 -18.39 26.00
CA THR I 239 -72.58 -17.13 26.58
C THR I 239 -73.33 -16.27 25.56
N MET I 240 -72.97 -16.43 24.28
CA MET I 240 -73.54 -15.60 23.22
C MET I 240 -74.95 -16.08 22.95
N LEU I 241 -75.07 -17.39 22.82
CA LEU I 241 -76.34 -18.09 22.73
C LEU I 241 -77.30 -17.71 23.85
N ALA I 242 -76.82 -17.67 25.07
CA ALA I 242 -77.70 -17.34 26.19
C ALA I 242 -78.24 -15.90 26.08
N VAL I 243 -77.42 -14.99 25.59
CA VAL I 243 -77.91 -13.62 25.40
C VAL I 243 -78.98 -13.57 24.30
N MET I 244 -78.69 -14.21 23.18
CA MET I 244 -79.63 -14.26 22.09
C MET I 244 -80.93 -14.87 22.60
N GLU I 245 -80.82 -15.95 23.38
CA GLU I 245 -82.01 -16.63 23.85
C GLU I 245 -82.85 -15.70 24.70
N VAL I 246 -82.19 -14.85 25.49
CA VAL I 246 -82.90 -13.95 26.37
C VAL I 246 -83.62 -12.90 25.55
N LEU I 247 -82.94 -12.35 24.56
CA LEU I 247 -83.57 -11.36 23.73
C LEU I 247 -84.84 -11.92 23.05
N TYR I 248 -84.72 -13.14 22.53
CA TYR I 248 -85.78 -13.80 21.78
C TYR I 248 -87.00 -14.02 22.68
N THR I 249 -86.74 -14.62 23.81
CA THR I 249 -87.76 -14.97 24.79
C THR I 249 -88.38 -13.78 25.46
N GLU I 250 -87.59 -12.77 25.82
CA GLU I 250 -88.11 -11.59 26.49
C GLU I 250 -88.85 -10.66 25.57
N PHE I 251 -88.24 -10.32 24.43
CA PHE I 251 -88.96 -9.58 23.41
C PHE I 251 -90.06 -10.46 22.75
N ALA I 252 -89.89 -11.78 22.73
CA ALA I 252 -90.89 -12.62 22.11
C ALA I 252 -90.94 -12.36 20.58
N ASP I 253 -89.77 -12.26 19.99
CA ASP I 253 -89.64 -11.76 18.68
C ASP I 253 -88.54 -12.48 17.91
N PRO I 254 -88.93 -13.29 16.88
CA PRO I 254 -87.98 -14.03 16.00
C PRO I 254 -86.94 -13.16 15.32
N LYS I 255 -87.09 -11.85 15.33
CA LYS I 255 -85.98 -11.00 14.93
C LYS I 255 -84.63 -11.36 15.60
N TYR I 256 -84.70 -11.64 16.90
CA TYR I 256 -83.55 -11.99 17.71
C TYR I 256 -83.30 -13.47 17.79
N ARG I 257 -83.95 -14.24 16.91
CA ARG I 257 -83.74 -15.70 16.86
C ARG I 257 -82.24 -16.02 16.67
N PRO I 258 -81.70 -16.97 17.41
CA PRO I 258 -80.28 -17.32 17.16
C PRO I 258 -79.98 -18.00 15.86
N ALA I 259 -78.77 -17.77 15.36
CA ALA I 259 -78.25 -18.45 14.18
C ALA I 259 -78.05 -19.90 14.44
N MET I 260 -78.42 -20.68 13.46
CA MET I 260 -78.43 -22.09 13.64
C MET I 260 -77.01 -22.62 13.84
N LEU I 261 -76.06 -22.02 13.14
CA LEU I 261 -74.69 -22.45 13.28
C LEU I 261 -74.14 -22.23 14.71
N MET I 262 -74.61 -21.18 15.38
CA MET I 262 -74.17 -20.93 16.74
C MET I 262 -74.78 -22.00 17.65
N ARG I 263 -76.05 -22.36 17.43
CA ARG I 263 -76.64 -23.43 18.26
C ARG I 263 -75.88 -24.76 18.09
N GLU I 264 -75.46 -25.05 16.86
CA GLU I 264 -74.71 -26.28 16.53
C GLU I 264 -73.40 -26.38 17.27
N MET I 265 -72.68 -25.28 17.32
CA MET I 265 -71.35 -25.33 17.90
C MET I 265 -71.45 -25.47 19.38
N VAL I 266 -72.44 -24.84 19.99
CA VAL I 266 -72.63 -24.95 21.42
C VAL I 266 -73.01 -26.38 21.81
N ALA I 267 -73.82 -27.00 20.97
CA ALA I 267 -74.20 -28.38 21.18
C ALA I 267 -73.00 -29.36 21.02
N ALA I 268 -72.00 -28.96 20.26
CA ALA I 268 -70.86 -29.77 20.09
C ALA I 268 -69.86 -29.55 21.28
N GLY I 269 -70.14 -28.62 22.18
CA GLY I 269 -69.14 -28.17 23.14
C GLY I 269 -68.05 -27.23 22.62
N TYR I 270 -68.14 -26.85 21.36
CA TYR I 270 -67.18 -25.96 20.79
C TYR I 270 -67.54 -24.58 21.26
N LEU I 271 -67.14 -24.23 22.48
CA LEU I 271 -67.58 -22.98 23.13
C LEU I 271 -66.64 -21.78 22.96
N GLY I 272 -65.67 -21.88 22.06
CA GLY I 272 -64.68 -20.82 21.91
C GLY I 272 -63.33 -21.15 22.54
N ARG I 273 -62.66 -20.14 23.08
CA ARG I 273 -61.30 -20.32 23.62
C ARG I 273 -61.31 -21.26 24.80
N LYS I 274 -62.10 -20.92 25.81
CA LYS I 274 -62.26 -21.75 27.02
C LYS I 274 -62.35 -23.26 26.82
N THR I 275 -62.69 -23.76 25.62
CA THR I 275 -62.63 -25.20 25.31
C THR I 275 -61.63 -25.49 24.19
N GLY I 276 -60.88 -24.47 23.81
CA GLY I 276 -59.99 -24.57 22.67
C GLY I 276 -60.68 -24.81 21.34
N ARG I 277 -61.97 -24.47 21.23
CA ARG I 277 -62.62 -24.58 19.94
C ARG I 277 -63.93 -23.83 19.91
N GLY I 278 -64.02 -22.89 18.99
CA GLY I 278 -65.31 -22.30 18.62
C GLY I 278 -65.38 -22.26 17.10
N VAL I 279 -65.17 -21.06 16.57
CA VAL I 279 -65.21 -20.87 15.15
C VAL I 279 -63.85 -21.28 14.65
N TYR I 280 -62.82 -20.86 15.36
CA TYR I 280 -61.45 -21.30 15.08
C TYR I 280 -60.95 -22.24 16.16
N VAL I 281 -59.85 -22.92 15.87
CA VAL I 281 -59.20 -23.83 16.81
C VAL I 281 -58.19 -23.07 17.65
N TYR I 282 -58.03 -23.47 18.90
CA TYR I 282 -57.05 -22.83 19.76
C TYR I 282 -56.17 -23.92 20.37
N SER I 283 -55.13 -23.53 21.08
CA SER I 283 -54.19 -24.49 21.65
C SER I 283 -54.94 -25.56 22.49
N LYS I 284 -54.38 -26.78 22.51
CA LYS I 284 -54.97 -28.02 23.10
C LYS I 284 -55.56 -28.86 21.98
#